data_7CV0
# 
_entry.id   7CV0 
# 
_audit_conform.dict_name       mmcif_pdbx.dic 
_audit_conform.dict_version    5.380 
_audit_conform.dict_location   http://mmcif.pdb.org/dictionaries/ascii/mmcif_pdbx.dic 
# 
loop_
_database_2.database_id 
_database_2.database_code 
_database_2.pdbx_database_accession 
_database_2.pdbx_DOI 
PDB   7CV0         pdb_00007cv0 10.2210/pdb7cv0/pdb 
WWPDB D_1300018036 ?            ?                   
# 
_pdbx_database_status.status_code                     REL 
_pdbx_database_status.status_code_sf                  REL 
_pdbx_database_status.status_code_mr                  ? 
_pdbx_database_status.entry_id                        7CV0 
_pdbx_database_status.recvd_initial_deposition_date   2020-08-25 
_pdbx_database_status.SG_entry                        N 
_pdbx_database_status.deposit_site                    PDBJ 
_pdbx_database_status.process_site                    PDBJ 
_pdbx_database_status.status_code_cs                  ? 
_pdbx_database_status.status_code_nmr_data            ? 
_pdbx_database_status.methods_development_category    ? 
_pdbx_database_status.pdb_format_compatible           Y 
# 
loop_
_audit_author.name 
_audit_author.pdbx_ordinal 
_audit_author.identifier_ORCID 
'Lee, J.Y.'   1 0000-0003-1136-5817 
'Lee, D.W.'   2 0000-0002-2568-6307 
'Park, Y.W.'  3 0000-0003-2396-9140 
'Lee, M.Y.'   4 0000-0001-5658-0938 
'Jeong, K.H.' 5 0000-0003-0030-8286 
# 
_citation.abstract                  ? 
_citation.abstract_id_CAS           ? 
_citation.book_id_ISBN              ? 
_citation.book_publisher            ? 
_citation.book_publisher_city       ? 
_citation.book_title                ? 
_citation.coordinate_linkage        ? 
_citation.country                   UK 
_citation.database_id_Medline       ? 
_citation.details                   ? 
_citation.id                        primary 
_citation.journal_abbrev            'Sci Rep' 
_citation.journal_id_ASTM           ? 
_citation.journal_id_CSD            ? 
_citation.journal_id_ISSN           2045-2322 
_citation.journal_full              ? 
_citation.journal_issue             ? 
_citation.journal_volume            10 
_citation.language                  ? 
_citation.page_first                21039 
_citation.page_last                 21039 
_citation.title                     
'Structural analysis and insight into effector binding of the niacin-responsive repressor NiaR from Bacillus halodurans.' 
_citation.year                      2020 
_citation.database_id_CSD           ? 
_citation.pdbx_database_id_DOI      10.1038/s41598-020-78148-x 
_citation.pdbx_database_id_PubMed   33273654 
_citation.unpublished_flag          ? 
# 
loop_
_citation_author.citation_id 
_citation_author.name 
_citation_author.ordinal 
_citation_author.identifier_ORCID 
primary 'Lee, D.W.'   1 ? 
primary 'Park, Y.W.'  2 ? 
primary 'Lee, M.Y.'   3 ? 
primary 'Jeong, K.H.' 4 ? 
primary 'Lee, J.Y.'   5 ? 
# 
_cell.angle_alpha                  90.00 
_cell.angle_alpha_esd              ? 
_cell.angle_beta                   90.00 
_cell.angle_beta_esd               ? 
_cell.angle_gamma                  90.00 
_cell.angle_gamma_esd              ? 
_cell.entry_id                     7CV0 
_cell.details                      ? 
_cell.formula_units_Z              ? 
_cell.length_a                     42.365 
_cell.length_a_esd                 ? 
_cell.length_b                     42.365 
_cell.length_b_esd                 ? 
_cell.length_c                     176.203 
_cell.length_c_esd                 ? 
_cell.volume                       ? 
_cell.volume_esd                   ? 
_cell.Z_PDB                        8 
_cell.reciprocal_angle_alpha       ? 
_cell.reciprocal_angle_beta        ? 
_cell.reciprocal_angle_gamma       ? 
_cell.reciprocal_angle_alpha_esd   ? 
_cell.reciprocal_angle_beta_esd    ? 
_cell.reciprocal_angle_gamma_esd   ? 
_cell.reciprocal_length_a          ? 
_cell.reciprocal_length_b          ? 
_cell.reciprocal_length_c          ? 
_cell.reciprocal_length_a_esd      ? 
_cell.reciprocal_length_b_esd      ? 
_cell.reciprocal_length_c_esd      ? 
_cell.pdbx_unique_axis             ? 
# 
_symmetry.entry_id                         7CV0 
_symmetry.cell_setting                     ? 
_symmetry.Int_Tables_number                96 
_symmetry.space_group_name_Hall            ? 
_symmetry.space_group_name_H-M             'P 43 21 2' 
_symmetry.pdbx_full_space_group_name_H-M   ? 
# 
loop_
_entity.id 
_entity.type 
_entity.src_method 
_entity.pdbx_description 
_entity.formula_weight 
_entity.pdbx_number_of_molecules 
_entity.pdbx_ec 
_entity.pdbx_mutation 
_entity.pdbx_fragment 
_entity.details 
1 polymer     man 'Transcriptional regulator NiaR' 19920.979 1   ? ? ? ? 
2 non-polymer syn 'ZINC ION'                       65.409    1   ? ? ? ? 
3 water       nat water                            18.015    129 ? ? ? ? 
# 
_entity_poly.entity_id                      1 
_entity_poly.type                           'polypeptide(L)' 
_entity_poly.nstd_linkage                   no 
_entity_poly.nstd_monomer                   no 
_entity_poly.pdbx_seq_one_letter_code       
;MSDEKKILGEERRSLLIKWLKASDTPLTGAELAKRTNVSRQVIVQDVSLLKAKNHPILATAQGYIYMKEANTVQAQRVVA
CQHGPADMKDELLTLVDHGVLIKDVTVDHPVYGDITASLHLKSRKDVALFCKRMEESNGTLLSTLTKGVHMHTLEAESEA
ILDEAIRALEEKGYLLNSF
;
_entity_poly.pdbx_seq_one_letter_code_can   
;MSDEKKILGEERRSLLIKWLKASDTPLTGAELAKRTNVSRQVIVQDVSLLKAKNHPILATAQGYIYMKEANTVQAQRVVA
CQHGPADMKDELLTLVDHGVLIKDVTVDHPVYGDITASLHLKSRKDVALFCKRMEESNGTLLSTLTKGVHMHTLEAESEA
ILDEAIRALEEKGYLLNSF
;
_entity_poly.pdbx_strand_id                 A 
_entity_poly.pdbx_target_identifier         ? 
# 
loop_
_entity_poly_seq.entity_id 
_entity_poly_seq.num 
_entity_poly_seq.mon_id 
_entity_poly_seq.hetero 
1 1   MET n 
1 2   SER n 
1 3   ASP n 
1 4   GLU n 
1 5   LYS n 
1 6   LYS n 
1 7   ILE n 
1 8   LEU n 
1 9   GLY n 
1 10  GLU n 
1 11  GLU n 
1 12  ARG n 
1 13  ARG n 
1 14  SER n 
1 15  LEU n 
1 16  LEU n 
1 17  ILE n 
1 18  LYS n 
1 19  TRP n 
1 20  LEU n 
1 21  LYS n 
1 22  ALA n 
1 23  SER n 
1 24  ASP n 
1 25  THR n 
1 26  PRO n 
1 27  LEU n 
1 28  THR n 
1 29  GLY n 
1 30  ALA n 
1 31  GLU n 
1 32  LEU n 
1 33  ALA n 
1 34  LYS n 
1 35  ARG n 
1 36  THR n 
1 37  ASN n 
1 38  VAL n 
1 39  SER n 
1 40  ARG n 
1 41  GLN n 
1 42  VAL n 
1 43  ILE n 
1 44  VAL n 
1 45  GLN n 
1 46  ASP n 
1 47  VAL n 
1 48  SER n 
1 49  LEU n 
1 50  LEU n 
1 51  LYS n 
1 52  ALA n 
1 53  LYS n 
1 54  ASN n 
1 55  HIS n 
1 56  PRO n 
1 57  ILE n 
1 58  LEU n 
1 59  ALA n 
1 60  THR n 
1 61  ALA n 
1 62  GLN n 
1 63  GLY n 
1 64  TYR n 
1 65  ILE n 
1 66  TYR n 
1 67  MET n 
1 68  LYS n 
1 69  GLU n 
1 70  ALA n 
1 71  ASN n 
1 72  THR n 
1 73  VAL n 
1 74  GLN n 
1 75  ALA n 
1 76  GLN n 
1 77  ARG n 
1 78  VAL n 
1 79  VAL n 
1 80  ALA n 
1 81  CYS n 
1 82  GLN n 
1 83  HIS n 
1 84  GLY n 
1 85  PRO n 
1 86  ALA n 
1 87  ASP n 
1 88  MET n 
1 89  LYS n 
1 90  ASP n 
1 91  GLU n 
1 92  LEU n 
1 93  LEU n 
1 94  THR n 
1 95  LEU n 
1 96  VAL n 
1 97  ASP n 
1 98  HIS n 
1 99  GLY n 
1 100 VAL n 
1 101 LEU n 
1 102 ILE n 
1 103 LYS n 
1 104 ASP n 
1 105 VAL n 
1 106 THR n 
1 107 VAL n 
1 108 ASP n 
1 109 HIS n 
1 110 PRO n 
1 111 VAL n 
1 112 TYR n 
1 113 GLY n 
1 114 ASP n 
1 115 ILE n 
1 116 THR n 
1 117 ALA n 
1 118 SER n 
1 119 LEU n 
1 120 HIS n 
1 121 LEU n 
1 122 LYS n 
1 123 SER n 
1 124 ARG n 
1 125 LYS n 
1 126 ASP n 
1 127 VAL n 
1 128 ALA n 
1 129 LEU n 
1 130 PHE n 
1 131 CYS n 
1 132 LYS n 
1 133 ARG n 
1 134 MET n 
1 135 GLU n 
1 136 GLU n 
1 137 SER n 
1 138 ASN n 
1 139 GLY n 
1 140 THR n 
1 141 LEU n 
1 142 LEU n 
1 143 SER n 
1 144 THR n 
1 145 LEU n 
1 146 THR n 
1 147 LYS n 
1 148 GLY n 
1 149 VAL n 
1 150 HIS n 
1 151 MET n 
1 152 HIS n 
1 153 THR n 
1 154 LEU n 
1 155 GLU n 
1 156 ALA n 
1 157 GLU n 
1 158 SER n 
1 159 GLU n 
1 160 ALA n 
1 161 ILE n 
1 162 LEU n 
1 163 ASP n 
1 164 GLU n 
1 165 ALA n 
1 166 ILE n 
1 167 ARG n 
1 168 ALA n 
1 169 LEU n 
1 170 GLU n 
1 171 GLU n 
1 172 LYS n 
1 173 GLY n 
1 174 TYR n 
1 175 LEU n 
1 176 LEU n 
1 177 ASN n 
1 178 SER n 
1 179 PHE n 
# 
_entity_src_gen.entity_id                          1 
_entity_src_gen.pdbx_src_id                        1 
_entity_src_gen.pdbx_alt_source_flag               sample 
_entity_src_gen.pdbx_seq_type                      'Biological sequence' 
_entity_src_gen.pdbx_beg_seq_num                   1 
_entity_src_gen.pdbx_end_seq_num                   179 
_entity_src_gen.gene_src_common_name               ? 
_entity_src_gen.gene_src_genus                     ? 
_entity_src_gen.pdbx_gene_src_gene                 BH1216 
_entity_src_gen.gene_src_species                   ? 
_entity_src_gen.gene_src_strain                    ? 
_entity_src_gen.gene_src_tissue                    ? 
_entity_src_gen.gene_src_tissue_fraction           ? 
_entity_src_gen.gene_src_details                   ? 
_entity_src_gen.pdbx_gene_src_fragment             ? 
_entity_src_gen.pdbx_gene_src_scientific_name      
'Bacillus halodurans (strain ATCC BAA-125 / DSM 18197 / FERM 7344 / JCM 9153 / C-125)' 
_entity_src_gen.pdbx_gene_src_ncbi_taxonomy_id     272558 
_entity_src_gen.pdbx_gene_src_variant              ? 
_entity_src_gen.pdbx_gene_src_cell_line            ? 
_entity_src_gen.pdbx_gene_src_atcc                 ? 
_entity_src_gen.pdbx_gene_src_organ                ? 
_entity_src_gen.pdbx_gene_src_organelle            ? 
_entity_src_gen.pdbx_gene_src_cell                 ? 
_entity_src_gen.pdbx_gene_src_cellular_location    ? 
_entity_src_gen.host_org_common_name               ? 
_entity_src_gen.pdbx_host_org_scientific_name      'Escherichia coli' 
_entity_src_gen.pdbx_host_org_ncbi_taxonomy_id     562 
_entity_src_gen.host_org_genus                     ? 
_entity_src_gen.pdbx_host_org_gene                 ? 
_entity_src_gen.pdbx_host_org_organ                ? 
_entity_src_gen.host_org_species                   ? 
_entity_src_gen.pdbx_host_org_tissue               ? 
_entity_src_gen.pdbx_host_org_tissue_fraction      ? 
_entity_src_gen.pdbx_host_org_strain               ? 
_entity_src_gen.pdbx_host_org_variant              ? 
_entity_src_gen.pdbx_host_org_cell_line            ? 
_entity_src_gen.pdbx_host_org_atcc                 ? 
_entity_src_gen.pdbx_host_org_culture_collection   ? 
_entity_src_gen.pdbx_host_org_cell                 ? 
_entity_src_gen.pdbx_host_org_organelle            ? 
_entity_src_gen.pdbx_host_org_cellular_location    ? 
_entity_src_gen.pdbx_host_org_vector_type          ? 
_entity_src_gen.pdbx_host_org_vector               ? 
_entity_src_gen.host_org_details                   ? 
_entity_src_gen.expression_system_id               ? 
_entity_src_gen.plasmid_name                       ? 
_entity_src_gen.plasmid_details                    ? 
_entity_src_gen.pdbx_description                   ? 
# 
_struct_ref.id                         1 
_struct_ref.db_name                    UNP 
_struct_ref.db_code                    Q9KDJ7_BACHD 
_struct_ref.pdbx_db_accession          Q9KDJ7 
_struct_ref.pdbx_db_isoform            ? 
_struct_ref.entity_id                  1 
_struct_ref.pdbx_seq_one_letter_code   
;MSDEKKILGEERRSLLIKWLKASDTPLTGAELAKRTNVSRQVIVQDVSLLKAKNHPILATAQGYIYMKEANTVQAQRVVA
CQHGPADMKDELLTLVDHGVLIKDVTVDHPVYGDITASLHLKSRKDVALFCKRMEESNGTLLSTLTKGVHMHTLEAESEA
ILDEAIRALEEKGYLLNSF
;
_struct_ref.pdbx_align_begin           1 
# 
_struct_ref_seq.align_id                      1 
_struct_ref_seq.ref_id                        1 
_struct_ref_seq.pdbx_PDB_id_code              7CV0 
_struct_ref_seq.pdbx_strand_id                A 
_struct_ref_seq.seq_align_beg                 1 
_struct_ref_seq.pdbx_seq_align_beg_ins_code   ? 
_struct_ref_seq.seq_align_end                 179 
_struct_ref_seq.pdbx_seq_align_end_ins_code   ? 
_struct_ref_seq.pdbx_db_accession             Q9KDJ7 
_struct_ref_seq.db_align_beg                  1 
_struct_ref_seq.pdbx_db_align_beg_ins_code    ? 
_struct_ref_seq.db_align_end                  179 
_struct_ref_seq.pdbx_db_align_end_ins_code    ? 
_struct_ref_seq.pdbx_auth_seq_align_beg       1 
_struct_ref_seq.pdbx_auth_seq_align_end       179 
# 
loop_
_chem_comp.id 
_chem_comp.type 
_chem_comp.mon_nstd_flag 
_chem_comp.name 
_chem_comp.pdbx_synonyms 
_chem_comp.formula 
_chem_comp.formula_weight 
ALA 'L-peptide linking' y ALANINE         ? 'C3 H7 N O2'     89.093  
ARG 'L-peptide linking' y ARGININE        ? 'C6 H15 N4 O2 1' 175.209 
ASN 'L-peptide linking' y ASPARAGINE      ? 'C4 H8 N2 O3'    132.118 
ASP 'L-peptide linking' y 'ASPARTIC ACID' ? 'C4 H7 N O4'     133.103 
CYS 'L-peptide linking' y CYSTEINE        ? 'C3 H7 N O2 S'   121.158 
GLN 'L-peptide linking' y GLUTAMINE       ? 'C5 H10 N2 O3'   146.144 
GLU 'L-peptide linking' y 'GLUTAMIC ACID' ? 'C5 H9 N O4'     147.129 
GLY 'peptide linking'   y GLYCINE         ? 'C2 H5 N O2'     75.067  
HIS 'L-peptide linking' y HISTIDINE       ? 'C6 H10 N3 O2 1' 156.162 
HOH non-polymer         . WATER           ? 'H2 O'           18.015  
ILE 'L-peptide linking' y ISOLEUCINE      ? 'C6 H13 N O2'    131.173 
LEU 'L-peptide linking' y LEUCINE         ? 'C6 H13 N O2'    131.173 
LYS 'L-peptide linking' y LYSINE          ? 'C6 H15 N2 O2 1' 147.195 
MET 'L-peptide linking' y METHIONINE      ? 'C5 H11 N O2 S'  149.211 
PHE 'L-peptide linking' y PHENYLALANINE   ? 'C9 H11 N O2'    165.189 
PRO 'L-peptide linking' y PROLINE         ? 'C5 H9 N O2'     115.130 
SER 'L-peptide linking' y SERINE          ? 'C3 H7 N O3'     105.093 
THR 'L-peptide linking' y THREONINE       ? 'C4 H9 N O3'     119.119 
TRP 'L-peptide linking' y TRYPTOPHAN      ? 'C11 H12 N2 O2'  204.225 
TYR 'L-peptide linking' y TYROSINE        ? 'C9 H11 N O3'    181.189 
VAL 'L-peptide linking' y VALINE          ? 'C5 H11 N O2'    117.146 
ZN  non-polymer         . 'ZINC ION'      ? 'Zn 2'           65.409  
# 
_exptl.absorpt_coefficient_mu     ? 
_exptl.absorpt_correction_T_max   ? 
_exptl.absorpt_correction_T_min   ? 
_exptl.absorpt_correction_type    ? 
_exptl.absorpt_process_details    ? 
_exptl.entry_id                   7CV0 
_exptl.crystals_number            1 
_exptl.details                    ? 
_exptl.method                     'X-RAY DIFFRACTION' 
_exptl.method_details             ? 
# 
_exptl_crystal.colour                      ? 
_exptl_crystal.density_diffrn              ? 
_exptl_crystal.density_Matthews            1.99 
_exptl_crystal.density_method              ? 
_exptl_crystal.density_percent_sol         38.15 
_exptl_crystal.description                 ? 
_exptl_crystal.F_000                       ? 
_exptl_crystal.id                          1 
_exptl_crystal.preparation                 ? 
_exptl_crystal.size_max                    ? 
_exptl_crystal.size_mid                    ? 
_exptl_crystal.size_min                    ? 
_exptl_crystal.size_rad                    ? 
_exptl_crystal.colour_lustre               ? 
_exptl_crystal.colour_modifier             ? 
_exptl_crystal.colour_primary              ? 
_exptl_crystal.density_meas                ? 
_exptl_crystal.density_meas_esd            ? 
_exptl_crystal.density_meas_gt             ? 
_exptl_crystal.density_meas_lt             ? 
_exptl_crystal.density_meas_temp           ? 
_exptl_crystal.density_meas_temp_esd       ? 
_exptl_crystal.density_meas_temp_gt        ? 
_exptl_crystal.density_meas_temp_lt        ? 
_exptl_crystal.pdbx_crystal_image_url      ? 
_exptl_crystal.pdbx_crystal_image_format   ? 
_exptl_crystal.pdbx_mosaicity              ? 
_exptl_crystal.pdbx_mosaicity_esd          ? 
# 
_exptl_crystal_grow.apparatus       ? 
_exptl_crystal_grow.atmosphere      ? 
_exptl_crystal_grow.crystal_id      1 
_exptl_crystal_grow.details         ? 
_exptl_crystal_grow.method          'VAPOR DIFFUSION, SITTING DROP' 
_exptl_crystal_grow.method_ref      ? 
_exptl_crystal_grow.pH              ? 
_exptl_crystal_grow.pressure        ? 
_exptl_crystal_grow.pressure_esd    ? 
_exptl_crystal_grow.seeding         ? 
_exptl_crystal_grow.seeding_ref     ? 
_exptl_crystal_grow.temp            296 
_exptl_crystal_grow.temp_details    ? 
_exptl_crystal_grow.temp_esd        ? 
_exptl_crystal_grow.time            ? 
_exptl_crystal_grow.pdbx_details    'tacsimate, Bis-Tris pH 6.5, PEG 3350' 
_exptl_crystal_grow.pdbx_pH_range   ? 
# 
_diffrn.ambient_environment              ? 
_diffrn.ambient_temp                     100 
_diffrn.ambient_temp_details             ? 
_diffrn.ambient_temp_esd                 ? 
_diffrn.crystal_id                       1 
_diffrn.crystal_support                  ? 
_diffrn.crystal_treatment                ? 
_diffrn.details                          ? 
_diffrn.id                               1 
_diffrn.ambient_pressure                 ? 
_diffrn.ambient_pressure_esd             ? 
_diffrn.ambient_pressure_gt              ? 
_diffrn.ambient_pressure_lt              ? 
_diffrn.ambient_temp_gt                  ? 
_diffrn.ambient_temp_lt                  ? 
_diffrn.pdbx_serial_crystal_experiment   N 
# 
_diffrn_detector.details                      ? 
_diffrn_detector.detector                     PIXEL 
_diffrn_detector.diffrn_id                    1 
_diffrn_detector.type                         'DECTRIS PILATUS3 6M' 
_diffrn_detector.area_resol_mean              ? 
_diffrn_detector.dtime                        ? 
_diffrn_detector.pdbx_frames_total            ? 
_diffrn_detector.pdbx_collection_time_total   ? 
_diffrn_detector.pdbx_collection_date         2017-12-12 
_diffrn_detector.pdbx_frequency               ? 
# 
_diffrn_radiation.collimation                      ? 
_diffrn_radiation.diffrn_id                        1 
_diffrn_radiation.filter_edge                      ? 
_diffrn_radiation.inhomogeneity                    ? 
_diffrn_radiation.monochromator                    ? 
_diffrn_radiation.polarisn_norm                    ? 
_diffrn_radiation.polarisn_ratio                   ? 
_diffrn_radiation.probe                            ? 
_diffrn_radiation.type                             ? 
_diffrn_radiation.xray_symbol                      ? 
_diffrn_radiation.wavelength_id                    1 
_diffrn_radiation.pdbx_monochromatic_or_laue_m_l   M 
_diffrn_radiation.pdbx_wavelength_list             ? 
_diffrn_radiation.pdbx_wavelength                  ? 
_diffrn_radiation.pdbx_diffrn_protocol             'SINGLE WAVELENGTH' 
_diffrn_radiation.pdbx_analyzer                    ? 
_diffrn_radiation.pdbx_scattering_type             x-ray 
# 
_diffrn_radiation_wavelength.id           1 
_diffrn_radiation_wavelength.wavelength   0.97941 
_diffrn_radiation_wavelength.wt           1.0 
# 
_diffrn_source.current                     ? 
_diffrn_source.details                     ? 
_diffrn_source.diffrn_id                   1 
_diffrn_source.power                       ? 
_diffrn_source.size                        ? 
_diffrn_source.source                      SYNCHROTRON 
_diffrn_source.target                      ? 
_diffrn_source.type                        'PAL/PLS BEAMLINE 11C' 
_diffrn_source.voltage                     ? 
_diffrn_source.take-off_angle              ? 
_diffrn_source.pdbx_wavelength_list        0.97941 
_diffrn_source.pdbx_wavelength             ? 
_diffrn_source.pdbx_synchrotron_beamline   11C 
_diffrn_source.pdbx_synchrotron_site       PAL/PLS 
# 
_reflns.B_iso_Wilson_estimate            ? 
_reflns.entry_id                         7CV0 
_reflns.data_reduction_details           ? 
_reflns.data_reduction_method            ? 
_reflns.d_resolution_high                1.998 
_reflns.d_resolution_low                 50.0 
_reflns.details                          ? 
_reflns.limit_h_max                      ? 
_reflns.limit_h_min                      ? 
_reflns.limit_k_max                      ? 
_reflns.limit_k_min                      ? 
_reflns.limit_l_max                      ? 
_reflns.limit_l_min                      ? 
_reflns.number_all                       ? 
_reflns.number_obs                       11730 
_reflns.observed_criterion               ? 
_reflns.observed_criterion_F_max         ? 
_reflns.observed_criterion_F_min         ? 
_reflns.observed_criterion_I_max         ? 
_reflns.observed_criterion_I_min         ? 
_reflns.observed_criterion_sigma_F       ? 
_reflns.observed_criterion_sigma_I       ? 
_reflns.percent_possible_obs             100 
_reflns.R_free_details                   ? 
_reflns.Rmerge_F_all                     ? 
_reflns.Rmerge_F_obs                     ? 
_reflns.Friedel_coverage                 ? 
_reflns.number_gt                        ? 
_reflns.threshold_expression             ? 
_reflns.pdbx_redundancy                  13.1 
_reflns.pdbx_Rmerge_I_obs                0.111 
_reflns.pdbx_Rmerge_I_all                ? 
_reflns.pdbx_Rsym_value                  ? 
_reflns.pdbx_netI_over_av_sigmaI         ? 
_reflns.pdbx_netI_over_sigmaI            23.211 
_reflns.pdbx_res_netI_over_av_sigmaI_2   ? 
_reflns.pdbx_res_netI_over_sigmaI_2      ? 
_reflns.pdbx_chi_squared                 ? 
_reflns.pdbx_scaling_rejects             ? 
_reflns.pdbx_d_res_high_opt              ? 
_reflns.pdbx_d_res_low_opt               ? 
_reflns.pdbx_d_res_opt_method            ? 
_reflns.phase_calculation_details        ? 
_reflns.pdbx_Rrim_I_all                  ? 
_reflns.pdbx_Rpim_I_all                  ? 
_reflns.pdbx_d_opt                       ? 
_reflns.pdbx_number_measured_all         ? 
_reflns.pdbx_diffrn_id                   1 
_reflns.pdbx_ordinal                     1 
_reflns.pdbx_CC_half                     ? 
_reflns.pdbx_CC_star                     ? 
_reflns.pdbx_R_split                     ? 
# 
_reflns_shell.d_res_high                  2.0 
_reflns_shell.d_res_low                   2.03 
_reflns_shell.meanI_over_sigI_all         ? 
_reflns_shell.meanI_over_sigI_obs         9.6 
_reflns_shell.number_measured_all         ? 
_reflns_shell.number_measured_obs         ? 
_reflns_shell.number_possible             ? 
_reflns_shell.number_unique_all           ? 
_reflns_shell.number_unique_obs           552 
_reflns_shell.percent_possible_all        100 
_reflns_shell.percent_possible_obs        ? 
_reflns_shell.Rmerge_F_all                ? 
_reflns_shell.Rmerge_F_obs                ? 
_reflns_shell.Rmerge_I_all                ? 
_reflns_shell.Rmerge_I_obs                0.401 
_reflns_shell.meanI_over_sigI_gt          ? 
_reflns_shell.meanI_over_uI_all           ? 
_reflns_shell.meanI_over_uI_gt            ? 
_reflns_shell.number_measured_gt          ? 
_reflns_shell.number_unique_gt            ? 
_reflns_shell.percent_possible_gt         ? 
_reflns_shell.Rmerge_F_gt                 ? 
_reflns_shell.Rmerge_I_gt                 ? 
_reflns_shell.pdbx_redundancy             13.6 
_reflns_shell.pdbx_Rsym_value             ? 
_reflns_shell.pdbx_chi_squared            ? 
_reflns_shell.pdbx_netI_over_sigmaI_all   ? 
_reflns_shell.pdbx_netI_over_sigmaI_obs   ? 
_reflns_shell.pdbx_Rrim_I_all             ? 
_reflns_shell.pdbx_Rpim_I_all             ? 
_reflns_shell.pdbx_rejects                ? 
_reflns_shell.pdbx_ordinal                1 
_reflns_shell.pdbx_diffrn_id              1 
_reflns_shell.pdbx_CC_half                ? 
_reflns_shell.pdbx_CC_star                ? 
_reflns_shell.pdbx_R_split                ? 
# 
_refine.aniso_B[1][1]                            ? 
_refine.aniso_B[1][2]                            ? 
_refine.aniso_B[1][3]                            ? 
_refine.aniso_B[2][2]                            ? 
_refine.aniso_B[2][3]                            ? 
_refine.aniso_B[3][3]                            ? 
_refine.B_iso_max                                ? 
_refine.B_iso_mean                               ? 
_refine.B_iso_min                                ? 
_refine.correlation_coeff_Fo_to_Fc               ? 
_refine.correlation_coeff_Fo_to_Fc_free          ? 
_refine.details                                  ? 
_refine.diff_density_max                         ? 
_refine.diff_density_max_esd                     ? 
_refine.diff_density_min                         ? 
_refine.diff_density_min_esd                     ? 
_refine.diff_density_rms                         ? 
_refine.diff_density_rms_esd                     ? 
_refine.entry_id                                 7CV0 
_refine.pdbx_refine_id                           'X-RAY DIFFRACTION' 
_refine.ls_abs_structure_details                 ? 
_refine.ls_abs_structure_Flack                   ? 
_refine.ls_abs_structure_Flack_esd               ? 
_refine.ls_abs_structure_Rogers                  ? 
_refine.ls_abs_structure_Rogers_esd              ? 
_refine.ls_d_res_high                            1.998 
_refine.ls_d_res_low                             19.926 
_refine.ls_extinction_coef                       ? 
_refine.ls_extinction_coef_esd                   ? 
_refine.ls_extinction_expression                 ? 
_refine.ls_extinction_method                     ? 
_refine.ls_goodness_of_fit_all                   ? 
_refine.ls_goodness_of_fit_all_esd               ? 
_refine.ls_goodness_of_fit_obs                   ? 
_refine.ls_goodness_of_fit_obs_esd               ? 
_refine.ls_hydrogen_treatment                    ? 
_refine.ls_matrix_type                           ? 
_refine.ls_number_constraints                    ? 
_refine.ls_number_parameters                     ? 
_refine.ls_number_reflns_all                     ? 
_refine.ls_number_reflns_obs                     11641 
_refine.ls_number_reflns_R_free                  575 
_refine.ls_number_reflns_R_work                  ? 
_refine.ls_number_restraints                     ? 
_refine.ls_percent_reflns_obs                    99.78 
_refine.ls_percent_reflns_R_free                 4.94 
_refine.ls_R_factor_all                          ? 
_refine.ls_R_factor_obs                          0.2030 
_refine.ls_R_factor_R_free                       0.2278 
_refine.ls_R_factor_R_free_error                 ? 
_refine.ls_R_factor_R_free_error_details         ? 
_refine.ls_R_factor_R_work                       0.2018 
_refine.ls_R_Fsqd_factor_obs                     ? 
_refine.ls_R_I_factor_obs                        ? 
_refine.ls_redundancy_reflns_all                 ? 
_refine.ls_redundancy_reflns_obs                 ? 
_refine.ls_restrained_S_all                      ? 
_refine.ls_restrained_S_obs                      ? 
_refine.ls_shift_over_esd_max                    ? 
_refine.ls_shift_over_esd_mean                   ? 
_refine.ls_structure_factor_coef                 ? 
_refine.ls_weighting_details                     ? 
_refine.ls_weighting_scheme                      ? 
_refine.ls_wR_factor_all                         ? 
_refine.ls_wR_factor_obs                         ? 
_refine.ls_wR_factor_R_free                      ? 
_refine.ls_wR_factor_R_work                      ? 
_refine.occupancy_max                            ? 
_refine.occupancy_min                            ? 
_refine.solvent_model_details                    'FLAT BULK SOLVENT MODEL' 
_refine.solvent_model_param_bsol                 ? 
_refine.solvent_model_param_ksol                 ? 
_refine.pdbx_R_complete                          ? 
_refine.ls_R_factor_gt                           ? 
_refine.ls_goodness_of_fit_gt                    ? 
_refine.ls_goodness_of_fit_ref                   ? 
_refine.ls_shift_over_su_max                     ? 
_refine.ls_shift_over_su_max_lt                  ? 
_refine.ls_shift_over_su_mean                    ? 
_refine.ls_shift_over_su_mean_lt                 ? 
_refine.pdbx_ls_sigma_I                          ? 
_refine.pdbx_ls_sigma_F                          1.37 
_refine.pdbx_ls_sigma_Fsqd                       ? 
_refine.pdbx_data_cutoff_high_absF               ? 
_refine.pdbx_data_cutoff_high_rms_absF           ? 
_refine.pdbx_data_cutoff_low_absF                ? 
_refine.pdbx_isotropic_thermal_model             ? 
_refine.pdbx_ls_cross_valid_method               'FREE R-VALUE' 
_refine.pdbx_method_to_determine_struct          'MOLECULAR REPLACEMENT' 
_refine.pdbx_starting_model                      1J5Y 
_refine.pdbx_stereochemistry_target_values       ML 
_refine.pdbx_R_Free_selection_details            ? 
_refine.pdbx_stereochem_target_val_spec_case     ? 
_refine.pdbx_overall_ESU_R                       ? 
_refine.pdbx_overall_ESU_R_Free                  ? 
_refine.pdbx_solvent_vdw_probe_radii             1.11 
_refine.pdbx_solvent_ion_probe_radii             ? 
_refine.pdbx_solvent_shrinkage_radii             0.90 
_refine.pdbx_real_space_R                        ? 
_refine.pdbx_density_correlation                 ? 
_refine.pdbx_pd_number_of_powder_patterns        ? 
_refine.pdbx_pd_number_of_points                 ? 
_refine.pdbx_pd_meas_number_of_points            ? 
_refine.pdbx_pd_proc_ls_prof_R_factor            ? 
_refine.pdbx_pd_proc_ls_prof_wR_factor           ? 
_refine.pdbx_pd_Marquardt_correlation_coeff      ? 
_refine.pdbx_pd_Fsqrd_R_factor                   ? 
_refine.pdbx_pd_ls_matrix_band_width             ? 
_refine.pdbx_overall_phase_error                 23.82 
_refine.pdbx_overall_SU_R_free_Cruickshank_DPI   ? 
_refine.pdbx_overall_SU_R_free_Blow_DPI          ? 
_refine.pdbx_overall_SU_R_Blow_DPI               ? 
_refine.pdbx_TLS_residual_ADP_flag               ? 
_refine.pdbx_diffrn_id                           1 
_refine.overall_SU_B                             ? 
_refine.overall_SU_ML                            0.20 
_refine.overall_SU_R_Cruickshank_DPI             ? 
_refine.overall_SU_R_free                        ? 
_refine.overall_FOM_free_R_set                   ? 
_refine.overall_FOM_work_R_set                   ? 
_refine.pdbx_average_fsc_overall                 ? 
_refine.pdbx_average_fsc_work                    ? 
_refine.pdbx_average_fsc_free                    ? 
# 
_refine_hist.pdbx_refine_id                   'X-RAY DIFFRACTION' 
_refine_hist.cycle_id                         LAST 
_refine_hist.details                          ? 
_refine_hist.d_res_high                       1.998 
_refine_hist.d_res_low                        19.926 
_refine_hist.number_atoms_solvent             129 
_refine_hist.number_atoms_total               1474 
_refine_hist.number_reflns_all                ? 
_refine_hist.number_reflns_obs                ? 
_refine_hist.number_reflns_R_free             ? 
_refine_hist.number_reflns_R_work             ? 
_refine_hist.R_factor_all                     ? 
_refine_hist.R_factor_obs                     ? 
_refine_hist.R_factor_R_free                  ? 
_refine_hist.R_factor_R_work                  ? 
_refine_hist.pdbx_number_residues_total       ? 
_refine_hist.pdbx_B_iso_mean_ligand           ? 
_refine_hist.pdbx_B_iso_mean_solvent          ? 
_refine_hist.pdbx_number_atoms_protein        1344 
_refine_hist.pdbx_number_atoms_nucleic_acid   0 
_refine_hist.pdbx_number_atoms_ligand         1 
_refine_hist.pdbx_number_atoms_lipid          ? 
_refine_hist.pdbx_number_atoms_carb           ? 
_refine_hist.pdbx_pseudo_atom_details         ? 
# 
loop_
_refine_ls_restr.pdbx_refine_id 
_refine_ls_restr.criterion 
_refine_ls_restr.dev_ideal 
_refine_ls_restr.dev_ideal_target 
_refine_ls_restr.number 
_refine_ls_restr.rejects 
_refine_ls_restr.type 
_refine_ls_restr.weight 
_refine_ls_restr.pdbx_restraint_function 
'X-RAY DIFFRACTION' ? 0.003  ? 1374 ? f_bond_d           ? ? 
'X-RAY DIFFRACTION' ? 0.513  ? 1859 ? f_angle_d          ? ? 
'X-RAY DIFFRACTION' ? 16.494 ? 845  ? f_dihedral_angle_d ? ? 
'X-RAY DIFFRACTION' ? 0.041  ? 224  ? f_chiral_restr     ? ? 
'X-RAY DIFFRACTION' ? 0.003  ? 235  ? f_plane_restr      ? ? 
# 
loop_
_refine_ls_shell.pdbx_refine_id 
_refine_ls_shell.d_res_high 
_refine_ls_shell.d_res_low 
_refine_ls_shell.number_reflns_all 
_refine_ls_shell.number_reflns_obs 
_refine_ls_shell.number_reflns_R_free 
_refine_ls_shell.number_reflns_R_work 
_refine_ls_shell.percent_reflns_obs 
_refine_ls_shell.percent_reflns_R_free 
_refine_ls_shell.R_factor_all 
_refine_ls_shell.R_factor_obs 
_refine_ls_shell.R_factor_R_free 
_refine_ls_shell.R_factor_R_free_error 
_refine_ls_shell.R_factor_R_work 
_refine_ls_shell.redundancy_reflns_all 
_refine_ls_shell.redundancy_reflns_obs 
_refine_ls_shell.wR_factor_all 
_refine_ls_shell.wR_factor_obs 
_refine_ls_shell.wR_factor_R_free 
_refine_ls_shell.wR_factor_R_work 
_refine_ls_shell.pdbx_R_complete 
_refine_ls_shell.pdbx_total_number_of_bins_used 
_refine_ls_shell.pdbx_phase_error 
_refine_ls_shell.pdbx_fsc_work 
_refine_ls_shell.pdbx_fsc_free 
'X-RAY DIFFRACTION' 1.998  2.1986 . . 141 2656 99.00  . . . 0.2553 . 0.2289 . . . . . . . . . . . 
'X-RAY DIFFRACTION' 2.1986 2.5162 . . 138 2717 100.00 . . . 0.2621 . 0.2191 . . . . . . . . . . . 
'X-RAY DIFFRACTION' 2.5162 3.1681 . . 154 2738 100.00 . . . 0.2642 . 0.2177 . . . . . . . . . . . 
'X-RAY DIFFRACTION' 3.1681 19.926 . . 142 2955 100.00 . . . 0.1966 . 0.1848 . . . . . . . . . . . 
# 
_struct.entry_id                     7CV0 
_struct.title                        'Crystal structure of B. halodurans NiaR in apo form' 
_struct.pdbx_model_details           ? 
_struct.pdbx_formula_weight          ? 
_struct.pdbx_formula_weight_method   ? 
_struct.pdbx_model_type_details      ? 
_struct.pdbx_CASP_flag               N 
# 
_struct_keywords.entry_id        7CV0 
_struct_keywords.text            'NiaR, transcription factor, TRANSCTION, STRUCTURAL PROTEIN' 
_struct_keywords.pdbx_keywords   'STRUCTURAL PROTEIN' 
# 
loop_
_struct_asym.id 
_struct_asym.pdbx_blank_PDB_chainid_flag 
_struct_asym.pdbx_modified 
_struct_asym.entity_id 
_struct_asym.details 
A N N 1 ? 
B N N 2 ? 
C N N 3 ? 
# 
loop_
_struct_conf.conf_type_id 
_struct_conf.id 
_struct_conf.pdbx_PDB_helix_id 
_struct_conf.beg_label_comp_id 
_struct_conf.beg_label_asym_id 
_struct_conf.beg_label_seq_id 
_struct_conf.pdbx_beg_PDB_ins_code 
_struct_conf.end_label_comp_id 
_struct_conf.end_label_asym_id 
_struct_conf.end_label_seq_id 
_struct_conf.pdbx_end_PDB_ins_code 
_struct_conf.beg_auth_comp_id 
_struct_conf.beg_auth_asym_id 
_struct_conf.beg_auth_seq_id 
_struct_conf.end_auth_comp_id 
_struct_conf.end_auth_asym_id 
_struct_conf.end_auth_seq_id 
_struct_conf.pdbx_PDB_helix_class 
_struct_conf.details 
_struct_conf.pdbx_PDB_helix_length 
HELX_P HELX_P1 AA1 ILE A 7   ? SER A 23  ? ILE A 7   SER A 23  1 ? 17 
HELX_P HELX_P2 AA2 THR A 28  ? ASN A 37  ? THR A 28  ASN A 37  1 ? 10 
HELX_P HELX_P3 AA3 SER A 39  ? LYS A 53  ? SER A 39  LYS A 53  1 ? 15 
HELX_P HELX_P4 AA4 ASP A 87  ? ASP A 97  ? ASP A 87  ASP A 97  1 ? 11 
HELX_P HELX_P5 AA5 SER A 123 ? GLU A 136 ? SER A 123 GLU A 136 1 ? 14 
HELX_P HELX_P6 AA6 SER A 158 ? LYS A 172 ? SER A 158 LYS A 172 1 ? 15 
# 
_struct_conf_type.id          HELX_P 
_struct_conf_type.criteria    ? 
_struct_conf_type.reference   ? 
# 
loop_
_struct_conn.id 
_struct_conn.conn_type_id 
_struct_conn.pdbx_leaving_atom_flag 
_struct_conn.pdbx_PDB_id 
_struct_conn.ptnr1_label_asym_id 
_struct_conn.ptnr1_label_comp_id 
_struct_conn.ptnr1_label_seq_id 
_struct_conn.ptnr1_label_atom_id 
_struct_conn.pdbx_ptnr1_label_alt_id 
_struct_conn.pdbx_ptnr1_PDB_ins_code 
_struct_conn.pdbx_ptnr1_standard_comp_id 
_struct_conn.ptnr1_symmetry 
_struct_conn.ptnr2_label_asym_id 
_struct_conn.ptnr2_label_comp_id 
_struct_conn.ptnr2_label_seq_id 
_struct_conn.ptnr2_label_atom_id 
_struct_conn.pdbx_ptnr2_label_alt_id 
_struct_conn.pdbx_ptnr2_PDB_ins_code 
_struct_conn.ptnr1_auth_asym_id 
_struct_conn.ptnr1_auth_comp_id 
_struct_conn.ptnr1_auth_seq_id 
_struct_conn.ptnr2_auth_asym_id 
_struct_conn.ptnr2_auth_comp_id 
_struct_conn.ptnr2_auth_seq_id 
_struct_conn.ptnr2_symmetry 
_struct_conn.pdbx_ptnr3_label_atom_id 
_struct_conn.pdbx_ptnr3_label_seq_id 
_struct_conn.pdbx_ptnr3_label_comp_id 
_struct_conn.pdbx_ptnr3_label_asym_id 
_struct_conn.pdbx_ptnr3_label_alt_id 
_struct_conn.pdbx_ptnr3_PDB_ins_code 
_struct_conn.details 
_struct_conn.pdbx_dist_value 
_struct_conn.pdbx_value_order 
_struct_conn.pdbx_role 
metalc1 metalc ? ? A GLU 91  OE1 ? ? ? 1_555 B ZN  . ZN ? ? A GLU 91  A ZN  201 1_555 ? ? ? ? ? ? ? 2.030 ? ? 
metalc2 metalc ? ? A GLU 91  OE2 ? ? ? 1_555 B ZN  . ZN ? ? A GLU 91  A ZN  201 1_555 ? ? ? ? ? ? ? 2.519 ? ? 
metalc3 metalc ? ? A HIS 150 NE2 ? ? ? 1_555 B ZN  . ZN ? ? A HIS 150 A ZN  201 1_555 ? ? ? ? ? ? ? 2.159 ? ? 
metalc4 metalc ? ? A HIS 152 NE2 ? ? ? 1_555 B ZN  . ZN ? ? A HIS 152 A ZN  201 1_555 ? ? ? ? ? ? ? 2.036 ? ? 
metalc5 metalc ? ? B ZN  .   ZN  ? ? ? 1_555 C HOH . O  ? ? A ZN  201 A HOH 398 1_555 ? ? ? ? ? ? ? 2.345 ? ? 
# 
_struct_conn_type.id          metalc 
_struct_conn_type.criteria    ? 
_struct_conn_type.reference   ? 
# 
loop_
_struct_sheet.id 
_struct_sheet.type 
_struct_sheet.number_strands 
_struct_sheet.details 
AA1 ? 2 ? 
AA2 ? 4 ? 
# 
loop_
_struct_sheet_order.sheet_id 
_struct_sheet_order.range_id_1 
_struct_sheet_order.range_id_2 
_struct_sheet_order.offset 
_struct_sheet_order.sense 
AA1 1 2 ? anti-parallel 
AA2 1 2 ? anti-parallel 
AA2 2 3 ? anti-parallel 
AA2 3 4 ? anti-parallel 
# 
loop_
_struct_sheet_range.sheet_id 
_struct_sheet_range.id 
_struct_sheet_range.beg_label_comp_id 
_struct_sheet_range.beg_label_asym_id 
_struct_sheet_range.beg_label_seq_id 
_struct_sheet_range.pdbx_beg_PDB_ins_code 
_struct_sheet_range.end_label_comp_id 
_struct_sheet_range.end_label_asym_id 
_struct_sheet_range.end_label_seq_id 
_struct_sheet_range.pdbx_end_PDB_ins_code 
_struct_sheet_range.beg_auth_comp_id 
_struct_sheet_range.beg_auth_asym_id 
_struct_sheet_range.beg_auth_seq_id 
_struct_sheet_range.end_auth_comp_id 
_struct_sheet_range.end_auth_asym_id 
_struct_sheet_range.end_auth_seq_id 
AA1 1 ILE A 57  ? THR A 60  ? ILE A 57  THR A 60  
AA1 2 GLY A 63  ? TYR A 66  ? GLY A 63  TYR A 66  
AA2 1 ALA A 75  ? GLN A 82  ? ALA A 75  GLN A 82  
AA2 2 VAL A 149 ? ALA A 156 ? VAL A 149 ALA A 156 
AA2 3 LEU A 101 ? HIS A 109 ? LEU A 101 HIS A 109 
AA2 4 GLY A 113 ? ALA A 117 ? GLY A 113 ALA A 117 
# 
loop_
_pdbx_struct_sheet_hbond.sheet_id 
_pdbx_struct_sheet_hbond.range_id_1 
_pdbx_struct_sheet_hbond.range_id_2 
_pdbx_struct_sheet_hbond.range_1_label_atom_id 
_pdbx_struct_sheet_hbond.range_1_label_comp_id 
_pdbx_struct_sheet_hbond.range_1_label_asym_id 
_pdbx_struct_sheet_hbond.range_1_label_seq_id 
_pdbx_struct_sheet_hbond.range_1_PDB_ins_code 
_pdbx_struct_sheet_hbond.range_1_auth_atom_id 
_pdbx_struct_sheet_hbond.range_1_auth_comp_id 
_pdbx_struct_sheet_hbond.range_1_auth_asym_id 
_pdbx_struct_sheet_hbond.range_1_auth_seq_id 
_pdbx_struct_sheet_hbond.range_2_label_atom_id 
_pdbx_struct_sheet_hbond.range_2_label_comp_id 
_pdbx_struct_sheet_hbond.range_2_label_asym_id 
_pdbx_struct_sheet_hbond.range_2_label_seq_id 
_pdbx_struct_sheet_hbond.range_2_PDB_ins_code 
_pdbx_struct_sheet_hbond.range_2_auth_atom_id 
_pdbx_struct_sheet_hbond.range_2_auth_comp_id 
_pdbx_struct_sheet_hbond.range_2_auth_asym_id 
_pdbx_struct_sheet_hbond.range_2_auth_seq_id 
AA1 1 2 N LEU A 58  ? N LEU A 58  O ILE A 65  ? O ILE A 65  
AA2 1 2 N CYS A 81  ? N CYS A 81  O HIS A 150 ? O HIS A 150 
AA2 2 3 O GLU A 155 ? O GLU A 155 N LEU A 101 ? N LEU A 101 
AA2 3 4 N VAL A 107 ? N VAL A 107 O ILE A 115 ? O ILE A 115 
# 
_atom_sites.entry_id                    7CV0 
_atom_sites.Cartn_transf_matrix[1][1]   ? 
_atom_sites.Cartn_transf_matrix[1][2]   ? 
_atom_sites.Cartn_transf_matrix[1][3]   ? 
_atom_sites.Cartn_transf_matrix[2][1]   ? 
_atom_sites.Cartn_transf_matrix[2][2]   ? 
_atom_sites.Cartn_transf_matrix[2][3]   ? 
_atom_sites.Cartn_transf_matrix[3][1]   ? 
_atom_sites.Cartn_transf_matrix[3][2]   ? 
_atom_sites.Cartn_transf_matrix[3][3]   ? 
_atom_sites.Cartn_transf_vector[1]      ? 
_atom_sites.Cartn_transf_vector[2]      ? 
_atom_sites.Cartn_transf_vector[3]      ? 
_atom_sites.fract_transf_matrix[1][1]   0.01472914 
_atom_sites.fract_transf_matrix[1][2]   0.01587633 
_atom_sites.fract_transf_matrix[1][3]   0.00938847 
_atom_sites.fract_transf_matrix[2][1]   0.00851484 
_atom_sites.fract_transf_matrix[2][2]   -0.01651066 
_atom_sites.fract_transf_matrix[2][3]   0.01456174 
_atom_sites.fract_transf_matrix[3][1]   0.00393372 
_atom_sites.fract_transf_matrix[3][2]   -0.00137040 
_atom_sites.fract_transf_matrix[3][3]   -0.00385402 
_atom_sites.fract_transf_vector[1]      -0.407983 
_atom_sites.fract_transf_vector[2]      -0.362470 
_atom_sites.fract_transf_vector[3]      -0.057653 
_atom_sites.solution_primary            ? 
_atom_sites.solution_secondary          ? 
_atom_sites.solution_hydrogens          ? 
_atom_sites.special_details             ? 
# 
loop_
_atom_type.symbol 
C  
N  
NI 
O  
S  
ZN 
# 
loop_
_atom_site.group_PDB 
_atom_site.id 
_atom_site.type_symbol 
_atom_site.label_atom_id 
_atom_site.label_alt_id 
_atom_site.label_comp_id 
_atom_site.label_asym_id 
_atom_site.label_entity_id 
_atom_site.label_seq_id 
_atom_site.pdbx_PDB_ins_code 
_atom_site.Cartn_x 
_atom_site.Cartn_y 
_atom_site.Cartn_z 
_atom_site.occupancy 
_atom_site.B_iso_or_equiv 
_atom_site.pdbx_formal_charge 
_atom_site.auth_seq_id 
_atom_site.auth_comp_id 
_atom_site.auth_asym_id 
_atom_site.auth_atom_id 
_atom_site.pdbx_PDB_model_num 
ATOM   1    N  N   . ILE A 1 7   ? 9.356   30.931  -4.089  1.00 60.63  ? 7   ILE A N   1 
ATOM   2    C  CA  . ILE A 1 7   ? 9.304   30.836  -2.634  1.00 62.19  ? 7   ILE A CA  1 
ATOM   3    C  C   . ILE A 1 7   ? 7.991   30.187  -2.179  1.00 62.97  ? 7   ILE A C   1 
ATOM   4    O  O   . ILE A 1 7   ? 7.972   29.433  -1.204  1.00 58.80  ? 7   ILE A O   1 
ATOM   5    C  CB  . ILE A 1 7   ? 9.501   32.229  -1.983  1.00 68.85  ? 7   ILE A CB  1 
ATOM   6    C  CG1 . ILE A 1 7   ? 10.918  32.752  -2.249  1.00 59.39  ? 7   ILE A CG1 1 
ATOM   7    C  CG2 . ILE A 1 7   ? 9.228   32.180  -0.487  1.00 60.84  ? 7   ILE A CG2 1 
ATOM   8    C  CD1 . ILE A 1 7   ? 11.249  34.029  -1.497  1.00 60.35  ? 7   ILE A CD1 1 
ATOM   9    N  N   . LEU A 1 8   ? 6.899   30.473  -2.897  1.00 50.79  ? 8   LEU A N   1 
ATOM   10   C  CA  . LEU A 1 8   ? 5.603   29.883  -2.564  1.00 45.57  ? 8   LEU A CA  1 
ATOM   11   C  C   . LEU A 1 8   ? 5.658   28.364  -2.640  1.00 38.15  ? 8   LEU A C   1 
ATOM   12   O  O   . LEU A 1 8   ? 5.113   27.664  -1.779  1.00 30.95  ? 8   LEU A O   1 
ATOM   13   C  CB  . LEU A 1 8   ? 4.523   30.431  -3.502  1.00 50.53  ? 8   LEU A CB  1 
ATOM   14   C  CG  . LEU A 1 8   ? 3.164   29.734  -3.566  1.00 43.36  ? 8   LEU A CG  1 
ATOM   15   C  CD1 . LEU A 1 8   ? 2.575   29.592  -2.186  1.00 43.97  ? 8   LEU A CD1 1 
ATOM   16   C  CD2 . LEU A 1 8   ? 2.215   30.511  -4.455  1.00 44.29  ? 8   LEU A CD2 1 
ATOM   17   N  N   . GLY A 1 9   ? 6.302   27.836  -3.683  1.00 40.59  ? 9   GLY A N   1 
ATOM   18   C  CA  . GLY A 1 9   ? 6.511   26.402  -3.755  1.00 35.89  ? 9   GLY A CA  1 
ATOM   19   C  C   . GLY A 1 9   ? 7.361   25.888  -2.610  1.00 33.66  ? 9   GLY A C   1 
ATOM   20   O  O   . GLY A 1 9   ? 7.073   24.838  -2.030  1.00 31.31  ? 9   GLY A O   1 
ATOM   21   N  N   . GLU A 1 10  ? 8.414   26.628  -2.258  1.00 30.29  ? 10  GLU A N   1 
ATOM   22   C  CA  . GLU A 1 10  ? 9.257   26.215  -1.141  1.00 34.48  ? 10  GLU A CA  1 
ATOM   23   C  C   . GLU A 1 10  ? 8.503   26.294  0.180   1.00 34.92  ? 10  GLU A C   1 
ATOM   24   O  O   . GLU A 1 10  ? 8.661   25.423  1.043   1.00 28.32  ? 10  GLU A O   1 
ATOM   25   C  CB  . GLU A 1 10  ? 10.524  27.068  -1.090  1.00 39.34  ? 10  GLU A CB  1 
ATOM   26   C  CG  . GLU A 1 10  ? 11.455  26.864  -2.276  1.00 47.72  ? 10  GLU A CG  1 
ATOM   27   C  CD  . GLU A 1 10  ? 11.967  25.435  -2.380  1.00 60.56  ? 10  GLU A CD  1 
ATOM   28   O  OE1 . GLU A 1 10  ? 12.210  24.809  -1.326  1.00 62.13  ? 10  GLU A OE1 1 
ATOM   29   O  OE2 . GLU A 1 10  ? 12.119  24.936  -3.515  1.00 56.82  ? 10  GLU A OE2 1 
ATOM   30   N  N   . GLU A 1 11  ? 7.681   27.332  0.359   1.00 29.72  ? 11  GLU A N   1 
ATOM   31   C  CA  . GLU A 1 11  ? 6.885   27.435  1.577   1.00 29.73  ? 11  GLU A CA  1 
ATOM   32   C  C   . GLU A 1 11  ? 5.858   26.314  1.656   1.00 28.34  ? 11  GLU A C   1 
ATOM   33   O  O   . GLU A 1 11  ? 5.637   25.738  2.727   1.00 23.57  ? 11  GLU A O   1 
ATOM   34   C  CB  . GLU A 1 11  ? 6.195   28.798  1.641   1.00 33.61  ? 11  GLU A CB  1 
ATOM   35   C  CG  . GLU A 1 11  ? 7.144   29.963  1.853   1.00 38.16  ? 11  GLU A CG  1 
ATOM   36   C  CD  . GLU A 1 11  ? 6.449   31.309  1.761   1.00 52.20  ? 11  GLU A CD  1 
ATOM   37   O  OE1 . GLU A 1 11  ? 5.312   31.365  1.244   1.00 49.56  ? 11  GLU A OE1 1 
ATOM   38   O  OE2 . GLU A 1 11  ? 7.042   32.314  2.206   1.00 52.03  ? 11  GLU A OE2 1 
ATOM   39   N  N   . ARG A 1 12  ? 5.224   25.991  0.527   1.00 23.13  ? 12  ARG A N   1 
ATOM   40   C  CA  . ARG A 1 12  ? 4.253   24.904  0.505   1.00 23.47  ? 12  ARG A CA  1 
ATOM   41   C  C   . ARG A 1 12  ? 4.912   23.578  0.863   1.00 21.68  ? 12  ARG A C   1 
ATOM   42   O  O   . ARG A 1 12  ? 4.393   22.816  1.686   1.00 20.65  ? 12  ARG A O   1 
ATOM   43   C  CB  . ARG A 1 12  ? 3.587   24.823  -0.869  1.00 21.60  ? 12  ARG A CB  1 
ATOM   44   C  CG  . ARG A 1 12  ? 2.546   23.716  -0.987  1.00 24.12  ? 12  ARG A CG  1 
ATOM   45   C  CD  . ARG A 1 12  ? 1.883   23.704  -2.364  1.00 26.60  ? 12  ARG A CD  1 
ATOM   46   N  NE  . ARG A 1 12  ? 2.837   23.429  -3.435  1.00 23.83  ? 12  ARG A NE  1 
ATOM   47   C  CZ  . ARG A 1 12  ? 3.314   24.348  -4.268  1.00 29.69  ? 12  ARG A CZ  1 
ATOM   48   N  NH1 . ARG A 1 12  ? 2.916   25.609  -4.164  1.00 32.97  ? 12  ARG A NH1 1 
ATOM   49   N  NH2 . ARG A 1 12  ? 4.182   24.006  -5.210  1.00 26.66  ? 12  ARG A NH2 1 
ATOM   50   N  N   . ARG A 1 13  ? 6.067   23.289  0.255   1.00 20.28  ? 13  ARG A N   1 
ATOM   51   C  CA  . ARG A 1 13  ? 6.751   22.031  0.535   1.00 21.98  ? 13  ARG A CA  1 
ATOM   52   C  C   . ARG A 1 13  ? 7.244   21.968  1.975   1.00 22.30  ? 13  ARG A C   1 
ATOM   53   O  O   . ARG A 1 13  ? 7.322   20.881  2.555   1.00 19.51  ? 13  ARG A O   1 
ATOM   54   C  CB  . ARG A 1 13  ? 7.909   21.827  -0.447  1.00 25.42  ? 13  ARG A CB  1 
ATOM   55   C  CG  . ARG A 1 13  ? 7.450   21.448  -1.856  1.00 24.18  ? 13  ARG A CG  1 
ATOM   56   C  CD  . ARG A 1 13  ? 8.616   21.135  -2.788  1.00 27.00  ? 13  ARG A CD  1 
ATOM   57   N  NE  . ARG A 1 13  ? 9.322   22.336  -3.222  1.00 26.48  ? 13  ARG A NE  1 
ATOM   58   C  CZ  . ARG A 1 13  ? 8.925   23.117  -4.223  1.00 34.35  ? 13  ARG A CZ  1 
ATOM   59   N  NH1 . ARG A 1 13  ? 7.820   22.826  -4.897  1.00 30.93  ? 13  ARG A NH1 1 
ATOM   60   N  NH2 . ARG A 1 13  ? 9.631   24.190  -4.550  1.00 34.50  ? 13  ARG A NH2 1 
ATOM   61   N  N   . SER A 1 14  ? 7.570   23.118  2.572   1.00 24.66  ? 14  SER A N   1 
ATOM   62   C  CA  . SER A 1 14  ? 7.924   23.130  3.989   1.00 24.95  ? 14  SER A CA  1 
ATOM   63   C  C   . SER A 1 14  ? 6.733   22.735  4.850   1.00 23.71  ? 14  SER A C   1 
ATOM   64   O  O   . SER A 1 14  ? 6.885   22.015  5.845   1.00 24.45  ? 14  SER A O   1 
ATOM   65   C  CB  . SER A 1 14  ? 8.444   24.508  4.395   1.00 34.04  ? 14  SER A CB  1 
ATOM   66   O  OG  . SER A 1 14  ? 9.645   24.816  3.712   1.00 41.00  ? 14  SER A OG  1 
ATOM   67   N  N   . LEU A 1 15  ? 5.537   23.203  4.485   1.00 22.20  ? 15  LEU A N   1 
ATOM   68   C  CA  . LEU A 1 15  ? 4.330   22.801  5.201   1.00 20.40  ? 15  LEU A CA  1 
ATOM   69   C  C   . LEU A 1 15  ? 4.066   21.309  5.049   1.00 23.04  ? 15  LEU A C   1 
ATOM   70   O  O   . LEU A 1 15  ? 3.650   20.645  6.007   1.00 21.19  ? 15  LEU A O   1 
ATOM   71   C  CB  . LEU A 1 15  ? 3.131   23.605  4.695   1.00 20.31  ? 15  LEU A CB  1 
ATOM   72   C  CG  . LEU A 1 15  ? 3.112   25.090  5.055   1.00 24.01  ? 15  LEU A CG  1 
ATOM   73   C  CD1 . LEU A 1 15  ? 2.002   25.803  4.299   1.00 23.47  ? 15  LEU A CD1 1 
ATOM   74   C  CD2 . LEU A 1 15  ? 2.940   25.270  6.555   1.00 23.02  ? 15  LEU A CD2 1 
ATOM   75   N  N   . LEU A 1 16  ? 4.289   20.768  3.848   1.00 22.22  ? 16  LEU A N   1 
ATOM   76   C  CA  . LEU A 1 16  ? 4.069   19.342  3.622   1.00 18.78  ? 16  LEU A CA  1 
ATOM   77   C  C   . LEU A 1 16  ? 4.936   18.505  4.550   1.00 19.34  ? 16  LEU A C   1 
ATOM   78   O  O   . LEU A 1 16  ? 4.461   17.542  5.161   1.00 19.41  ? 16  LEU A O   1 
ATOM   79   C  CB  . LEU A 1 16  ? 4.361   18.983  2.165   1.00 15.96  ? 16  LEU A CB  1 
ATOM   80   C  CG  . LEU A 1 16  ? 3.537   19.661  1.070   1.00 21.10  ? 16  LEU A CG  1 
ATOM   81   C  CD1 . LEU A 1 16  ? 3.872   19.047  -0.282  1.00 16.88  ? 16  LEU A CD1 1 
ATOM   82   C  CD2 . LEU A 1 16  ? 2.048   19.556  1.361   1.00 21.49  ? 16  LEU A CD2 1 
ATOM   83   N  N   . ILE A 1 17  ? 6.219   18.858  4.663   1.00 17.34  ? 17  ILE A N   1 
ATOM   84   C  CA  . ILE A 1 17  ? 7.117   18.120  5.546   1.00 20.13  ? 17  ILE A CA  1 
ATOM   85   C  C   . ILE A 1 17  ? 6.599   18.160  6.976   1.00 22.70  ? 17  ILE A C   1 
ATOM   86   O  O   . ILE A 1 17  ? 6.528   17.132  7.660   1.00 18.51  ? 17  ILE A O   1 
ATOM   87   C  CB  . ILE A 1 17  ? 8.547   18.678  5.450   1.00 23.13  ? 17  ILE A CB  1 
ATOM   88   C  CG1 . ILE A 1 17  ? 9.094   18.496  4.035   1.00 21.15  ? 17  ILE A CG1 1 
ATOM   89   C  CG2 . ILE A 1 17  ? 9.449   18.007  6.478   1.00 25.26  ? 17  ILE A CG2 1 
ATOM   90   C  CD1 . ILE A 1 17  ? 10.407  19.203  3.802   1.00 27.56  ? 17  ILE A CD1 1 
ATOM   91   N  N   . LYS A 1 18  ? 6.213   19.352  7.440   1.00 21.29  ? 18  LYS A N   1 
ATOM   92   C  CA  . LYS A 1 18  ? 5.707   19.501  8.802   1.00 24.74  ? 18  LYS A CA  1 
ATOM   93   C  C   . LYS A 1 18  ? 4.471   18.639  9.032   1.00 22.97  ? 18  LYS A C   1 
ATOM   94   O  O   . LYS A 1 18  ? 4.368   17.941  10.048  1.00 22.15  ? 18  LYS A O   1 
ATOM   95   C  CB  . LYS A 1 18  ? 5.400   20.974  9.081   1.00 25.10  ? 18  LYS A CB  1 
ATOM   96   C  CG  . LYS A 1 18  ? 4.625   21.227  10.367  1.00 33.63  ? 18  LYS A CG  1 
ATOM   97   C  CD  . LYS A 1 18  ? 4.259   22.703  10.515  1.00 33.27  ? 18  LYS A CD  1 
ATOM   98   C  CE  . LYS A 1 18  ? 3.382   22.948  11.734  1.00 31.12  ? 18  LYS A CE  1 
ATOM   99   N  NZ  . LYS A 1 18  ? 4.063   22.571  13.006  1.00 42.19  ? 18  LYS A NZ  1 
ATOM   100  N  N   . TRP A 1 19  ? 3.524   18.669  8.090   1.00 21.12  ? 19  TRP A N   1 
ATOM   101  C  CA  . TRP A 1 19  ? 2.280   17.927  8.269   1.00 22.16  ? 19  TRP A CA  1 
ATOM   102  C  C   . TRP A 1 19  ? 2.508   16.422  8.211   1.00 21.58  ? 19  TRP A C   1 
ATOM   103  O  O   . TRP A 1 19  ? 1.881   15.663  8.961   1.00 22.84  ? 19  TRP A O   1 
ATOM   104  C  CB  . TRP A 1 19  ? 1.263   18.347  7.212   1.00 21.20  ? 19  TRP A CB  1 
ATOM   105  C  CG  . TRP A 1 19  ? 0.826   19.765  7.336   1.00 26.21  ? 19  TRP A CG  1 
ATOM   106  C  CD1 . TRP A 1 19  ? 0.779   20.515  8.477   1.00 24.06  ? 19  TRP A CD1 1 
ATOM   107  C  CD2 . TRP A 1 19  ? 0.384   20.616  6.275   1.00 22.74  ? 19  TRP A CD2 1 
ATOM   108  N  NE1 . TRP A 1 19  ? 0.328   21.781  8.190   1.00 27.10  ? 19  TRP A NE1 1 
ATOM   109  C  CE2 . TRP A 1 19  ? 0.079   21.869  6.845   1.00 24.68  ? 19  TRP A CE2 1 
ATOM   110  C  CE3 . TRP A 1 19  ? 0.214   20.441  4.899   1.00 23.98  ? 19  TRP A CE3 1 
ATOM   111  C  CZ2 . TRP A 1 19  ? -0.386  22.941  6.087   1.00 22.80  ? 19  TRP A CZ2 1 
ATOM   112  C  CZ3 . TRP A 1 19  ? -0.247  21.505  4.148   1.00 18.99  ? 19  TRP A CZ3 1 
ATOM   113  C  CH2 . TRP A 1 19  ? -0.542  22.740  4.743   1.00 20.22  ? 19  TRP A CH2 1 
ATOM   114  N  N   . LEU A 1 20  ? 3.389   15.969  7.318   1.00 19.31  ? 20  LEU A N   1 
ATOM   115  C  CA  . LEU A 1 20  ? 3.634   14.534  7.196   1.00 23.07  ? 20  LEU A CA  1 
ATOM   116  C  C   . LEU A 1 20  ? 4.358   13.987  8.424   1.00 23.48  ? 20  LEU A C   1 
ATOM   117  O  O   . LEU A 1 20  ? 4.096   12.857  8.852   1.00 25.21  ? 20  LEU A O   1 
ATOM   118  C  CB  . LEU A 1 20  ? 4.425   14.248  5.922   1.00 21.98  ? 20  LEU A CB  1 
ATOM   119  C  CG  . LEU A 1 20  ? 3.673   14.523  4.619   1.00 17.09  ? 20  LEU A CG  1 
ATOM   120  C  CD1 . LEU A 1 20  ? 4.604   14.403  3.419   1.00 17.42  ? 20  LEU A CD1 1 
ATOM   121  C  CD2 . LEU A 1 20  ? 2.491   13.586  4.483   1.00 16.90  ? 20  LEU A CD2 1 
ATOM   122  N  N   . LYS A 1 21  ? 5.268   14.773  9.007   1.00 22.76  ? 21  LYS A N   1 
ATOM   123  C  CA  . LYS A 1 21  ? 5.968   14.321  10.207  1.00 22.73  ? 21  LYS A CA  1 
ATOM   124  C  C   . LYS A 1 21  ? 5.059   14.325  11.430  1.00 26.48  ? 21  LYS A C   1 
ATOM   125  O  O   . LYS A 1 21  ? 5.234   13.497  12.331  1.00 27.38  ? 21  LYS A O   1 
ATOM   126  C  CB  . LYS A 1 21  ? 7.193   15.192  10.467  1.00 27.75  ? 21  LYS A CB  1 
ATOM   127  C  CG  . LYS A 1 21  ? 8.280   15.055  9.422   1.00 29.58  ? 21  LYS A CG  1 
ATOM   128  C  CD  . LYS A 1 21  ? 9.542   15.773  9.856   1.00 39.15  ? 21  LYS A CD  1 
ATOM   129  C  CE  . LYS A 1 21  ? 10.091  15.191  11.149  1.00 39.36  ? 21  LYS A CE  1 
ATOM   130  N  NZ  . LYS A 1 21  ? 10.383  13.737  11.017  1.00 43.29  ? 21  LYS A NZ  1 
ATOM   131  N  N   . ALA A 1 22  ? 4.093   15.242  11.484  1.00 25.65  ? 22  ALA A N   1 
ATOM   132  C  CA  . ALA A 1 22  ? 3.171   15.296  12.611  1.00 25.65  ? 22  ALA A CA  1 
ATOM   133  C  C   . ALA A 1 22  ? 2.072   14.245  12.527  1.00 31.13  ? 22  ALA A C   1 
ATOM   134  O  O   . ALA A 1 22  ? 1.495   13.891  13.562  1.00 27.41  ? 22  ALA A O   1 
ATOM   135  C  CB  . ALA A 1 22  ? 2.537   16.685  12.707  1.00 25.48  ? 22  ALA A CB  1 
ATOM   136  N  N   . SER A 1 23  ? 1.776   13.741  11.334  1.00 23.72  ? 23  SER A N   1 
ATOM   137  C  CA  . SER A 1 23  ? 0.649   12.839  11.152  1.00 28.86  ? 23  SER A CA  1 
ATOM   138  C  C   . SER A 1 23  ? 1.029   11.403  11.490  1.00 31.58  ? 23  SER A C   1 
ATOM   139  O  O   . SER A 1 23  ? 2.158   10.960  11.261  1.00 27.30  ? 23  SER A O   1 
ATOM   140  C  CB  . SER A 1 23  ? 0.132   12.908  9.715   1.00 26.01  ? 23  SER A CB  1 
ATOM   141  O  OG  . SER A 1 23  ? -0.944  12.007  9.523   1.00 31.64  ? 23  SER A OG  1 
ATOM   142  N  N   . ASP A 1 24  ? 0.059   10.675  12.044  1.00 30.54  ? 24  ASP A N   1 
ATOM   143  C  CA  . ASP A 1 24  ? 0.198   9.254   12.323  1.00 36.70  ? 24  ASP A CA  1 
ATOM   144  C  C   . ASP A 1 24  ? -0.528  8.388   11.301  1.00 35.90  ? 24  ASP A C   1 
ATOM   145  O  O   . ASP A 1 24  ? -0.391  7.161   11.338  1.00 36.77  ? 24  ASP A O   1 
ATOM   146  C  CB  . ASP A 1 24  ? -0.326  8.943   13.733  1.00 39.13  ? 24  ASP A CB  1 
ATOM   147  C  CG  . ASP A 1 24  ? 0.134   7.589   14.246  1.00 56.00  ? 24  ASP A CG  1 
ATOM   148  O  OD1 . ASP A 1 24  ? 1.272   7.186   13.922  1.00 64.04  ? 24  ASP A OD1 1 
ATOM   149  O  OD2 . ASP A 1 24  ? -0.643  6.932   14.973  1.00 47.54  ? 24  ASP A OD2 1 
ATOM   150  N  N   . THR A 1 25  ? -1.281  8.998   10.399  1.00 32.73  ? 25  THR A N   1 
ATOM   151  C  CA  . THR A 1 25  ? -2.072  8.331   9.378   1.00 30.14  ? 25  THR A CA  1 
ATOM   152  C  C   . THR A 1 25  ? -1.709  8.913   8.023   1.00 29.13  ? 25  THR A C   1 
ATOM   153  O  O   . THR A 1 25  ? -1.224  10.048  7.937   1.00 26.83  ? 25  THR A O   1 
ATOM   154  C  CB  . THR A 1 25  ? -3.575  8.514   9.653   1.00 31.49  ? 25  THR A CB  1 
ATOM   155  O  OG1 . THR A 1 25  ? -4.347  7.858   8.640   1.00 43.35  ? 25  THR A OG1 1 
ATOM   156  C  CG2 . THR A 1 25  ? -3.939  9.992   9.683   1.00 28.32  ? 25  THR A CG2 1 
ATOM   157  N  N   . PRO A 1 26  ? -1.898  8.154   6.943   1.00 29.52  ? 26  PRO A N   1 
ATOM   158  C  CA  . PRO A 1 26  ? -1.677  8.716   5.604   1.00 26.68  ? 26  PRO A CA  1 
ATOM   159  C  C   . PRO A 1 26  ? -2.522  9.962   5.369   1.00 27.21  ? 26  PRO A C   1 
ATOM   160  O  O   . PRO A 1 26  ? -3.676  10.041  5.792   1.00 25.01  ? 26  PRO A O   1 
ATOM   161  C  CB  . PRO A 1 26  ? -2.091  7.575   4.670   1.00 24.89  ? 26  PRO A CB  1 
ATOM   162  C  CG  . PRO A 1 26  ? -1.828  6.338   5.463   1.00 34.71  ? 26  PRO A CG  1 
ATOM   163  C  CD  . PRO A 1 26  ? -2.124  6.696   6.899   1.00 32.55  ? 26  PRO A CD  1 
ATOM   164  N  N   . LEU A 1 27  ? -1.926  10.944  4.695   1.00 22.35  ? 27  LEU A N   1 
ATOM   165  C  CA  . LEU A 1 27  ? -2.610  12.166  4.285   1.00 24.34  ? 27  LEU A CA  1 
ATOM   166  C  C   . LEU A 1 27  ? -2.792  12.132  2.775   1.00 23.87  ? 27  LEU A C   1 
ATOM   167  O  O   . LEU A 1 27  ? -1.805  12.102  2.031   1.00 19.21  ? 27  LEU A O   1 
ATOM   168  C  CB  . LEU A 1 27  ? -1.821  13.409  4.698   1.00 21.61  ? 27  LEU A CB  1 
ATOM   169  C  CG  . LEU A 1 27  ? -1.672  13.659  6.198   1.00 26.25  ? 27  LEU A CG  1 
ATOM   170  C  CD1 . LEU A 1 27  ? -0.875  14.935  6.441   1.00 19.58  ? 27  LEU A CD1 1 
ATOM   171  C  CD2 . LEU A 1 27  ? -3.037  13.746  6.850   1.00 32.36  ? 27  LEU A CD2 1 
ATOM   172  N  N   . THR A 1 28  ? -4.046  12.138  2.327   1.00 20.28  ? 28  THR A N   1 
ATOM   173  C  CA  . THR A 1 28  ? -4.325  12.037  0.900   1.00 23.16  ? 28  THR A CA  1 
ATOM   174  C  C   . THR A 1 28  ? -3.789  13.253  0.159   1.00 24.02  ? 28  THR A C   1 
ATOM   175  O  O   . THR A 1 28  ? -3.686  14.352  0.712   1.00 17.98  ? 28  THR A O   1 
ATOM   176  C  CB  . THR A 1 28  ? -5.829  11.908  0.646   1.00 28.10  ? 28  THR A CB  1 
ATOM   177  O  OG1 . THR A 1 28  ? -6.485  13.126  1.026   1.00 24.02  ? 28  THR A OG1 1 
ATOM   178  C  CG2 . THR A 1 28  ? -6.408  10.751  1.440   1.00 28.16  ? 28  THR A CG2 1 
ATOM   179  N  N   . GLY A 1 29  ? -3.441  13.044  -1.112  1.00 18.76  ? 29  GLY A N   1 
ATOM   180  C  CA  . GLY A 1 29  ? -3.085  14.168  -1.957  1.00 19.12  ? 29  GLY A CA  1 
ATOM   181  C  C   . GLY A 1 29  ? -4.183  15.209  -2.028  1.00 23.81  ? 29  GLY A C   1 
ATOM   182  O  O   . GLY A 1 29  ? -3.905  16.410  -2.083  1.00 21.19  ? 29  GLY A O   1 
ATOM   183  N  N   . ALA A 1 30  ? -5.445  14.766  -2.011  1.00 24.76  ? 30  ALA A N   1 
ATOM   184  C  CA  . ALA A 1 30  ? -6.562  15.706  -2.028  1.00 26.11  ? 30  ALA A CA  1 
ATOM   185  C  C   . ALA A 1 30  ? -6.574  16.576  -0.777  1.00 22.49  ? 30  ALA A C   1 
ATOM   186  O  O   . ALA A 1 30  ? -6.834  17.780  -0.856  1.00 24.39  ? 30  ALA A O   1 
ATOM   187  C  CB  . ALA A 1 30  ? -7.882  14.951  -2.166  1.00 25.41  ? 30  ALA A CB  1 
ATOM   188  N  N   . GLU A 1 31  ? -6.304  15.983  0.388   1.00 22.20  ? 31  GLU A N   1 
ATOM   189  C  CA  . GLU A 1 31  ? -6.265  16.766  1.621   1.00 25.79  ? 31  GLU A CA  1 
ATOM   190  C  C   . GLU A 1 31  ? -5.118  17.769  1.600   1.00 23.92  ? 31  GLU A C   1 
ATOM   191  O  O   . GLU A 1 31  ? -5.297  18.944  1.941   1.00 22.94  ? 31  GLU A O   1 
ATOM   192  C  CB  . GLU A 1 31  ? -6.151  15.836  2.831   1.00 23.56  ? 31  GLU A CB  1 
ATOM   193  C  CG  . GLU A 1 31  ? -5.916  16.541  4.164   1.00 26.04  ? 31  GLU A CG  1 
ATOM   194  C  CD  . GLU A 1 31  ? -7.077  17.431  4.582   1.00 30.41  ? 31  GLU A CD  1 
ATOM   195  O  OE1 . GLU A 1 31  ? -6.853  18.356  5.392   1.00 30.28  ? 31  GLU A OE1 1 
ATOM   196  O  OE2 . GLU A 1 31  ? -8.207  17.207  4.099   1.00 28.45  ? 31  GLU A OE2 1 
ATOM   197  N  N   . LEU A 1 32  ? -3.926  17.322  1.193   1.00 21.50  ? 32  LEU A N   1 
ATOM   198  C  CA  . LEU A 1 32  ? -2.784  18.228  1.099   1.00 19.22  ? 32  LEU A CA  1 
ATOM   199  C  C   . LEU A 1 32  ? -3.032  19.328  0.075   1.00 22.18  ? 32  LEU A C   1 
ATOM   200  O  O   . LEU A 1 32  ? -2.598  20.472  0.264   1.00 21.71  ? 32  LEU A O   1 
ATOM   201  C  CB  . LEU A 1 32  ? -1.523  17.446  0.737   1.00 18.59  ? 32  LEU A CB  1 
ATOM   202  C  CG  . LEU A 1 32  ? -1.118  16.343  1.711   1.00 19.60  ? 32  LEU A CG  1 
ATOM   203  C  CD1 . LEU A 1 32  ? 0.088   15.589  1.169   1.00 18.63  ? 32  LEU A CD1 1 
ATOM   204  C  CD2 . LEU A 1 32  ? -0.828  16.933  3.087   1.00 20.08  ? 32  LEU A CD2 1 
ATOM   205  N  N   . ALA A 1 33  ? -3.725  19.000  -1.018  1.00 17.40  ? 33  ALA A N   1 
ATOM   206  C  CA  . ALA A 1 33  ? -4.023  19.999  -2.036  1.00 21.09  ? 33  ALA A CA  1 
ATOM   207  C  C   . ALA A 1 33  ? -4.945  21.085  -1.490  1.00 25.49  ? 33  ALA A C   1 
ATOM   208  O  O   . ALA A 1 33  ? -4.705  22.280  -1.700  1.00 22.39  ? 33  ALA A O   1 
ATOM   209  C  CB  . ALA A 1 33  ? -4.644  19.324  -3.262  1.00 23.00  ? 33  ALA A CB  1 
ATOM   210  N  N   . LYS A 1 34  ? -6.004  20.685  -0.777  1.00 22.75  ? 34  LYS A N   1 
ATOM   211  C  CA  . LYS A 1 34  ? -6.934  21.659  -0.215  1.00 23.88  ? 34  LYS A CA  1 
ATOM   212  C  C   . LYS A 1 34  ? -6.292  22.501  0.882   1.00 26.14  ? 34  LYS A C   1 
ATOM   213  O  O   . LYS A 1 34  ? -6.633  23.679  1.033   1.00 27.68  ? 34  LYS A O   1 
ATOM   214  C  CB  . LYS A 1 34  ? -8.178  20.951  0.321   1.00 28.16  ? 34  LYS A CB  1 
ATOM   215  C  CG  . LYS A 1 34  ? -9.098  20.436  -0.768  1.00 33.00  ? 34  LYS A CG  1 
ATOM   216  C  CD  . LYS A 1 34  ? -10.346 19.791  -0.197  1.00 35.96  ? 34  LYS A CD  1 
ATOM   217  C  CE  . LYS A 1 34  ? -10.014 18.528  0.573   1.00 38.87  ? 34  LYS A CE  1 
ATOM   218  N  NZ  . LYS A 1 34  ? -11.242 17.787  0.968   1.00 44.60  ? 34  LYS A NZ  1 
ATOM   219  N  N   . ARG A 1 35  ? -5.372  21.921  1.658   1.00 21.15  ? 35  ARG A N   1 
ATOM   220  C  CA  . ARG A 1 35  ? -4.667  22.695  2.675   1.00 20.71  ? 35  ARG A CA  1 
ATOM   221  C  C   . ARG A 1 35  ? -3.789  23.779  2.071   1.00 23.21  ? 35  ARG A C   1 
ATOM   222  O  O   . ARG A 1 35  ? -3.500  24.774  2.744   1.00 21.20  ? 35  ARG A O   1 
ATOM   223  C  CB  . ARG A 1 35  ? -3.793  21.785  3.540   1.00 19.88  ? 35  ARG A CB  1 
ATOM   224  C  CG  . ARG A 1 35  ? -4.541  20.860  4.476   1.00 25.58  ? 35  ARG A CG  1 
ATOM   225  C  CD  . ARG A 1 35  ? -3.563  20.185  5.429   1.00 21.33  ? 35  ARG A CD  1 
ATOM   226  N  NE  . ARG A 1 35  ? -4.195  19.150  6.236   1.00 21.77  ? 35  ARG A NE  1 
ATOM   227  C  CZ  . ARG A 1 35  ? -3.570  18.469  7.190   1.00 22.01  ? 35  ARG A CZ  1 
ATOM   228  N  NH1 . ARG A 1 35  ? -2.297  18.719  7.460   1.00 21.09  ? 35  ARG A NH1 1 
ATOM   229  N  NH2 . ARG A 1 35  ? -4.218  17.542  7.879   1.00 28.33  ? 35  ARG A NH2 1 
ATOM   230  N  N   . THR A 1 36  ? -3.345  23.608  0.827   1.00 23.56  ? 36  THR A N   1 
ATOM   231  C  CA  . THR A 1 36  ? -2.406  24.533  0.208   1.00 21.47  ? 36  THR A CA  1 
ATOM   232  C  C   . THR A 1 36  ? -2.957  25.220  -1.035  1.00 23.76  ? 36  THR A C   1 
ATOM   233  O  O   . THR A 1 36  ? -2.219  25.974  -1.681  1.00 24.75  ? 36  THR A O   1 
ATOM   234  C  CB  . THR A 1 36  ? -1.102  23.801  -0.143  1.00 22.03  ? 36  THR A CB  1 
ATOM   235  O  OG1 . THR A 1 36  ? -1.389  22.717  -1.032  1.00 22.92  ? 36  THR A OG1 1 
ATOM   236  C  CG2 . THR A 1 36  ? -0.448  23.249  1.111   1.00 20.90  ? 36  THR A CG2 1 
ATOM   237  N  N   . ASN A 1 37  ? -4.221  24.980  -1.389  1.00 21.65  ? 37  ASN A N   1 
ATOM   238  C  CA  . ASN A 1 37  ? -4.881  25.669  -2.501  1.00 24.88  ? 37  ASN A CA  1 
ATOM   239  C  C   . ASN A 1 37  ? -4.201  25.365  -3.836  1.00 30.75  ? 37  ASN A C   1 
ATOM   240  O  O   . ASN A 1 37  ? -4.094  26.223  -4.713  1.00 27.91  ? 37  ASN A O   1 
ATOM   241  C  CB  . ASN A 1 37  ? -4.949  27.180  -2.250  1.00 32.93  ? 37  ASN A CB  1 
ATOM   242  C  CG  . ASN A 1 37  ? -5.856  27.900  -3.230  1.00 44.88  ? 37  ASN A CG  1 
ATOM   243  O  OD1 . ASN A 1 37  ? -7.074  27.731  -3.207  1.00 47.61  ? 37  ASN A OD1 1 
ATOM   244  N  ND2 . ASN A 1 37  ? -5.261  28.701  -4.107  1.00 53.46  ? 37  ASN A ND2 1 
ATOM   245  N  N   . VAL A 1 38  ? -3.724  24.134  -3.996  1.00 24.66  ? 38  VAL A N   1 
ATOM   246  C  CA  . VAL A 1 38  ? -3.195  23.704  -5.286  1.00 24.89  ? 38  VAL A CA  1 
ATOM   247  C  C   . VAL A 1 38  ? -3.956  22.466  -5.736  1.00 26.94  ? 38  VAL A C   1 
ATOM   248  O  O   . VAL A 1 38  ? -4.843  21.977  -5.027  1.00 24.88  ? 38  VAL A O   1 
ATOM   249  C  CB  . VAL A 1 38  ? -1.680  23.427  -5.233  1.00 21.60  ? 38  VAL A CB  1 
ATOM   250  C  CG1 . VAL A 1 38  ? -0.910  24.691  -4.875  1.00 29.23  ? 38  VAL A CG1 1 
ATOM   251  C  CG2 . VAL A 1 38  ? -1.375  22.302  -4.252  1.00 22.76  ? 38  VAL A CG2 1 
ATOM   252  N  N   . SER A 1 39  ? -3.623  21.958  -6.916  1.00 25.68  ? 39  SER A N   1 
ATOM   253  C  CA  . SER A 1 39  ? -4.214  20.720  -7.397  1.00 28.83  ? 39  SER A CA  1 
ATOM   254  C  C   . SER A 1 39  ? -3.434  19.523  -6.860  1.00 28.16  ? 39  SER A C   1 
ATOM   255  O  O   . SER A 1 39  ? -2.317  19.649  -6.347  1.00 23.85  ? 39  SER A O   1 
ATOM   256  C  CB  . SER A 1 39  ? -4.234  20.684  -8.922  1.00 28.90  ? 39  SER A CB  1 
ATOM   257  O  OG  . SER A 1 39  ? -2.920  20.550  -9.427  1.00 31.08  ? 39  SER A OG  1 
ATOM   258  N  N   . ARG A 1 40  ? -4.035  18.338  -6.994  1.00 25.96  ? 40  ARG A N   1 
ATOM   259  C  CA  . ARG A 1 40  ? -3.381  17.133  -6.497  1.00 29.76  ? 40  ARG A CA  1 
ATOM   260  C  C   . ARG A 1 40  ? -2.193  16.753  -7.372  1.00 26.56  ? 40  ARG A C   1 
ATOM   261  O  O   . ARG A 1 40  ? -1.259  16.086  -6.911  1.00 24.11  ? 40  ARG A O   1 
ATOM   262  C  CB  . ARG A 1 40  ? -4.389  15.984  -6.409  1.00 35.34  ? 40  ARG A CB  1 
ATOM   263  C  CG  . ARG A 1 40  ? -3.818  14.707  -5.824  1.00 42.94  ? 40  ARG A CG  1 
ATOM   264  C  CD  . ARG A 1 40  ? -4.373  13.467  -6.519  1.00 48.60  ? 40  ARG A CD  1 
ATOM   265  N  NE  . ARG A 1 40  ? -3.459  12.337  -6.463  1.00 67.57  ? 40  ARG A NE  1 
ATOM   266  C  CZ  . ARG A 1 40  ? -2.591  12.048  -7.427  1.00 54.03  ? 40  ARG A CZ  1 
ATOM   267  N  NH1 . ARG A 1 40  ? -1.767  11.007  -7.332  1.00 44.09  ? 40  ARG A NH1 1 
ATOM   268  N  NH2 . ARG A 1 40  ? -2.530  12.811  -8.505  1.00 56.09  ? 40  ARG A NH2 1 
ATOM   269  N  N   . GLN A 1 41  ? -2.211  17.175  -8.638  1.00 24.51  ? 41  GLN A N   1 
ATOM   270  C  CA  . GLN A 1 41  ? -1.052  17.018  -9.514  1.00 28.06  ? 41  GLN A CA  1 
ATOM   271  C  C   . GLN A 1 41  ? 0.134   17.847  -9.027  1.00 26.05  ? 41  GLN A C   1 
ATOM   272  O  O   . GLN A 1 41  ? 1.293   17.438  -9.176  1.00 21.67  ? 41  GLN A O   1 
ATOM   273  C  CB  . GLN A 1 41  ? -1.433  17.415  -10.942 1.00 26.23  ? 41  GLN A CB  1 
ATOM   274  C  CG  . GLN A 1 41  ? -0.301  17.375  -11.949 1.00 36.98  ? 41  GLN A CG  1 
ATOM   275  C  CD  . GLN A 1 41  ? 0.273   15.991  -12.134 1.00 39.53  ? 41  GLN A CD  1 
ATOM   276  O  OE1 . GLN A 1 41  ? 1.477   15.833  -12.338 1.00 40.64  ? 41  GLN A OE1 1 
ATOM   277  N  NE2 . GLN A 1 41  ? -0.586  14.977  -12.082 1.00 39.68  ? 41  GLN A NE2 1 
ATOM   278  N  N   . VAL A 1 42  ? -0.133  19.026  -8.459  1.00 22.33  ? 42  VAL A N   1 
ATOM   279  C  CA  . VAL A 1 42  ? 0.948   19.831  -7.899  1.00 24.54  ? 42  VAL A CA  1 
ATOM   280  C  C   . VAL A 1 42  ? 1.556   19.138  -6.684  1.00 16.55  ? 42  VAL A C   1 
ATOM   281  O  O   . VAL A 1 42  ? 2.774   19.180  -6.471  1.00 18.88  ? 42  VAL A O   1 
ATOM   282  C  CB  . VAL A 1 42  ? 0.445   21.247  -7.557  1.00 26.08  ? 42  VAL A CB  1 
ATOM   283  C  CG1 . VAL A 1 42  ? 1.528   22.035  -6.835  1.00 23.10  ? 42  VAL A CG1 1 
ATOM   284  C  CG2 . VAL A 1 42  ? 0.009   21.982  -8.823  1.00 27.86  ? 42  VAL A CG2 1 
ATOM   285  N  N   . ILE A 1 43  ? 0.722   18.480  -5.874  1.00 14.65  ? 43  ILE A N   1 
ATOM   286  C  CA  . ILE A 1 43  ? 1.239   17.743  -4.723  1.00 17.30  ? 43  ILE A CA  1 
ATOM   287  C  C   . ILE A 1 43  ? 2.112   16.582  -5.185  1.00 17.95  ? 43  ILE A C   1 
ATOM   288  O  O   . ILE A 1 43  ? 3.143   16.280  -4.572  1.00 16.56  ? 43  ILE A O   1 
ATOM   289  C  CB  . ILE A 1 43  ? 0.083   17.266  -3.823  1.00 19.27  ? 43  ILE A CB  1 
ATOM   290  C  CG1 . ILE A 1 43  ? -0.688  18.466  -3.266  1.00 18.08  ? 43  ILE A CG1 1 
ATOM   291  C  CG2 . ILE A 1 43  ? 0.607   16.400  -2.683  1.00 16.53  ? 43  ILE A CG2 1 
ATOM   292  C  CD1 . ILE A 1 43  ? 0.164   19.391  -2.417  1.00 18.32  ? 43  ILE A CD1 1 
ATOM   293  N  N   . VAL A 1 44  ? 1.721   15.920  -6.278  1.00 18.01  ? 44  VAL A N   1 
ATOM   294  C  CA  . VAL A 1 44  ? 2.567   14.877  -6.862  1.00 18.74  ? 44  VAL A CA  1 
ATOM   295  C  C   . VAL A 1 44  ? 3.951   15.432  -7.175  1.00 21.94  ? 44  VAL A C   1 
ATOM   296  O  O   . VAL A 1 44  ? 4.978   14.821  -6.850  1.00 18.48  ? 44  VAL A O   1 
ATOM   297  C  CB  . VAL A 1 44  ? 1.901   14.291  -8.120  1.00 16.40  ? 44  VAL A CB  1 
ATOM   298  C  CG1 . VAL A 1 44  ? 2.887   13.416  -8.886  1.00 20.20  ? 44  VAL A CG1 1 
ATOM   299  C  CG2 . VAL A 1 44  ? 0.663   13.497  -7.737  1.00 24.74  ? 44  VAL A CG2 1 
ATOM   300  N  N   . GLN A 1 45  ? 3.996   16.616  -7.792  1.00 15.53  ? 45  GLN A N   1 
ATOM   301  C  CA  . GLN A 1 45  ? 5.276   17.220  -8.143  1.00 19.36  ? 45  GLN A CA  1 
ATOM   302  C  C   . GLN A 1 45  ? 6.057   17.642  -6.903  1.00 20.95  ? 45  GLN A C   1 
ATOM   303  O  O   . GLN A 1 45  ? 7.280   17.462  -6.847  1.00 21.86  ? 45  GLN A O   1 
ATOM   304  C  CB  . GLN A 1 45  ? 5.046   18.406  -9.081  1.00 23.05  ? 45  GLN A CB  1 
ATOM   305  C  CG  . GLN A 1 45  ? 4.470   17.992  -10.427 1.00 26.87  ? 45  GLN A CG  1 
ATOM   306  C  CD  . GLN A 1 45  ? 4.037   19.169  -11.276 1.00 34.06  ? 45  GLN A CD  1 
ATOM   307  O  OE1 . GLN A 1 45  ? 4.324   20.322  -10.957 1.00 37.65  ? 45  GLN A OE1 1 
ATOM   308  N  NE2 . GLN A 1 45  ? 3.337   18.882  -12.366 1.00 35.42  ? 45  GLN A NE2 1 
ATOM   309  N  N   . ASP A 1 46  ? 5.370   18.197  -5.898  1.00 22.61  ? 46  ASP A N   1 
ATOM   310  C  CA  . ASP A 1 46  ? 6.039   18.582  -4.655  1.00 17.63  ? 46  ASP A CA  1 
ATOM   311  C  C   . ASP A 1 46  ? 6.701   17.382  -3.988  1.00 19.22  ? 46  ASP A C   1 
ATOM   312  O  O   . ASP A 1 46  ? 7.870   17.445  -3.588  1.00 17.89  ? 46  ASP A O   1 
ATOM   313  C  CB  . ASP A 1 46  ? 5.042   19.221  -3.686  1.00 16.41  ? 46  ASP A CB  1 
ATOM   314  C  CG  . ASP A 1 46  ? 4.666   20.637  -4.068  1.00 25.59  ? 46  ASP A CG  1 
ATOM   315  O  OD1 . ASP A 1 46  ? 5.423   21.290  -4.818  1.00 24.63  ? 46  ASP A OD1 1 
ATOM   316  O  OD2 . ASP A 1 46  ? 3.605   21.099  -3.598  1.00 22.25  ? 46  ASP A OD2 1 
ATOM   317  N  N   . VAL A 1 47  ? 5.954   16.285  -3.838  1.00 16.94  ? 47  VAL A N   1 
ATOM   318  C  CA  . VAL A 1 47  ? 6.497   15.104  -3.176  1.00 18.51  ? 47  VAL A CA  1 
ATOM   319  C  C   . VAL A 1 47  ? 7.636   14.512  -3.997  1.00 18.74  ? 47  VAL A C   1 
ATOM   320  O  O   . VAL A 1 47  ? 8.621   14.006  -3.444  1.00 19.20  ? 47  VAL A O   1 
ATOM   321  C  CB  . VAL A 1 47  ? 5.377   14.080  -2.916  1.00 20.28  ? 47  VAL A CB  1 
ATOM   322  C  CG1 . VAL A 1 47  ? 5.946   12.795  -2.350  1.00 23.16  ? 47  VAL A CG1 1 
ATOM   323  C  CG2 . VAL A 1 47  ? 4.344   14.654  -1.954  1.00 16.10  ? 47  VAL A CG2 1 
ATOM   324  N  N   . SER A 1 48  ? 7.531   14.578  -5.325  1.00 19.60  ? 48  SER A N   1 
ATOM   325  C  CA  . SER A 1 48  ? 8.622   14.116  -6.178  1.00 19.49  ? 48  SER A CA  1 
ATOM   326  C  C   . SER A 1 48  ? 9.897   14.907  -5.910  1.00 21.33  ? 48  SER A C   1 
ATOM   327  O  O   . SER A 1 48  ? 10.982  14.330  -5.772  1.00 20.28  ? 48  SER A O   1 
ATOM   328  C  CB  . SER A 1 48  ? 8.216   14.224  -7.648  1.00 18.90  ? 48  SER A CB  1 
ATOM   329  O  OG  . SER A 1 48  ? 7.096   13.399  -7.928  1.00 21.10  ? 48  SER A OG  1 
ATOM   330  N  N   . LEU A 1 49  ? 9.783   16.235  -5.830  1.00 14.65  ? 49  LEU A N   1 
ATOM   331  C  CA  . LEU A 1 49  ? 10.946  17.065  -5.530  1.00 20.87  ? 49  LEU A CA  1 
ATOM   332  C  C   . LEU A 1 49  ? 11.518  16.740  -4.159  1.00 19.03  ? 49  LEU A C   1 
ATOM   333  O  O   . LEU A 1 49  ? 12.741  16.712  -3.979  1.00 19.05  ? 49  LEU A O   1 
ATOM   334  C  CB  . LEU A 1 49  ? 10.574  18.545  -5.607  1.00 17.89  ? 49  LEU A CB  1 
ATOM   335  C  CG  . LEU A 1 49  ? 10.181  19.081  -6.982  1.00 23.91  ? 49  LEU A CG  1 
ATOM   336  C  CD1 . LEU A 1 49  ? 9.645   20.498  -6.858  1.00 34.16  ? 49  LEU A CD1 1 
ATOM   337  C  CD2 . LEU A 1 49  ? 11.367  19.033  -7.940  1.00 26.72  ? 49  LEU A CD2 1 
ATOM   338  N  N   . LEU A 1 50  ? 10.646  16.494  -3.177  1.00 15.28  ? 50  LEU A N   1 
ATOM   339  C  CA  . LEU A 1 50  ? 11.110  16.167  -1.833  1.00 21.29  ? 50  LEU A CA  1 
ATOM   340  C  C   . LEU A 1 50  ? 11.791  14.803  -1.799  1.00 23.06  ? 50  LEU A C   1 
ATOM   341  O  O   . LEU A 1 50  ? 12.780  14.617  -1.078  1.00 21.01  ? 50  LEU A O   1 
ATOM   342  C  CB  . LEU A 1 50  ? 9.936   16.215  -0.854  1.00 22.66  ? 50  LEU A CB  1 
ATOM   343  C  CG  . LEU A 1 50  ? 9.356   17.604  -0.566  1.00 23.29  ? 50  LEU A CG  1 
ATOM   344  C  CD1 . LEU A 1 50  ? 8.113   17.504  0.304   1.00 22.09  ? 50  LEU A CD1 1 
ATOM   345  C  CD2 . LEU A 1 50  ? 10.404  18.491  0.093   1.00 23.38  ? 50  LEU A CD2 1 
ATOM   346  N  N   . LYS A 1 51  ? 11.271  13.837  -2.561  1.00 18.33  ? 51  LYS A N   1 
ATOM   347  C  CA  . LYS A 1 51  ? 11.928  12.536  -2.664  1.00 18.00  ? 51  LYS A CA  1 
ATOM   348  C  C   . LYS A 1 51  ? 13.338  12.674  -3.222  1.00 21.63  ? 51  LYS A C   1 
ATOM   349  O  O   . LYS A 1 51  ? 14.271  12.019  -2.744  1.00 21.30  ? 51  LYS A O   1 
ATOM   350  C  CB  . LYS A 1 51  ? 11.106  11.595  -3.547  1.00 18.06  ? 51  LYS A CB  1 
ATOM   351  C  CG  . LYS A 1 51  ? 9.829   11.068  -2.917  1.00 20.80  ? 51  LYS A CG  1 
ATOM   352  C  CD  . LYS A 1 51  ? 9.058   10.222  -3.926  1.00 25.06  ? 51  LYS A CD  1 
ATOM   353  C  CE  . LYS A 1 51  ? 7.755   9.704   -3.346  1.00 23.51  ? 51  LYS A CE  1 
ATOM   354  N  NZ  . LYS A 1 51  ? 6.923   9.034   -4.392  1.00 33.62  ? 51  LYS A NZ  1 
ATOM   355  N  N   . ALA A 1 52  ? 13.509  13.519  -4.240  1.00 20.74  ? 52  ALA A N   1 
ATOM   356  C  CA  . ALA A 1 52  ? 14.827  13.724  -4.829  1.00 24.15  ? 52  ALA A CA  1 
ATOM   357  C  C   . ALA A 1 52  ? 15.786  14.424  -3.877  1.00 27.06  ? 52  ALA A C   1 
ATOM   358  O  O   . ALA A 1 52  ? 17.000  14.384  -4.102  1.00 33.70  ? 52  ALA A O   1 
ATOM   359  C  CB  . ALA A 1 52  ? 14.708  14.515  -6.131  1.00 20.52  ? 52  ALA A CB  1 
ATOM   360  N  N   . LYS A 1 53  ? 15.275  15.073  -2.828  1.00 24.77  ? 53  LYS A N   1 
ATOM   361  C  CA  . LYS A 1 53  ? 16.110  15.567  -1.743  1.00 27.14  ? 53  LYS A CA  1 
ATOM   362  C  C   . LYS A 1 53  ? 16.189  14.575  -0.589  1.00 28.45  ? 53  LYS A C   1 
ATOM   363  O  O   . LYS A 1 53  ? 16.533  14.960  0.535   1.00 28.66  ? 53  LYS A O   1 
ATOM   364  C  CB  . LYS A 1 53  ? 15.615  16.933  -1.258  1.00 28.41  ? 53  LYS A CB  1 
ATOM   365  C  CG  . LYS A 1 53  ? 15.636  17.997  -2.350  1.00 36.06  ? 53  LYS A CG  1 
ATOM   366  C  CD  . LYS A 1 53  ? 16.364  19.268  -1.911  1.00 39.58  ? 53  LYS A CD  1 
ATOM   367  C  CE  . LYS A 1 53  ? 16.652  20.172  -3.110  1.00 46.28  ? 53  LYS A CE  1 
ATOM   368  N  NZ  . LYS A 1 53  ? 17.086  19.390  -4.317  1.00 53.82  ? 53  LYS A NZ  1 
ATOM   369  N  N   . ASN A 1 54  ? 15.864  13.308  -0.853  1.00 23.92  ? 54  ASN A N   1 
ATOM   370  C  CA  . ASN A 1 54  ? 16.081  12.182  0.048   1.00 23.46  ? 54  ASN A CA  1 
ATOM   371  C  C   . ASN A 1 54  ? 15.162  12.200  1.263   1.00 28.19  ? 54  ASN A C   1 
ATOM   372  O  O   . ASN A 1 54  ? 15.487  11.602  2.295   1.00 29.39  ? 54  ASN A O   1 
ATOM   373  C  CB  . ASN A 1 54  ? 17.550  12.102  0.484   1.00 31.77  ? 54  ASN A CB  1 
ATOM   374  C  CG  . ASN A 1 54  ? 18.488  11.907  -0.694  1.00 39.11  ? 54  ASN A CG  1 
ATOM   375  O  OD1 . ASN A 1 54  ? 18.250  11.060  -1.559  1.00 34.22  ? 54  ASN A OD1 1 
ATOM   376  N  ND2 . ASN A 1 54  ? 19.548  12.704  -0.745  1.00 41.77  ? 54  ASN A ND2 1 
ATOM   377  N  N   . HIS A 1 55  ? 14.014  12.858  1.170   1.00 24.31  ? 55  HIS A N   1 
ATOM   378  C  CA  . HIS A 1 55  ? 12.985  12.673  2.183   1.00 22.72  ? 55  HIS A CA  1 
ATOM   379  C  C   . HIS A 1 55  ? 12.324  11.316  1.973   1.00 24.89  ? 55  HIS A C   1 
ATOM   380  O  O   . HIS A 1 55  ? 11.846  11.030  0.869   1.00 24.96  ? 55  HIS A O   1 
ATOM   381  C  CB  . HIS A 1 55  ? 11.933  13.775  2.114   1.00 24.02  ? 55  HIS A CB  1 
ATOM   382  C  CG  . HIS A 1 55  ? 12.446  15.124  2.503   1.00 24.36  ? 55  HIS A CG  1 
ATOM   383  N  ND1 . HIS A 1 55  ? 12.431  15.578  3.803   1.00 20.91  ? 55  HIS A ND1 1 
ATOM   384  C  CD2 . HIS A 1 55  ? 12.983  16.122  1.761   1.00 23.99  ? 55  HIS A CD2 1 
ATOM   385  C  CE1 . HIS A 1 55  ? 12.938  16.796  3.848   1.00 23.28  ? 55  HIS A CE1 1 
ATOM   386  N  NE2 . HIS A 1 55  ? 13.282  17.150  2.622   1.00 27.33  ? 55  HIS A NE2 1 
ATOM   387  N  N   . PRO A 1 56  ? 12.281  10.467  2.978   1.00 22.71  ? 56  PRO A N   1 
ATOM   388  C  CA  . PRO A 1 56  ? 11.620  9.159   2.830   1.00 22.93  ? 56  PRO A CA  1 
ATOM   389  C  C   . PRO A 1 56  ? 10.100  9.275   2.882   1.00 25.80  ? 56  PRO A C   1 
ATOM   390  O  O   . PRO A 1 56  ? 9.438   8.773   3.794   1.00 27.27  ? 56  PRO A O   1 
ATOM   391  C  CB  . PRO A 1 56  ? 12.198  8.370   4.013   1.00 27.46  ? 56  PRO A CB  1 
ATOM   392  C  CG  . PRO A 1 56  ? 12.418  9.407   5.059   1.00 28.87  ? 56  PRO A CG  1 
ATOM   393  C  CD  . PRO A 1 56  ? 12.868  10.642  4.319   1.00 30.01  ? 56  PRO A CD  1 
ATOM   394  N  N   . ILE A 1 57  ? 9.537   9.963   1.895   1.00 21.77  ? 57  ILE A N   1 
ATOM   395  C  CA  . ILE A 1 57  ? 8.092   10.098  1.765   1.00 23.21  ? 57  ILE A CA  1 
ATOM   396  C  C   . ILE A 1 57  ? 7.594   9.015   0.821   1.00 22.26  ? 57  ILE A C   1 
ATOM   397  O  O   . ILE A 1 57  ? 8.182   8.786   -0.242  1.00 22.73  ? 57  ILE A O   1 
ATOM   398  C  CB  . ILE A 1 57  ? 7.709   11.495  1.251   1.00 21.03  ? 57  ILE A CB  1 
ATOM   399  C  CG1 . ILE A 1 57  ? 8.187   12.576  2.223   1.00 24.71  ? 57  ILE A CG1 1 
ATOM   400  C  CG2 . ILE A 1 57  ? 6.201   11.590  1.040   1.00 24.12  ? 57  ILE A CG2 1 
ATOM   401  C  CD1 . ILE A 1 57  ? 7.965   13.985  1.710   1.00 21.82  ? 57  ILE A CD1 1 
ATOM   402  N  N   . LEU A 1 58  ? 6.512   8.348   1.209   1.00 21.88  ? 58  LEU A N   1 
ATOM   403  C  CA  . LEU A 1 58  ? 5.943   7.253   0.440   1.00 21.93  ? 58  LEU A CA  1 
ATOM   404  C  C   . LEU A 1 58  ? 4.503   7.587   0.086   1.00 21.67  ? 58  LEU A C   1 
ATOM   405  O  O   . LEU A 1 58  ? 3.730   8.013   0.951   1.00 19.55  ? 58  LEU A O   1 
ATOM   406  C  CB  . LEU A 1 58  ? 6.012   5.949   1.238   1.00 28.17  ? 58  LEU A CB  1 
ATOM   407  C  CG  . LEU A 1 58  ? 5.577   4.666   0.537   1.00 32.81  ? 58  LEU A CG  1 
ATOM   408  C  CD1 . LEU A 1 58  ? 6.501   4.360   -0.629  1.00 33.52  ? 58  LEU A CD1 1 
ATOM   409  C  CD2 . LEU A 1 58  ? 5.561   3.517   1.529   1.00 35.34  ? 58  LEU A CD2 1 
ATOM   410  N  N   . ALA A 1 59  ? 4.147   7.410   -1.184  1.00 21.84  ? 59  ALA A N   1 
ATOM   411  C  CA  . ALA A 1 59  ? 2.762   7.524   -1.619  1.00 19.15  ? 59  ALA A CA  1 
ATOM   412  C  C   . ALA A 1 59  ? 2.114   6.147   -1.536  1.00 23.82  ? 59  ALA A C   1 
ATOM   413  O  O   . ALA A 1 59  ? 2.595   5.196   -2.159  1.00 19.95  ? 59  ALA A O   1 
ATOM   414  C  CB  . ALA A 1 59  ? 2.677   8.075   -3.040  1.00 23.31  ? 59  ALA A CB  1 
ATOM   415  N  N   . THR A 1 60  ? 1.041   6.038   -0.757  1.00 23.56  ? 60  THR A N   1 
ATOM   416  C  CA  . THR A 1 60  ? 0.315   4.786   -0.611  1.00 18.84  ? 60  THR A CA  1 
ATOM   417  C  C   . THR A 1 60  ? -1.090  4.930   -1.183  1.00 23.15  ? 60  THR A C   1 
ATOM   418  O  O   . THR A 1 60  ? -1.506  6.006   -1.623  1.00 21.36  ? 60  THR A O   1 
ATOM   419  C  CB  . THR A 1 60  ? 0.254   4.346   0.855   1.00 20.86  ? 60  THR A CB  1 
ATOM   420  O  OG1 . THR A 1 60  ? -0.728  5.121   1.556   1.00 18.96  ? 60  THR A OG1 1 
ATOM   421  C  CG2 . THR A 1 60  ? 1.612   4.517   1.520   1.00 24.86  ? 60  THR A CG2 1 
ATOM   422  N  N   . ALA A 1 61  ? -1.830  3.819   -1.166  1.00 21.61  ? 61  ALA A N   1 
ATOM   423  C  CA  . ALA A 1 61  ? -3.199  3.835   -1.661  1.00 27.23  ? 61  ALA A CA  1 
ATOM   424  C  C   . ALA A 1 61  ? -4.101  4.737   -0.829  1.00 29.40  ? 61  ALA A C   1 
ATOM   425  O  O   . ALA A 1 61  ? -5.150  5.168   -1.321  1.00 31.39  ? 61  ALA A O   1 
ATOM   426  C  CB  . ALA A 1 61  ? -3.762  2.414   -1.693  1.00 26.14  ? 61  ALA A CB  1 
ATOM   427  N  N   . GLN A 1 62  ? -3.715  5.039   0.412   1.00 24.24  ? 62  GLN A N   1 
ATOM   428  C  CA  . GLN A 1 62  ? -4.496  5.900   1.291   1.00 29.38  ? 62  GLN A CA  1 
ATOM   429  C  C   . GLN A 1 62  ? -3.914  7.296   1.442   1.00 25.47  ? 62  GLN A C   1 
ATOM   430  O  O   . GLN A 1 62  ? -4.534  8.135   2.098   1.00 26.67  ? 62  GLN A O   1 
ATOM   431  C  CB  . GLN A 1 62  ? -4.634  5.271   2.683   1.00 30.41  ? 62  GLN A CB  1 
ATOM   432  C  CG  . GLN A 1 62  ? -5.621  4.126   2.751   1.00 35.37  ? 62  GLN A CG  1 
ATOM   433  C  CD  . GLN A 1 62  ? -5.106  2.897   2.053   1.00 30.39  ? 62  GLN A CD  1 
ATOM   434  O  OE1 . GLN A 1 62  ? -4.010  2.419   2.346   1.00 37.28  ? 62  GLN A OE1 1 
ATOM   435  N  NE2 . GLN A 1 62  ? -5.880  2.386   1.108   1.00 37.15  ? 62  GLN A NE2 1 
ATOM   436  N  N   . GLY A 1 63  ? -2.743  7.563   0.880   1.00 22.24  ? 63  GLY A N   1 
ATOM   437  C  CA  . GLY A 1 63  ? -2.144  8.874   0.980   1.00 23.38  ? 63  GLY A CA  1 
ATOM   438  C  C   . GLY A 1 63  ? -0.678  8.789   1.337   1.00 21.92  ? 63  GLY A C   1 
ATOM   439  O  O   . GLY A 1 63  ? -0.086  7.706   1.410   1.00 16.11  ? 63  GLY A O   1 
ATOM   440  N  N   . TYR A 1 64  ? -0.084  9.956   1.577   1.00 18.14  ? 64  TYR A N   1 
ATOM   441  C  CA  . TYR A 1 64  ? 1.352   10.053  1.797   1.00 18.70  ? 64  TYR A CA  1 
ATOM   442  C  C   . TYR A 1 64  ? 1.703   9.801   3.255   1.00 19.28  ? 64  TYR A C   1 
ATOM   443  O  O   . TYR A 1 64  ? 0.964   10.186  4.166   1.00 20.64  ? 64  TYR A O   1 
ATOM   444  C  CB  . TYR A 1 64  ? 1.861   11.430  1.381   1.00 19.78  ? 64  TYR A CB  1 
ATOM   445  C  CG  . TYR A 1 64  ? 1.707   11.691  -0.093  1.00 15.69  ? 64  TYR A CG  1 
ATOM   446  C  CD1 . TYR A 1 64  ? 2.677   11.286  -0.995  1.00 16.24  ? 64  TYR A CD1 1 
ATOM   447  C  CD2 . TYR A 1 64  ? 0.575   12.325  -0.586  1.00 19.35  ? 64  TYR A CD2 1 
ATOM   448  C  CE1 . TYR A 1 64  ? 2.533   11.522  -2.350  1.00 18.49  ? 64  TYR A CE1 1 
ATOM   449  C  CE2 . TYR A 1 64  ? 0.419   12.560  -1.938  1.00 25.85  ? 64  TYR A CE2 1 
ATOM   450  C  CZ  . TYR A 1 64  ? 1.399   12.154  -2.817  1.00 23.90  ? 64  TYR A CZ  1 
ATOM   451  O  OH  . TYR A 1 64  ? 1.237   12.390  -4.165  1.00 25.92  ? 64  TYR A OH  1 
ATOM   452  N  N   . ILE A 1 65  ? 2.846   9.157   3.467   1.00 17.66  ? 65  ILE A N   1 
ATOM   453  C  CA  . ILE A 1 65  ? 3.383   8.910   4.798   1.00 22.88  ? 65  ILE A CA  1 
ATOM   454  C  C   . ILE A 1 65  ? 4.853   9.298   4.794   1.00 26.24  ? 65  ILE A C   1 
ATOM   455  O  O   . ILE A 1 65  ? 5.560   9.088   3.801   1.00 27.60  ? 65  ILE A O   1 
ATOM   456  C  CB  . ILE A 1 65  ? 3.210   7.435   5.228   1.00 26.33  ? 65  ILE A CB  1 
ATOM   457  C  CG1 . ILE A 1 65  ? 3.944   6.499   4.267   1.00 30.32  ? 65  ILE A CG1 1 
ATOM   458  C  CG2 . ILE A 1 65  ? 1.737   7.061   5.302   1.00 25.87  ? 65  ILE A CG2 1 
ATOM   459  C  CD1 . ILE A 1 65  ? 3.858   5.033   4.653   1.00 40.84  ? 65  ILE A CD1 1 
ATOM   460  N  N   . TYR A 1 66  ? 5.309   9.889   5.896   1.00 21.94  ? 66  TYR A N   1 
ATOM   461  C  CA  . TYR A 1 66  ? 6.729   10.138  6.110   1.00 25.35  ? 66  TYR A CA  1 
ATOM   462  C  C   . TYR A 1 66  ? 7.281   8.957   6.898   1.00 28.48  ? 66  TYR A C   1 
ATOM   463  O  O   . TYR A 1 66  ? 6.903   8.744   8.054   1.00 28.36  ? 66  TYR A O   1 
ATOM   464  C  CB  . TYR A 1 66  ? 6.956   11.453  6.852   1.00 25.25  ? 66  TYR A CB  1 
ATOM   465  C  CG  . TYR A 1 66  ? 8.327   12.043  6.620   1.00 25.80  ? 66  TYR A CG  1 
ATOM   466  C  CD1 . TYR A 1 66  ? 9.457   11.470  7.192   1.00 25.74  ? 66  TYR A CD1 1 
ATOM   467  C  CD2 . TYR A 1 66  ? 8.493   13.168  5.823   1.00 19.75  ? 66  TYR A CD2 1 
ATOM   468  C  CE1 . TYR A 1 66  ? 10.714  12.003  6.978   1.00 28.30  ? 66  TYR A CE1 1 
ATOM   469  C  CE2 . TYR A 1 66  ? 9.745   13.707  5.601   1.00 25.16  ? 66  TYR A CE2 1 
ATOM   470  C  CZ  . TYR A 1 66  ? 10.852  13.120  6.184   1.00 24.83  ? 66  TYR A CZ  1 
ATOM   471  O  OH  . TYR A 1 66  ? 12.100  13.656  5.969   1.00 26.03  ? 66  TYR A OH  1 
ATOM   472  N  N   . MET A 1 67  ? 8.161   8.183   6.268   1.00 24.81  ? 67  MET A N   1 
ATOM   473  C  CA  . MET A 1 67  ? 8.614   6.933   6.862   1.00 39.00  ? 67  MET A CA  1 
ATOM   474  C  C   . MET A 1 67  ? 9.404   7.188   8.139   1.00 36.29  ? 67  MET A C   1 
ATOM   475  O  O   . MET A 1 67  ? 10.367  7.960   8.147   1.00 43.04  ? 67  MET A O   1 
ATOM   476  C  CB  . MET A 1 67  ? 9.453   6.148   5.853   1.00 35.12  ? 67  MET A CB  1 
ATOM   477  C  CG  . MET A 1 67  ? 8.639   5.610   4.683   1.00 46.37  ? 67  MET A CG  1 
ATOM   478  S  SD  . MET A 1 67  ? 9.583   4.595   3.527   1.00 78.92  ? 67  MET A SD  1 
ATOM   479  C  CE  . MET A 1 67  ? 10.104  5.819   2.326   1.00 42.89  ? 67  MET A CE  1 
ATOM   480  N  N   . LYS A 1 68  ? 8.977   6.545   9.223   1.00 44.32  ? 68  LYS A N   1 
ATOM   481  C  CA  . LYS A 1 68  ? 9.661   6.620   10.505  1.00 55.18  ? 68  LYS A CA  1 
ATOM   482  C  C   . LYS A 1 68  ? 9.526   5.273   11.201  1.00 70.73  ? 68  LYS A C   1 
ATOM   483  O  O   . LYS A 1 68  ? 8.658   4.463   10.862  1.00 73.24  ? 68  LYS A O   1 
ATOM   484  C  CB  . LYS A 1 68  ? 9.101   7.748   11.381  1.00 58.79  ? 68  LYS A CB  1 
ATOM   485  C  CG  . LYS A 1 68  ? 7.787   7.417   12.074  1.00 58.52  ? 68  LYS A CG  1 
ATOM   486  C  CD  . LYS A 1 68  ? 7.298   8.591   12.911  1.00 58.54  ? 68  LYS A CD  1 
ATOM   487  C  CE  . LYS A 1 68  ? 5.812   8.480   13.218  1.00 62.98  ? 68  LYS A CE  1 
ATOM   488  N  NZ  . LYS A 1 68  ? 5.450   9.205   14.469  1.00 60.81  ? 68  LYS A NZ  1 
ATOM   489  N  N   . GLU A 1 69  ? 10.396  5.037   12.180  1.00 78.12  ? 69  GLU A N   1 
ATOM   490  C  CA  . GLU A 1 69  ? 10.434  3.743   12.847  1.00 81.89  ? 69  GLU A CA  1 
ATOM   491  C  C   . GLU A 1 69  ? 9.337   3.630   13.899  1.00 82.84  ? 69  GLU A C   1 
ATOM   492  O  O   . GLU A 1 69  ? 8.876   4.627   14.463  1.00 79.53  ? 69  GLU A O   1 
ATOM   493  C  CB  . GLU A 1 69  ? 11.803  3.503   13.486  1.00 82.13  ? 69  GLU A CB  1 
ATOM   494  C  CG  . GLU A 1 69  ? 12.907  3.088   12.507  1.00 91.38  ? 69  GLU A CG  1 
ATOM   495  C  CD  . GLU A 1 69  ? 12.675  1.726   11.856  1.00 97.49  ? 69  GLU A CD  1 
ATOM   496  O  OE1 . GLU A 1 69  ? 11.630  1.523   11.199  1.00 93.49  ? 69  GLU A OE1 1 
ATOM   497  O  OE2 . GLU A 1 69  ? 13.551  0.849   12.004  1.00 99.73  ? 69  GLU A OE2 1 
ATOM   498  N  N   . ALA A 1 70  ? 8.928   2.394   14.163  1.00 83.58  ? 70  ALA A N   1 
ATOM   499  C  CA  . ALA A 1 70  ? 7.788   2.112   15.020  1.00 85.87  ? 70  ALA A CA  1 
ATOM   500  C  C   . ALA A 1 70  ? 8.199   2.050   16.489  1.00 93.75  ? 70  ALA A C   1 
ATOM   501  O  O   . ALA A 1 70  ? 9.381   2.002   16.838  1.00 94.18  ? 70  ALA A O   1 
ATOM   502  C  CB  . ALA A 1 70  ? 7.121   0.801   14.602  1.00 85.74  ? 70  ALA A CB  1 
ATOM   503  N  N   . ASN A 1 71  ? 7.185   2.051   17.358  1.00 93.89  ? 71  ASN A N   1 
ATOM   504  C  CA  . ASN A 1 71  ? 7.428   1.938   18.793  1.00 93.01  ? 71  ASN A CA  1 
ATOM   505  C  C   . ASN A 1 71  ? 7.976   0.562   19.152  1.00 87.71  ? 71  ASN A C   1 
ATOM   506  O  O   . ASN A 1 71  ? 8.905   0.448   19.961  1.00 81.09  ? 71  ASN A O   1 
ATOM   507  C  CB  . ASN A 1 71  ? 6.134   2.222   19.558  1.00 93.08  ? 71  ASN A CB  1 
ATOM   508  C  CG  . ASN A 1 71  ? 6.381   2.618   20.999  1.00 89.12  ? 71  ASN A CG  1 
ATOM   509  O  OD1 . ASN A 1 71  ? 6.633   3.785   21.299  1.00 86.99  ? 71  ASN A OD1 1 
ATOM   510  N  ND2 . ASN A 1 71  ? 6.308   1.644   21.901  1.00 81.09  ? 71  ASN A ND2 1 
ATOM   511  N  N   . THR A 1 72  ? 7.417   -0.491  18.559  1.00 85.12  ? 72  THR A N   1 
ATOM   512  C  CA  . THR A 1 72  ? 7.831   -1.863  18.808  1.00 80.73  ? 72  THR A CA  1 
ATOM   513  C  C   . THR A 1 72  ? 8.246   -2.510  17.492  1.00 78.15  ? 72  THR A C   1 
ATOM   514  O  O   . THR A 1 72  ? 7.764   -2.133  16.420  1.00 75.22  ? 72  THR A O   1 
ATOM   515  C  CB  . THR A 1 72  ? 6.695   -2.670  19.468  1.00 81.72  ? 72  THR A CB  1 
ATOM   516  O  OG1 . THR A 1 72  ? 6.177   -1.940  20.587  1.00 80.33  ? 72  THR A OG1 1 
ATOM   517  C  CG2 . THR A 1 72  ? 7.195   -4.026  19.957  1.00 69.14  ? 72  THR A CG2 1 
ATOM   518  N  N   . VAL A 1 73  ? 9.157   -3.479  17.578  1.00 71.82  ? 73  VAL A N   1 
ATOM   519  C  CA  . VAL A 1 73  ? 9.633   -4.180  16.389  1.00 68.62  ? 73  VAL A CA  1 
ATOM   520  C  C   . VAL A 1 73  ? 8.490   -4.997  15.799  1.00 62.93  ? 73  VAL A C   1 
ATOM   521  O  O   . VAL A 1 73  ? 7.923   -5.872  16.464  1.00 62.79  ? 73  VAL A O   1 
ATOM   522  C  CB  . VAL A 1 73  ? 10.838  -5.067  16.720  1.00 58.72  ? 73  VAL A CB  1 
ATOM   523  C  CG1 . VAL A 1 73  ? 11.556  -5.481  15.446  1.00 54.02  ? 73  VAL A CG1 1 
ATOM   524  C  CG2 . VAL A 1 73  ? 11.790  -4.333  17.649  1.00 53.28  ? 73  VAL A CG2 1 
ATOM   525  N  N   . GLN A 1 74  ? 8.148   -4.712  14.546  1.00 58.87  ? 74  GLN A N   1 
ATOM   526  C  CA  . GLN A 1 74  ? 7.071   -5.399  13.847  1.00 56.34  ? 74  GLN A CA  1 
ATOM   527  C  C   . GLN A 1 74  ? 7.646   -6.547  13.028  1.00 47.39  ? 74  GLN A C   1 
ATOM   528  O  O   . GLN A 1 74  ? 8.631   -6.366  12.306  1.00 50.51  ? 74  GLN A O   1 
ATOM   529  C  CB  . GLN A 1 74  ? 6.308   -4.436  12.934  1.00 52.94  ? 74  GLN A CB  1 
ATOM   530  C  CG  . GLN A 1 74  ? 5.798   -3.178  13.619  1.00 60.47  ? 74  GLN A CG  1 
ATOM   531  C  CD  . GLN A 1 74  ? 4.632   -3.449  14.552  1.00 63.40  ? 74  GLN A CD  1 
ATOM   532  O  OE1 . GLN A 1 74  ? 3.570   -3.902  14.122  1.00 59.25  ? 74  GLN A OE1 1 
ATOM   533  N  NE2 . GLN A 1 74  ? 4.825   -3.169  15.837  1.00 63.97  ? 74  GLN A NE2 1 
ATOM   534  N  N   . ALA A 1 75  ? 7.032   -7.720  13.144  1.00 41.33  ? 75  ALA A N   1 
ATOM   535  C  CA  . ALA A 1 75  ? 7.412   -8.843  12.301  1.00 39.82  ? 75  ALA A CA  1 
ATOM   536  C  C   . ALA A 1 75  ? 7.054   -8.551  10.848  1.00 39.01  ? 75  ALA A C   1 
ATOM   537  O  O   . ALA A 1 75  ? 6.120   -7.801  10.557  1.00 32.35  ? 75  ALA A O   1 
ATOM   538  C  CB  . ALA A 1 75  ? 6.720   -10.122 12.768  1.00 32.97  ? 75  ALA A CB  1 
ATOM   539  N  N   . GLN A 1 76  ? 7.816   -9.147  9.933   1.00 35.11  ? 76  GLN A N   1 
ATOM   540  C  CA  . GLN A 1 76  ? 7.588   -8.991  8.503   1.00 29.88  ? 76  GLN A CA  1 
ATOM   541  C  C   . GLN A 1 76  ? 7.714   -10.342 7.820   1.00 35.26  ? 76  GLN A C   1 
ATOM   542  O  O   . GLN A 1 76  ? 8.433   -11.228 8.294   1.00 30.35  ? 76  GLN A O   1 
ATOM   543  C  CB  . GLN A 1 76  ? 8.578   -8.012  7.859   1.00 35.62  ? 76  GLN A CB  1 
ATOM   544  C  CG  . GLN A 1 76  ? 8.234   -6.547  8.025   1.00 43.88  ? 76  GLN A CG  1 
ATOM   545  C  CD  . GLN A 1 76  ? 9.095   -5.660  7.146   1.00 54.89  ? 76  GLN A CD  1 
ATOM   546  O  OE1 . GLN A 1 76  ? 10.075  -6.117  6.557   1.00 59.49  ? 76  GLN A OE1 1 
ATOM   547  N  NE2 . GLN A 1 76  ? 8.728   -4.386  7.046   1.00 55.97  ? 76  GLN A NE2 1 
ATOM   548  N  N   . ARG A 1 77  ? 7.021   -10.495 6.692   1.00 26.06  ? 77  ARG A N   1 
ATOM   549  C  CA  . ARG A 1 77  ? 7.147   -11.729 5.935   1.00 29.08  ? 77  ARG A CA  1 
ATOM   550  C  C   . ARG A 1 77  ? 6.741   -11.495 4.489   1.00 27.01  ? 77  ARG A C   1 
ATOM   551  O  O   . ARG A 1 77  ? 5.785   -10.765 4.211   1.00 23.14  ? 77  ARG A O   1 
ATOM   552  C  CB  . ARG A 1 77  ? 6.304   -12.853 6.544   1.00 31.40  ? 77  ARG A CB  1 
ATOM   553  C  CG  . ARG A 1 77  ? 6.723   -14.235 6.069   1.00 37.88  ? 77  ARG A CG  1 
ATOM   554  C  CD  . ARG A 1 77  ? 6.006   -15.325 6.830   1.00 39.75  ? 77  ARG A CD  1 
ATOM   555  N  NE  . ARG A 1 77  ? 6.136   -15.157 8.273   1.00 42.98  ? 77  ARG A NE  1 
ATOM   556  C  CZ  . ARG A 1 77  ? 5.542   -15.938 9.168   1.00 39.84  ? 77  ARG A CZ  1 
ATOM   557  N  NH1 . ARG A 1 77  ? 4.775   -16.943 8.765   1.00 39.06  ? 77  ARG A NH1 1 
ATOM   558  N  NH2 . ARG A 1 77  ? 5.710   -15.715 10.465  1.00 36.34  ? 77  ARG A NH2 1 
ATOM   559  N  N   . VAL A 1 78  ? 7.479   -12.118 3.581   1.00 24.98  ? 78  VAL A N   1 
ATOM   560  C  CA  . VAL A 1 78  ? 7.155   -12.112 2.161   1.00 25.33  ? 78  VAL A CA  1 
ATOM   561  C  C   . VAL A 1 78  ? 6.328   -13.354 1.863   1.00 25.38  ? 78  VAL A C   1 
ATOM   562  O  O   . VAL A 1 78  ? 6.732   -14.474 2.199   1.00 28.29  ? 78  VAL A O   1 
ATOM   563  C  CB  . VAL A 1 78  ? 8.437   -12.073 1.313   1.00 25.24  ? 78  VAL A CB  1 
ATOM   564  C  CG1 . VAL A 1 78  ? 8.105   -12.073 -0.160  1.00 23.72  ? 78  VAL A CG1 1 
ATOM   565  C  CG2 . VAL A 1 78  ? 9.262   -10.852 1.670   1.00 25.76  ? 78  VAL A CG2 1 
ATOM   566  N  N   . VAL A 1 79  ? 5.163   -13.165 1.250   1.00 20.80  ? 79  VAL A N   1 
ATOM   567  C  CA  . VAL A 1 79  ? 4.201   -14.243 1.050   1.00 20.91  ? 79  VAL A CA  1 
ATOM   568  C  C   . VAL A 1 79  ? 3.866   -14.342 -0.432  1.00 21.51  ? 79  VAL A C   1 
ATOM   569  O  O   . VAL A 1 79  ? 3.493   -13.344 -1.060  1.00 20.06  ? 79  VAL A O   1 
ATOM   570  C  CB  . VAL A 1 79  ? 2.928   -14.024 1.887   1.00 26.22  ? 79  VAL A CB  1 
ATOM   571  C  CG1 . VAL A 1 79  ? 1.966   -15.189 1.710   1.00 27.36  ? 79  VAL A CG1 1 
ATOM   572  C  CG2 . VAL A 1 79  ? 3.285   -13.856 3.354   1.00 25.35  ? 79  VAL A CG2 1 
ATOM   573  N  N   . ALA A 1 80  ? 3.988   -15.548 -0.982  1.00 17.81  ? 80  ALA A N   1 
ATOM   574  C  CA  . ALA A 1 80  ? 3.617   -15.820 -2.365  1.00 18.27  ? 80  ALA A CA  1 
ATOM   575  C  C   . ALA A 1 80  ? 2.152   -16.238 -2.407  1.00 22.06  ? 80  ALA A C   1 
ATOM   576  O  O   . ALA A 1 80  ? 1.751   -17.181 -1.715  1.00 23.75  ? 80  ALA A O   1 
ATOM   577  C  CB  . ALA A 1 80  ? 4.510   -16.906 -2.962  1.00 21.56  ? 80  ALA A CB  1 
ATOM   578  N  N   . CYS A 1 81  ? 1.355   -15.540 -3.217  1.00 22.75  ? 81  CYS A N   1 
ATOM   579  C  CA  . CYS A 1 81  ? -0.087  -15.741 -3.250  1.00 18.55  ? 81  CYS A CA  1 
ATOM   580  C  C   . CYS A 1 81  ? -0.559  -15.978 -4.677  1.00 24.23  ? 81  CYS A C   1 
ATOM   581  O  O   . CYS A 1 81  ? 0.145   -15.683 -5.646  1.00 18.95  ? 81  CYS A O   1 
ATOM   582  C  CB  . CYS A 1 81  ? -0.837  -14.536 -2.664  1.00 23.88  ? 81  CYS A CB  1 
ATOM   583  S  SG  . CYS A 1 81  ? -0.328  -14.059 -1.005  1.00 25.16  ? 81  CYS A SG  1 
ATOM   584  N  N   . GLN A 1 82  ? -1.779  -16.509 -4.790  1.00 23.59  ? 82  GLN A N   1 
ATOM   585  C  CA  . GLN A 1 82  ? -2.433  -16.686 -6.082  1.00 27.40  ? 82  GLN A CA  1 
ATOM   586  C  C   . GLN A 1 82  ? -3.924  -16.882 -5.856  1.00 27.45  ? 82  GLN A C   1 
ATOM   587  O  O   . GLN A 1 82  ? -4.323  -17.762 -5.088  1.00 29.42  ? 82  GLN A O   1 
ATOM   588  C  CB  . GLN A 1 82  ? -1.854  -17.881 -6.850  1.00 27.40  ? 82  GLN A CB  1 
ATOM   589  C  CG  . GLN A 1 82  ? -2.491  -18.092 -8.220  1.00 30.99  ? 82  GLN A CG  1 
ATOM   590  C  CD  . GLN A 1 82  ? -1.891  -19.261 -8.984  1.00 41.44  ? 82  GLN A CD  1 
ATOM   591  O  OE1 . GLN A 1 82  ? -1.366  -20.204 -8.391  1.00 48.43  ? 82  GLN A OE1 1 
ATOM   592  N  NE2 . GLN A 1 82  ? -1.960  -19.199 -10.310 1.00 40.92  ? 82  GLN A NE2 1 
ATOM   593  N  N   . HIS A 1 83  ? -4.742  -16.070 -6.522  1.00 29.50  ? 83  HIS A N   1 
ATOM   594  C  CA  . HIS A 1 83  ? -6.188  -16.208 -6.420  1.00 30.03  ? 83  HIS A CA  1 
ATOM   595  C  C   . HIS A 1 83  ? -6.819  -15.868 -7.763  1.00 29.32  ? 83  HIS A C   1 
ATOM   596  O  O   . HIS A 1 83  ? -6.150  -15.412 -8.694  1.00 29.64  ? 83  HIS A O   1 
ATOM   597  C  CB  . HIS A 1 83  ? -6.763  -15.328 -5.302  1.00 25.05  ? 83  HIS A CB  1 
ATOM   598  C  CG  . HIS A 1 83  ? -6.428  -13.874 -5.434  1.00 28.53  ? 83  HIS A CG  1 
ATOM   599  N  ND1 . HIS A 1 83  ? -6.821  -13.112 -6.513  1.00 30.93  ? 83  HIS A ND1 1 
ATOM   600  C  CD2 . HIS A 1 83  ? -5.751  -13.038 -4.612  1.00 28.30  ? 83  HIS A CD2 1 
ATOM   601  C  CE1 . HIS A 1 83  ? -6.391  -11.872 -6.356  1.00 32.80  ? 83  HIS A CE1 1 
ATOM   602  N  NE2 . HIS A 1 83  ? -5.740  -11.801 -5.210  1.00 31.55  ? 83  HIS A NE2 1 
ATOM   603  N  N   . GLY A 1 84  ? -8.128  -16.095 -7.848  1.00 30.73  ? 84  GLY A N   1 
ATOM   604  C  CA  . GLY A 1 84  ? -8.876  -15.837 -9.055  1.00 29.51  ? 84  GLY A CA  1 
ATOM   605  C  C   . GLY A 1 84  ? -9.089  -14.360 -9.308  1.00 31.27  ? 84  GLY A C   1 
ATOM   606  O  O   . GLY A 1 84  ? -8.860  -13.513 -8.437  1.00 25.28  ? 84  GLY A O   1 
ATOM   607  N  N   . PRO A 1 85  ? -9.553  -14.024 -10.517 1.00 28.89  ? 85  PRO A N   1 
ATOM   608  C  CA  . PRO A 1 85  ? -9.686  -12.606 -10.897 1.00 28.02  ? 85  PRO A CA  1 
ATOM   609  C  C   . PRO A 1 85  ? -10.718 -11.832 -10.089 1.00 28.61  ? 85  PRO A C   1 
ATOM   610  O  O   . PRO A 1 85  ? -10.807 -10.609 -10.256 1.00 30.55  ? 85  PRO A O   1 
ATOM   611  C  CB  . PRO A 1 85  ? -10.096 -12.674 -12.376 1.00 28.68  ? 85  PRO A CB  1 
ATOM   612  C  CG  . PRO A 1 85  ? -9.727  -14.055 -12.823 1.00 35.25  ? 85  PRO A CG  1 
ATOM   613  C  CD  . PRO A 1 85  ? -9.894  -14.929 -11.623 1.00 27.08  ? 85  PRO A CD  1 
ATOM   614  N  N   . ALA A 1 86  ? -11.498 -12.489 -9.226  1.00 25.78  ? 86  ALA A N   1 
ATOM   615  C  CA  . ALA A 1 86  ? -12.511 -11.798 -8.433  1.00 27.87  ? 86  ALA A CA  1 
ATOM   616  C  C   . ALA A 1 86  ? -12.375 -12.084 -6.941  1.00 28.71  ? 86  ALA A C   1 
ATOM   617  O  O   . ALA A 1 86  ? -13.314 -11.827 -6.181  1.00 25.92  ? 86  ALA A O   1 
ATOM   618  C  CB  . ALA A 1 86  ? -13.916 -12.171 -8.911  1.00 31.46  ? 86  ALA A CB  1 
ATOM   619  N  N   . ASP A 1 87  ? -11.231 -12.609 -6.505  1.00 24.75  ? 87  ASP A N   1 
ATOM   620  C  CA  . ASP A 1 87  ? -11.010 -12.951 -5.107  1.00 27.73  ? 87  ASP A CA  1 
ATOM   621  C  C   . ASP A 1 87  ? -10.183 -11.916 -4.364  1.00 22.72  ? 87  ASP A C   1 
ATOM   622  O  O   . ASP A 1 87  ? -9.858  -12.131 -3.194  1.00 23.10  ? 87  ASP A O   1 
ATOM   623  C  CB  . ASP A 1 87  ? -10.311 -14.310 -4.996  1.00 29.45  ? 87  ASP A CB  1 
ATOM   624  C  CG  . ASP A 1 87  ? -11.156 -15.446 -5.516  1.00 32.94  ? 87  ASP A CG  1 
ATOM   625  O  OD1 . ASP A 1 87  ? -12.384 -15.427 -5.290  1.00 36.56  ? 87  ASP A OD1 1 
ATOM   626  O  OD2 . ASP A 1 87  ? -10.585 -16.356 -6.152  1.00 38.91  ? 87  ASP A OD2 1 
ATOM   627  N  N   . MET A 1 88  ? -9.829  -10.806 -5.010  1.00 22.80  ? 88  MET A N   1 
ATOM   628  C  CA  . MET A 1 88  ? -8.875  -9.876  -4.413  1.00 29.52  ? 88  MET A CA  1 
ATOM   629  C  C   . MET A 1 88  ? -9.430  -9.248  -3.140  1.00 24.56  ? 88  MET A C   1 
ATOM   630  O  O   . MET A 1 88  ? -8.746  -9.210  -2.111  1.00 21.75  ? 88  MET A O   1 
ATOM   631  C  CB  . MET A 1 88  ? -8.493  -8.796  -5.419  1.00 27.89  ? 88  MET A CB  1 
ATOM   632  C  CG  . MET A 1 88  ? -7.225  -8.060  -5.049  1.00 36.87  ? 88  MET A CG  1 
ATOM   633  S  SD  . MET A 1 88  ? -6.950  -6.682  -6.160  1.00 47.92  ? 88  MET A SD  1 
ATOM   634  C  CE  . MET A 1 88  ? -8.125  -5.561  -5.426  1.00 38.07  ? 88  MET A CE  1 
ATOM   635  N  N   . LYS A 1 89  ? -10.667 -8.749  -3.189  1.00 24.93  ? 89  LYS A N   1 
ATOM   636  C  CA  . LYS A 1 89  ? -11.263 -8.134  -2.005  1.00 24.94  ? 89  LYS A CA  1 
ATOM   637  C  C   . LYS A 1 89  ? -11.312 -9.111  -0.838  1.00 24.71  ? 89  LYS A C   1 
ATOM   638  O  O   . LYS A 1 89  ? -10.986 -8.748  0.298   1.00 25.51  ? 89  LYS A O   1 
ATOM   639  C  CB  . LYS A 1 89  ? -12.664 -7.613  -2.325  1.00 27.25  ? 89  LYS A CB  1 
ATOM   640  C  CG  . LYS A 1 89  ? -13.317 -6.863  -1.169  1.00 26.78  ? 89  LYS A CG  1 
ATOM   641  C  CD  . LYS A 1 89  ? -14.621 -6.205  -1.591  1.00 37.65  ? 89  LYS A CD  1 
ATOM   642  C  CE  . LYS A 1 89  ? -15.120 -5.246  -0.518  1.00 42.83  ? 89  LYS A CE  1 
ATOM   643  N  NZ  . LYS A 1 89  ? -16.333 -4.497  -0.954  1.00 45.79  ? 89  LYS A NZ  1 
ATOM   644  N  N   . ASP A 1 90  ? -11.710 -10.359 -1.099  1.00 24.15  ? 90  ASP A N   1 
ATOM   645  C  CA  . ASP A 1 90  ? -11.789 -11.345 -0.027  1.00 26.10  ? 90  ASP A CA  1 
ATOM   646  C  C   . ASP A 1 90  ? -10.413 -11.642 0.553   1.00 23.99  ? 90  ASP A C   1 
ATOM   647  O  O   . ASP A 1 90  ? -10.265 -11.806 1.770   1.00 22.07  ? 90  ASP A O   1 
ATOM   648  C  CB  . ASP A 1 90  ? -12.440 -12.628 -0.540  1.00 27.69  ? 90  ASP A CB  1 
ATOM   649  C  CG  . ASP A 1 90  ? -12.631 -13.656 0.554   1.00 28.98  ? 90  ASP A CG  1 
ATOM   650  O  OD1 . ASP A 1 90  ? -13.143 -13.288 1.630   1.00 34.52  ? 90  ASP A OD1 1 
ATOM   651  O  OD2 . ASP A 1 90  ? -12.264 -14.829 0.338   1.00 29.99  ? 90  ASP A OD2 1 
ATOM   652  N  N   . GLU A 1 91  ? -9.391  -11.716 -0.304  1.00 21.04  ? 91  GLU A N   1 
ATOM   653  C  CA  . GLU A 1 91  ? -8.039  -11.975 0.179   1.00 23.73  ? 91  GLU A CA  1 
ATOM   654  C  C   . GLU A 1 91  ? -7.542  -10.829 1.053   1.00 18.70  ? 91  GLU A C   1 
ATOM   655  O  O   . GLU A 1 91  ? -6.970  -11.052 2.125   1.00 18.59  ? 91  GLU A O   1 
ATOM   656  C  CB  . GLU A 1 91  ? -7.095  -12.192 -1.003  1.00 23.10  ? 91  GLU A CB  1 
ATOM   657  C  CG  . GLU A 1 91  ? -5.670  -12.510 -0.597  1.00 22.62  ? 91  GLU A CG  1 
ATOM   658  C  CD  . GLU A 1 91  ? -4.657  -11.891 -1.537  1.00 28.22  ? 91  GLU A CD  1 
ATOM   659  O  OE1 . GLU A 1 91  ? -4.911  -10.768 -2.013  1.00 39.17  ? 91  GLU A OE1 1 
ATOM   660  O  OE2 . GLU A 1 91  ? -3.616  -12.523 -1.806  1.00 25.27  ? 91  GLU A OE2 1 
ATOM   661  N  N   . LEU A 1 92  ? -7.759  -9.590  0.607   1.00 18.94  ? 92  LEU A N   1 
ATOM   662  C  CA  . LEU A 1 92  ? -7.284  -8.436  1.363   1.00 22.53  ? 92  LEU A CA  1 
ATOM   663  C  C   . LEU A 1 92  ? -8.037  -8.287  2.678   1.00 21.04  ? 92  LEU A C   1 
ATOM   664  O  O   . LEU A 1 92  ? -7.430  -7.999  3.716   1.00 20.96  ? 92  LEU A O   1 
ATOM   665  C  CB  . LEU A 1 92  ? -7.414  -7.168  0.521   1.00 17.50  ? 92  LEU A CB  1 
ATOM   666  C  CG  . LEU A 1 92  ? -6.619  -7.120  -0.788  1.00 20.20  ? 92  LEU A CG  1 
ATOM   667  C  CD1 . LEU A 1 92  ? -6.964  -5.865  -1.572  1.00 22.40  ? 92  LEU A CD1 1 
ATOM   668  C  CD2 . LEU A 1 92  ? -5.128  -7.184  -0.509  1.00 18.01  ? 92  LEU A CD2 1 
ATOM   669  N  N   . LEU A 1 93  ? -9.361  -8.470  2.653   1.00 19.79  ? 93  LEU A N   1 
ATOM   670  C  CA  . LEU A 1 93  ? -10.142 -8.396  3.883   1.00 19.75  ? 93  LEU A CA  1 
ATOM   671  C  C   . LEU A 1 93  ? -9.699  -9.458  4.881   1.00 25.68  ? 93  LEU A C   1 
ATOM   672  O  O   . LEU A 1 93  ? -9.686  -9.216  6.093   1.00 22.40  ? 93  LEU A O   1 
ATOM   673  C  CB  . LEU A 1 93  ? -11.632 -8.541  3.571   1.00 23.00  ? 93  LEU A CB  1 
ATOM   674  C  CG  . LEU A 1 93  ? -12.314 -7.340  2.912   1.00 24.02  ? 93  LEU A CG  1 
ATOM   675  C  CD1 . LEU A 1 93  ? -13.758 -7.661  2.560   1.00 29.88  ? 93  LEU A CD1 1 
ATOM   676  C  CD2 . LEU A 1 93  ? -12.250 -6.125  3.831   1.00 25.94  ? 93  LEU A CD2 1 
ATOM   677  N  N   . THR A 1 94  ? -9.326  -10.643 4.388   1.00 21.14  ? 94  THR A N   1 
ATOM   678  C  CA  . THR A 1 94  ? -8.841  -11.694 5.276   1.00 20.56  ? 94  THR A CA  1 
ATOM   679  C  C   . THR A 1 94  ? -7.608  -11.235 6.045   1.00 22.59  ? 94  THR A C   1 
ATOM   680  O  O   . THR A 1 94  ? -7.480  -11.500 7.246   1.00 21.58  ? 94  THR A O   1 
ATOM   681  C  CB  . THR A 1 94  ? -8.534  -12.957 4.470   1.00 28.28  ? 94  THR A CB  1 
ATOM   682  O  OG1 . THR A 1 94  ? -9.708  -13.366 3.754   1.00 26.70  ? 94  THR A OG1 1 
ATOM   683  C  CG2 . THR A 1 94  ? -8.087  -14.087 5.387   1.00 22.98  ? 94  THR A CG2 1 
ATOM   684  N  N   . LEU A 1 95  ? -6.701  -10.523 5.374   1.00 18.51  ? 95  LEU A N   1 
ATOM   685  C  CA  . LEU A 1 95  ? -5.468  -10.091 6.023   1.00 18.43  ? 95  LEU A CA  1 
ATOM   686  C  C   . LEU A 1 95  ? -5.728  -8.981  7.039   1.00 22.92  ? 95  LEU A C   1 
ATOM   687  O  O   . LEU A 1 95  ? -5.233  -9.038  8.170   1.00 22.79  ? 95  LEU A O   1 
ATOM   688  C  CB  . LEU A 1 95  ? -4.458  -9.642  4.965   1.00 20.70  ? 95  LEU A CB  1 
ATOM   689  C  CG  . LEU A 1 95  ? -3.954  -10.786 4.077   1.00 19.93  ? 95  LEU A CG  1 
ATOM   690  C  CD1 . LEU A 1 95  ? -3.190  -10.265 2.871   1.00 18.54  ? 95  LEU A CD1 1 
ATOM   691  C  CD2 . LEU A 1 95  ? -3.088  -11.739 4.884   1.00 22.20  ? 95  LEU A CD2 1 
ATOM   692  N  N   . VAL A 1 96  ? -6.501  -7.961  6.659   1.00 23.54  ? 96  VAL A N   1 
ATOM   693  C  CA  . VAL A 1 96  ? -6.695  -6.841  7.579   1.00 23.47  ? 96  VAL A CA  1 
ATOM   694  C  C   . VAL A 1 96  ? -7.525  -7.266  8.785   1.00 23.35  ? 96  VAL A C   1 
ATOM   695  O  O   . VAL A 1 96  ? -7.345  -6.733  9.887   1.00 22.54  ? 96  VAL A O   1 
ATOM   696  C  CB  . VAL A 1 96  ? -7.318  -5.630  6.860   1.00 23.59  ? 96  VAL A CB  1 
ATOM   697  C  CG1 . VAL A 1 96  ? -6.360  -5.090  5.802   1.00 24.63  ? 96  VAL A CG1 1 
ATOM   698  C  CG2 . VAL A 1 96  ? -8.666  -5.988  6.250   1.00 20.24  ? 96  VAL A CG2 1 
ATOM   699  N  N   . ASP A 1 97  ? -8.426  -8.237  8.616   1.00 21.16  ? 97  ASP A N   1 
ATOM   700  C  CA  . ASP A 1 97  ? -9.207  -8.703  9.756   1.00 22.54  ? 97  ASP A CA  1 
ATOM   701  C  C   . ASP A 1 97  ? -8.352  -9.435  10.782  1.00 26.21  ? 97  ASP A C   1 
ATOM   702  O  O   . ASP A 1 97  ? -8.790  -9.610  11.923  1.00 22.72  ? 97  ASP A O   1 
ATOM   703  C  CB  . ASP A 1 97  ? -10.356 -9.598  9.290   1.00 24.11  ? 97  ASP A CB  1 
ATOM   704  C  CG  . ASP A 1 97  ? -11.505 -8.804  8.709   1.00 27.21  ? 97  ASP A CG  1 
ATOM   705  O  OD1 . ASP A 1 97  ? -11.438 -7.558  8.745   1.00 23.41  ? 97  ASP A OD1 1 
ATOM   706  O  OD2 . ASP A 1 97  ? -12.482 -9.416  8.234   1.00 27.35  ? 97  ASP A OD2 1 
ATOM   707  N  N   . HIS A 1 98  ? -7.147  -9.862  10.412  1.00 22.64  ? 98  HIS A N   1 
ATOM   708  C  CA  . HIS A 1 98  ? -6.207  -10.426 11.370  1.00 26.51  ? 98  HIS A CA  1 
ATOM   709  C  C   . HIS A 1 98  ? -5.232  -9.390  11.915  1.00 26.76  ? 98  HIS A C   1 
ATOM   710  O  O   . HIS A 1 98  ? -4.258  -9.761  12.578  1.00 28.28  ? 98  HIS A O   1 
ATOM   711  C  CB  . HIS A 1 98  ? -5.440  -11.590 10.740  1.00 29.93  ? 98  HIS A CB  1 
ATOM   712  C  CG  . HIS A 1 98  ? -6.222  -12.864 10.688  1.00 30.74  ? 98  HIS A CG  1 
ATOM   713  N  ND1 . HIS A 1 98  ? -7.278  -13.056 9.822   1.00 29.10  ? 98  HIS A ND1 1 
ATOM   714  C  CD2 . HIS A 1 98  ? -6.116  -14.006 11.407  1.00 29.07  ? 98  HIS A CD2 1 
ATOM   715  C  CE1 . HIS A 1 98  ? -7.783  -14.263 10.005  1.00 28.36  ? 98  HIS A CE1 1 
ATOM   716  N  NE2 . HIS A 1 98  ? -7.095  -14.860 10.962  1.00 28.87  ? 98  HIS A NE2 1 
ATOM   717  N  N   . GLY A 1 99  ? -5.476  -8.107  11.665  1.00 21.86  ? 99  GLY A N   1 
ATOM   718  C  CA  . GLY A 1 99  ? -4.584  -7.077  12.158  1.00 24.15  ? 99  GLY A CA  1 
ATOM   719  C  C   . GLY A 1 99  ? -3.264  -6.992  11.434  1.00 25.00  ? 99  GLY A C   1 
ATOM   720  O  O   . GLY A 1 99  ? -2.296  -6.465  11.986  1.00 26.68  ? 99  GLY A O   1 
ATOM   721  N  N   . VAL A 1 100 ? -3.193  -7.498  10.210  1.00 23.17  ? 100 VAL A N   1 
ATOM   722  C  CA  . VAL A 1 100 ? -1.973  -7.476  9.414   1.00 22.70  ? 100 VAL A CA  1 
ATOM   723  C  C   . VAL A 1 100 ? -2.004  -6.260  8.503   1.00 23.21  ? 100 VAL A C   1 
ATOM   724  O  O   . VAL A 1 100 ? -3.039  -5.948  7.899   1.00 23.26  ? 100 VAL A O   1 
ATOM   725  C  CB  . VAL A 1 100 ? -1.830  -8.780  8.603   1.00 24.50  ? 100 VAL A CB  1 
ATOM   726  C  CG1 . VAL A 1 100 ? -0.738  -8.655  7.566   1.00 25.02  ? 100 VAL A CG1 1 
ATOM   727  C  CG2 . VAL A 1 100 ? -1.542  -9.948  9.539   1.00 25.82  ? 100 VAL A CG2 1 
ATOM   728  N  N   . LEU A 1 101 ? -0.874  -5.561  8.413   1.00 22.90  ? 101 LEU A N   1 
ATOM   729  C  CA  . LEU A 1 101 ? -0.713  -4.463  7.467   1.00 23.03  ? 101 LEU A CA  1 
ATOM   730  C  C   . LEU A 1 101 ? -0.254  -5.027  6.127   1.00 23.71  ? 101 LEU A C   1 
ATOM   731  O  O   . LEU A 1 101 ? 0.810   -5.648  6.041   1.00 21.35  ? 101 LEU A O   1 
ATOM   732  C  CB  . LEU A 1 101 ? 0.296   -3.436  7.984   1.00 25.75  ? 101 LEU A CB  1 
ATOM   733  C  CG  . LEU A 1 101 ? 0.664   -2.309  7.008   1.00 25.07  ? 101 LEU A CG  1 
ATOM   734  C  CD1 . LEU A 1 101 ? -0.487  -1.324  6.838   1.00 26.60  ? 101 LEU A CD1 1 
ATOM   735  C  CD2 . LEU A 1 101 ? 1.934   -1.589  7.448   1.00 28.63  ? 101 LEU A CD2 1 
ATOM   736  N  N   . ILE A 1 102 ? -1.057  -4.814  5.087   1.00 20.33  ? 102 ILE A N   1 
ATOM   737  C  CA  . ILE A 1 102 ? -0.671  -5.217  3.740   1.00 21.28  ? 102 ILE A CA  1 
ATOM   738  C  C   . ILE A 1 102 ? 0.215   -4.119  3.166   1.00 18.47  ? 102 ILE A C   1 
ATOM   739  O  O   . ILE A 1 102 ? -0.280  -3.157  2.573   1.00 18.06  ? 102 ILE A O   1 
ATOM   740  C  CB  . ILE A 1 102 ? -1.904  -5.473  2.855   1.00 24.18  ? 102 ILE A CB  1 
ATOM   741  C  CG1 . ILE A 1 102 ? -2.897  -6.377  3.590   1.00 17.95  ? 102 ILE A CG1 1 
ATOM   742  C  CG2 . ILE A 1 102 ? -1.487  -6.102  1.534   1.00 23.75  ? 102 ILE A CG2 1 
ATOM   743  C  CD1 . ILE A 1 102 ? -4.253  -6.470  2.927   1.00 18.55  ? 102 ILE A CD1 1 
ATOM   744  N  N   . LYS A 1 103 ? 1.530   -4.252  3.349   1.00 23.09  ? 103 LYS A N   1 
ATOM   745  C  CA  . LYS A 1 103 ? 2.423   -3.140  3.037   1.00 22.58  ? 103 LYS A CA  1 
ATOM   746  C  C   . LYS A 1 103 ? 2.485   -2.876  1.538   1.00 27.74  ? 103 LYS A C   1 
ATOM   747  O  O   . LYS A 1 103 ? 2.457   -1.717  1.109   1.00 22.25  ? 103 LYS A O   1 
ATOM   748  C  CB  . LYS A 1 103 ? 3.821   -3.405  3.596   1.00 25.26  ? 103 LYS A CB  1 
ATOM   749  C  CG  . LYS A 1 103 ? 4.682   -2.150  3.661   1.00 33.91  ? 103 LYS A CG  1 
ATOM   750  C  CD  . LYS A 1 103 ? 6.006   -2.389  4.371   1.00 43.04  ? 103 LYS A CD  1 
ATOM   751  C  CE  . LYS A 1 103 ? 7.011   -3.056  3.449   1.00 43.20  ? 103 LYS A CE  1 
ATOM   752  N  NZ  . LYS A 1 103 ? 7.292   -2.220  2.249   1.00 46.26  ? 103 LYS A NZ  1 
ATOM   753  N  N   . ASP A 1 104 ? 2.556   -3.928  0.726   1.00 23.58  ? 104 ASP A N   1 
ATOM   754  C  CA  . ASP A 1 104 ? 2.626   -3.742  -0.717  1.00 23.33  ? 104 ASP A CA  1 
ATOM   755  C  C   . ASP A 1 104 ? 2.159   -5.013  -1.416  1.00 23.44  ? 104 ASP A C   1 
ATOM   756  O  O   . ASP A 1 104 ? 1.841   -6.024  -0.782  1.00 24.74  ? 104 ASP A O   1 
ATOM   757  C  CB  . ASP A 1 104 ? 4.042   -3.344  -1.162  1.00 20.30  ? 104 ASP A CB  1 
ATOM   758  C  CG  . ASP A 1 104 ? 5.105   -4.349  -0.738  1.00 29.90  ? 104 ASP A CG  1 
ATOM   759  O  OD1 . ASP A 1 104 ? 4.845   -5.569  -0.779  1.00 32.29  ? 104 ASP A OD1 1 
ATOM   760  O  OD2 . ASP A 1 104 ? 6.219   -3.913  -0.373  1.00 30.86  ? 104 ASP A OD2 1 
ATOM   761  N  N   . VAL A 1 105 ? 2.119   -4.940  -2.742  1.00 18.48  ? 105 VAL A N   1 
ATOM   762  C  CA  . VAL A 1 105 ? 1.878   -6.085  -3.610  1.00 20.16  ? 105 VAL A CA  1 
ATOM   763  C  C   . VAL A 1 105 ? 2.885   -5.996  -4.749  1.00 23.36  ? 105 VAL A C   1 
ATOM   764  O  O   . VAL A 1 105 ? 3.283   -4.904  -5.163  1.00 19.60  ? 105 VAL A O   1 
ATOM   765  C  CB  . VAL A 1 105 ? 0.427   -6.112  -4.140  1.00 19.65  ? 105 VAL A CB  1 
ATOM   766  C  CG1 . VAL A 1 105 ? 0.133   -4.870  -4.974  1.00 25.52  ? 105 VAL A CG1 1 
ATOM   767  C  CG2 . VAL A 1 105 ? 0.159   -7.385  -4.945  1.00 18.70  ? 105 VAL A CG2 1 
ATOM   768  N  N   . THR A 1 106 ? 3.327   -7.152  -5.238  1.00 19.10  ? 106 THR A N   1 
ATOM   769  C  CA  . THR A 1 106 ? 4.288   -7.199  -6.332  1.00 20.64  ? 106 THR A CA  1 
ATOM   770  C  C   . THR A 1 106 ? 3.823   -8.207  -7.369  1.00 21.46  ? 106 THR A C   1 
ATOM   771  O  O   . THR A 1 106 ? 3.402   -9.313  -7.016  1.00 18.10  ? 106 THR A O   1 
ATOM   772  C  CB  . THR A 1 106 ? 5.691   -7.568  -5.837  1.00 21.62  ? 106 THR A CB  1 
ATOM   773  O  OG1 . THR A 1 106 ? 6.090   -6.659  -4.804  1.00 20.72  ? 106 THR A OG1 1 
ATOM   774  C  CG2 . THR A 1 106 ? 6.692   -7.491  -6.979  1.00 25.49  ? 106 THR A CG2 1 
ATOM   775  N  N   . VAL A 1 107 ? 3.894   -7.823  -8.640  1.00 19.64  ? 107 VAL A N   1 
ATOM   776  C  CA  . VAL A 1 107 ? 3.585   -8.713  -9.751  1.00 21.04  ? 107 VAL A CA  1 
ATOM   777  C  C   . VAL A 1 107 ? 4.822   -8.838  -10.630 1.00 22.75  ? 107 VAL A C   1 
ATOM   778  O  O   . VAL A 1 107 ? 5.520   -7.849  -10.885 1.00 23.46  ? 107 VAL A O   1 
ATOM   779  C  CB  . VAL A 1 107 ? 2.369   -8.221  -10.565 1.00 28.98  ? 107 VAL A CB  1 
ATOM   780  C  CG1 . VAL A 1 107 ? 1.141   -8.168  -9.680  1.00 31.79  ? 107 VAL A CG1 1 
ATOM   781  C  CG2 . VAL A 1 107 ? 2.633   -6.850  -11.174 1.00 31.43  ? 107 VAL A CG2 1 
ATOM   782  N  N   . ASP A 1 108 ? 5.106   -10.066 -11.063 1.00 19.24  ? 108 ASP A N   1 
ATOM   783  C  CA  . ASP A 1 108 ? 6.221   -10.365 -11.961 1.00 21.64  ? 108 ASP A CA  1 
ATOM   784  C  C   . ASP A 1 108 ? 5.741   -10.107 -13.385 1.00 26.10  ? 108 ASP A C   1 
ATOM   785  O  O   . ASP A 1 108 ? 5.215   -10.992 -14.057 1.00 23.33  ? 108 ASP A O   1 
ATOM   786  C  CB  . ASP A 1 108 ? 6.686   -11.807 -11.770 1.00 19.86  ? 108 ASP A CB  1 
ATOM   787  C  CG  . ASP A 1 108 ? 7.976   -12.124 -12.520 1.00 22.85  ? 108 ASP A CG  1 
ATOM   788  O  OD1 . ASP A 1 108 ? 8.289   -11.437 -13.512 1.00 24.76  ? 108 ASP A OD1 1 
ATOM   789  O  OD2 . ASP A 1 108 ? 8.676   -13.081 -12.118 1.00 23.19  ? 108 ASP A OD2 1 
ATOM   790  N  N   . HIS A 1 109 ? 5.929   -8.869  -13.855 1.00 27.10  ? 109 HIS A N   1 
ATOM   791  C  CA  . HIS A 1 109 ? 5.394   -8.479  -15.157 1.00 28.65  ? 109 HIS A CA  1 
ATOM   792  C  C   . HIS A 1 109 ? 6.359   -8.875  -16.274 1.00 29.21  ? 109 HIS A C   1 
ATOM   793  O  O   . HIS A 1 109 ? 7.571   -8.682  -16.147 1.00 28.79  ? 109 HIS A O   1 
ATOM   794  C  CB  . HIS A 1 109 ? 5.140   -6.972  -15.201 1.00 30.34  ? 109 HIS A CB  1 
ATOM   795  C  CG  . HIS A 1 109 ? 4.252   -6.540  -16.325 1.00 35.85  ? 109 HIS A CG  1 
ATOM   796  N  ND1 . HIS A 1 109 ? 4.720   -6.324  -17.604 1.00 36.10  ? 109 HIS A ND1 1 
ATOM   797  C  CD2 . HIS A 1 109 ? 2.924   -6.282  -16.363 1.00 37.03  ? 109 HIS A CD2 1 
ATOM   798  C  CE1 . HIS A 1 109 ? 3.718   -5.954  -18.380 1.00 39.35  ? 109 HIS A CE1 1 
ATOM   799  N  NE2 . HIS A 1 109 ? 2.616   -5.920  -17.652 1.00 38.04  ? 109 HIS A NE2 1 
ATOM   800  N  N   . PRO A 1 110 ? 5.848   -9.419  -17.384 1.00 33.93  ? 110 PRO A N   1 
ATOM   801  C  CA  . PRO A 1 110 ? 6.739   -9.866  -18.468 1.00 35.21  ? 110 PRO A CA  1 
ATOM   802  C  C   . PRO A 1 110 ? 7.450   -8.739  -19.200 1.00 35.41  ? 110 PRO A C   1 
ATOM   803  O  O   . PRO A 1 110 ? 8.409   -9.015  -19.931 1.00 40.81  ? 110 PRO A O   1 
ATOM   804  C  CB  . PRO A 1 110 ? 5.790   -10.618 -19.411 1.00 41.61  ? 110 PRO A CB  1 
ATOM   805  C  CG  . PRO A 1 110 ? 4.450   -9.998  -19.156 1.00 39.84  ? 110 PRO A CG  1 
ATOM   806  C  CD  . PRO A 1 110 ? 4.430   -9.686  -17.687 1.00 36.26  ? 110 PRO A CD  1 
ATOM   807  N  N   . VAL A 1 111 ? 7.023   -7.492  -19.034 1.00 32.60  ? 111 VAL A N   1 
ATOM   808  C  CA  . VAL A 1 111 ? 7.619   -6.353  -19.721 1.00 36.23  ? 111 VAL A CA  1 
ATOM   809  C  C   . VAL A 1 111 ? 8.422   -5.483  -18.760 1.00 30.32  ? 111 VAL A C   1 
ATOM   810  O  O   . VAL A 1 111 ? 9.581   -5.161  -19.022 1.00 29.33  ? 111 VAL A O   1 
ATOM   811  C  CB  . VAL A 1 111 ? 6.540   -5.521  -20.450 1.00 39.82  ? 111 VAL A CB  1 
ATOM   812  C  CG1 . VAL A 1 111 ? 7.167   -4.309  -21.115 1.00 41.69  ? 111 VAL A CG1 1 
ATOM   813  C  CG2 . VAL A 1 111 ? 5.812   -6.382  -21.470 1.00 42.31  ? 111 VAL A CG2 1 
ATOM   814  N  N   . TYR A 1 112 ? 7.820   -5.099  -17.636 1.00 30.48  ? 112 TYR A N   1 
ATOM   815  C  CA  . TYR A 1 112 ? 8.464   -4.199  -16.690 1.00 28.79  ? 112 TYR A CA  1 
ATOM   816  C  C   . TYR A 1 112 ? 9.368   -4.907  -15.692 1.00 30.09  ? 112 TYR A C   1 
ATOM   817  O  O   . TYR A 1 112 ? 10.171  -4.238  -15.032 1.00 30.17  ? 112 TYR A O   1 
ATOM   818  C  CB  . TYR A 1 112 ? 7.415   -3.415  -15.901 1.00 30.42  ? 112 TYR A CB  1 
ATOM   819  C  CG  . TYR A 1 112 ? 6.510   -2.533  -16.726 1.00 40.27  ? 112 TYR A CG  1 
ATOM   820  C  CD1 . TYR A 1 112 ? 6.846   -1.213  -16.990 1.00 42.16  ? 112 TYR A CD1 1 
ATOM   821  C  CD2 . TYR A 1 112 ? 5.305   -3.014  -17.219 1.00 43.85  ? 112 TYR A CD2 1 
ATOM   822  C  CE1 . TYR A 1 112 ? 6.009   -0.397  -17.733 1.00 52.07  ? 112 TYR A CE1 1 
ATOM   823  C  CE2 . TYR A 1 112 ? 4.466   -2.210  -17.961 1.00 51.99  ? 112 TYR A CE2 1 
ATOM   824  C  CZ  . TYR A 1 112 ? 4.821   -0.904  -18.215 1.00 56.83  ? 112 TYR A CZ  1 
ATOM   825  O  OH  . TYR A 1 112 ? 3.977   -0.107  -18.953 1.00 66.36  ? 112 TYR A OH  1 
ATOM   826  N  N   . GLY A 1 113 ? 9.258   -6.227  -15.557 1.00 25.44  ? 113 GLY A N   1 
ATOM   827  C  CA  . GLY A 1 113 ? 9.864   -6.899  -14.426 1.00 23.23  ? 113 GLY A CA  1 
ATOM   828  C  C   . GLY A 1 113 ? 8.947   -6.820  -13.215 1.00 23.22  ? 113 GLY A C   1 
ATOM   829  O  O   . GLY A 1 113 ? 7.728   -6.659  -13.335 1.00 22.12  ? 113 GLY A O   1 
ATOM   830  N  N   . ASP A 1 114 ? 9.547   -6.929  -12.032 1.00 23.49  ? 114 ASP A N   1 
ATOM   831  C  CA  . ASP A 1 114 ? 8.775   -6.819  -10.800 1.00 25.39  ? 114 ASP A CA  1 
ATOM   832  C  C   . ASP A 1 114 ? 8.180   -5.422  -10.666 1.00 21.06  ? 114 ASP A C   1 
ATOM   833  O  O   . ASP A 1 114 ? 8.896   -4.420  -10.743 1.00 22.57  ? 114 ASP A O   1 
ATOM   834  C  CB  . ASP A 1 114 ? 9.649   -7.136  -9.585  1.00 24.24  ? 114 ASP A CB  1 
ATOM   835  C  CG  . ASP A 1 114 ? 9.675   -8.616  -9.259  1.00 22.45  ? 114 ASP A CG  1 
ATOM   836  O  OD1 . ASP A 1 114 ? 8.724   -9.325  -9.645  1.00 19.17  ? 114 ASP A OD1 1 
ATOM   837  O  OD2 . ASP A 1 114 ? 10.642  -9.068  -8.612  1.00 24.63  ? 114 ASP A OD2 1 
ATOM   838  N  N   . ILE A 1 115 ? 6.868   -5.365  -10.462 1.00 21.44  ? 115 ILE A N   1 
ATOM   839  C  CA  . ILE A 1 115 ? 6.132   -4.121  -10.269 1.00 21.81  ? 115 ILE A CA  1 
ATOM   840  C  C   . ILE A 1 115 ? 5.536   -4.153  -8.870  1.00 24.88  ? 115 ILE A C   1 
ATOM   841  O  O   . ILE A 1 115 ? 4.713   -5.024  -8.567  1.00 21.34  ? 115 ILE A O   1 
ATOM   842  C  CB  . ILE A 1 115 ? 5.022   -3.943  -11.317 1.00 23.43  ? 115 ILE A CB  1 
ATOM   843  C  CG1 . ILE A 1 115 ? 5.596   -3.910  -12.731 1.00 27.36  ? 115 ILE A CG1 1 
ATOM   844  C  CG2 . ILE A 1 115 ? 4.238   -2.679  -11.046 1.00 28.50  ? 115 ILE A CG2 1 
ATOM   845  C  CD1 . ILE A 1 115 ? 4.532   -3.725  -13.791 1.00 35.74  ? 115 ILE A CD1 1 
ATOM   846  N  N   . THR A 1 116 ? 5.933   -3.202  -8.025  1.00 21.68  ? 116 THR A N   1 
ATOM   847  C  CA  . THR A 1 116 ? 5.500   -3.162  -6.634  1.00 25.16  ? 116 THR A CA  1 
ATOM   848  C  C   . THR A 1 116 ? 4.710   -1.888  -6.366  1.00 29.08  ? 116 THR A C   1 
ATOM   849  O  O   . THR A 1 116 ? 5.179   -0.786  -6.674  1.00 24.41  ? 116 THR A O   1 
ATOM   850  C  CB  . THR A 1 116 ? 6.694   -3.245  -5.680  1.00 25.22  ? 116 THR A CB  1 
ATOM   851  O  OG1 . THR A 1 116 ? 7.477   -4.402  -5.993  1.00 29.69  ? 116 THR A OG1 1 
ATOM   852  C  CG2 . THR A 1 116 ? 6.214   -3.342  -4.237  1.00 25.12  ? 116 THR A CG2 1 
ATOM   853  N  N   . ALA A 1 117 ? 3.522   -2.040  -5.781  1.00 22.32  ? 117 ALA A N   1 
ATOM   854  C  CA  . ALA A 1 117 ? 2.672   -0.918  -5.399  1.00 22.06  ? 117 ALA A CA  1 
ATOM   855  C  C   . ALA A 1 117 ? 2.585   -0.832  -3.881  1.00 23.63  ? 117 ALA A C   1 
ATOM   856  O  O   . ALA A 1 117 ? 2.264   -1.824  -3.218  1.00 20.87  ? 117 ALA A O   1 
ATOM   857  C  CB  . ALA A 1 117 ? 1.271   -1.060  -5.997  1.00 22.08  ? 117 ALA A CB  1 
ATOM   858  N  N   . SER A 1 118 ? 2.854   0.354   -3.335  1.00 24.01  ? 118 SER A N   1 
ATOM   859  C  CA  . SER A 1 118 ? 2.854   0.567   -1.886  1.00 21.55  ? 118 SER A CA  1 
ATOM   860  C  C   . SER A 1 118 ? 1.416   0.740   -1.412  1.00 26.62  ? 118 SER A C   1 
ATOM   861  O  O   . SER A 1 118 ? 0.911   1.854   -1.286  1.00 32.56  ? 118 SER A O   1 
ATOM   862  C  CB  . SER A 1 118 ? 3.703   1.780   -1.523  1.00 25.74  ? 118 SER A CB  1 
ATOM   863  O  OG  . SER A 1 118 ? 4.992   1.698   -2.104  1.00 31.12  ? 118 SER A OG  1 
ATOM   864  N  N   . LEU A 1 119 ? 0.746   -0.379  -1.124  1.00 25.32  ? 119 LEU A N   1 
ATOM   865  C  CA  . LEU A 1 119 ? -0.677  -0.321  -0.792  1.00 25.87  ? 119 LEU A CA  1 
ATOM   866  C  C   . LEU A 1 119 ? -0.902  0.222   0.613   1.00 20.90  ? 119 LEU A C   1 
ATOM   867  O  O   . LEU A 1 119 ? -1.698  1.150   0.809   1.00 27.23  ? 119 LEU A O   1 
ATOM   868  C  CB  . LEU A 1 119 ? -1.314  -1.704  -0.940  1.00 24.17  ? 119 LEU A CB  1 
ATOM   869  C  CG  . LEU A 1 119 ? -1.298  -2.339  -2.332  1.00 21.46  ? 119 LEU A CG  1 
ATOM   870  C  CD1 . LEU A 1 119 ? -2.166  -3.593  -2.359  1.00 17.79  ? 119 LEU A CD1 1 
ATOM   871  C  CD2 . LEU A 1 119 ? -1.765  -1.344  -3.378  1.00 22.78  ? 119 LEU A CD2 1 
ATOM   872  N  N   A HIS A 1 120 ? -0.210  -0.349  1.600   0.48 24.14  ? 120 HIS A N   1 
ATOM   873  N  N   B HIS A 1 120 ? -0.221  -0.349  1.608   0.52 23.46  ? 120 HIS A N   1 
ATOM   874  C  CA  A HIS A 1 120 ? -0.341  0.029   3.007   0.48 25.05  ? 120 HIS A CA  1 
ATOM   875  C  CA  B HIS A 1 120 ? -0.348  0.076   3.006   0.52 24.95  ? 120 HIS A CA  1 
ATOM   876  C  C   A HIS A 1 120 ? -1.801  -0.004  3.456   0.48 24.52  ? 120 HIS A C   1 
ATOM   877  C  C   B HIS A 1 120 ? -1.797  -0.013  3.484   0.52 23.93  ? 120 HIS A C   1 
ATOM   878  O  O   A HIS A 1 120 ? -2.311  0.925   4.086   0.48 22.76  ? 120 HIS A O   1 
ATOM   879  O  O   B HIS A 1 120 ? -2.305  0.881   4.163   0.52 23.41  ? 120 HIS A O   1 
ATOM   880  C  CB  A HIS A 1 120 ? 0.301   1.391   3.271   0.48 26.17  ? 120 HIS A CB  1 
ATOM   881  C  CB  B HIS A 1 120 ? 0.208   1.490   3.207   0.52 26.14  ? 120 HIS A CB  1 
ATOM   882  C  CG  A HIS A 1 120 ? 1.795   1.338   3.358   0.48 26.97  ? 120 HIS A CG  1 
ATOM   883  C  CG  B HIS A 1 120 ? 0.482   1.836   4.638   0.52 25.46  ? 120 HIS A CG  1 
ATOM   884  N  ND1 A HIS A 1 120 ? 2.481   1.539   4.537   0.48 26.70  ? 120 HIS A ND1 1 
ATOM   885  N  ND1 B HIS A 1 120 ? -0.500  2.273   5.500   0.52 25.55  ? 120 HIS A ND1 1 
ATOM   886  C  CD2 A HIS A 1 120 ? 2.733   1.079   2.416   0.48 25.69  ? 120 HIS A CD2 1 
ATOM   887  C  CD2 B HIS A 1 120 ? 1.630   1.816   5.355   0.52 25.88  ? 120 HIS A CD2 1 
ATOM   888  C  CE1 A HIS A 1 120 ? 3.778   1.419   4.315   0.48 26.75  ? 120 HIS A CE1 1 
ATOM   889  C  CE1 B HIS A 1 120 ? 0.030   2.505   6.688   0.52 27.15  ? 120 HIS A CE1 1 
ATOM   890  N  NE2 A HIS A 1 120 ? 3.958   1.139   3.037   0.48 29.11  ? 120 HIS A NE2 1 
ATOM   891  N  NE2 B HIS A 1 120 ? 1.321   2.235   6.626   0.52 26.66  ? 120 HIS A NE2 1 
ATOM   892  N  N   . LEU A 1 121 ? -2.473  -1.104  3.126   1.00 23.67  ? 121 LEU A N   1 
ATOM   893  C  CA  . LEU A 1 121 ? -3.854  -1.313  3.537   1.00 23.20  ? 121 LEU A CA  1 
ATOM   894  C  C   . LEU A 1 121 ? -3.894  -1.778  4.986   1.00 23.15  ? 121 LEU A C   1 
ATOM   895  O  O   . LEU A 1 121 ? -3.183  -2.714  5.364   1.00 21.31  ? 121 LEU A O   1 
ATOM   896  C  CB  . LEU A 1 121 ? -4.528  -2.348  2.638   1.00 20.45  ? 121 LEU A CB  1 
ATOM   897  C  CG  . LEU A 1 121 ? -4.504  -2.071  1.136   1.00 19.98  ? 121 LEU A CG  1 
ATOM   898  C  CD1 . LEU A 1 121 ? -5.077  -3.255  0.378   1.00 20.78  ? 121 LEU A CD1 1 
ATOM   899  C  CD2 . LEU A 1 121 ? -5.279  -0.807  0.821   1.00 20.21  ? 121 LEU A CD2 1 
ATOM   900  N  N   . LYS A 1 122 ? -4.740  -1.141  5.794   1.00 23.96  ? 122 LYS A N   1 
ATOM   901  C  CA  . LYS A 1 122 ? -4.737  -1.425  7.225   1.00 23.67  ? 122 LYS A CA  1 
ATOM   902  C  C   . LYS A 1 122 ? -6.125  -1.749  7.765   1.00 22.06  ? 122 LYS A C   1 
ATOM   903  O  O   . LYS A 1 122 ? -6.254  -2.508  8.731   1.00 22.22  ? 122 LYS A O   1 
ATOM   904  C  CB  . LYS A 1 122 ? -4.144  -0.240  7.989   1.00 24.40  ? 122 LYS A CB  1 
ATOM   905  C  CG  . LYS A 1 122 ? -3.724  -0.572  9.408   1.00 27.81  ? 122 LYS A CG  1 
ATOM   906  C  CD  . LYS A 1 122 ? -3.144  0.644   10.113  1.00 38.14  ? 122 LYS A CD  1 
ATOM   907  C  CE  . LYS A 1 122 ? -2.803  0.327   11.564  1.00 32.98  ? 122 LYS A CE  1 
ATOM   908  N  NZ  . LYS A 1 122 ? -1.838  -0.807  11.681  1.00 33.26  ? 122 LYS A NZ  1 
ATOM   909  N  N   . SER A 1 123 ? -7.163  -1.177  7.162   1.00 20.25  ? 123 SER A N   1 
ATOM   910  C  CA  . SER A 1 123 ? -8.526  -1.293  7.657   1.00 23.65  ? 123 SER A CA  1 
ATOM   911  C  C   . SER A 1 123 ? -9.436  -1.868  6.579   1.00 22.99  ? 123 SER A C   1 
ATOM   912  O  O   . SER A 1 123 ? -9.074  -1.951  5.404   1.00 21.92  ? 123 SER A O   1 
ATOM   913  C  CB  . SER A 1 123 ? -9.063  0.070   8.110   1.00 21.17  ? 123 SER A CB  1 
ATOM   914  O  OG  . SER A 1 123 ? -9.222  0.946   7.004   1.00 23.62  ? 123 SER A OG  1 
ATOM   915  N  N   . ARG A 1 124 ? -10.642 -2.258  7.001   1.00 23.06  ? 124 ARG A N   1 
ATOM   916  C  CA  . ARG A 1 124 ? -11.658 -2.674  6.038   1.00 25.64  ? 124 ARG A CA  1 
ATOM   917  C  C   . ARG A 1 124 ? -12.008 -1.543  5.083   1.00 26.02  ? 124 ARG A C   1 
ATOM   918  O  O   . ARG A 1 124 ? -12.217 -1.774  3.887   1.00 23.58  ? 124 ARG A O   1 
ATOM   919  C  CB  . ARG A 1 124 ? -12.911 -3.161  6.764   1.00 24.55  ? 124 ARG A CB  1 
ATOM   920  C  CG  . ARG A 1 124 ? -12.763 -4.520  7.412   1.00 24.15  ? 124 ARG A CG  1 
ATOM   921  C  CD  . ARG A 1 124 ? -14.093 -5.013  7.958   1.00 22.94  ? 124 ARG A CD  1 
ATOM   922  N  NE  . ARG A 1 124 ? -14.007 -6.392  8.433   1.00 26.60  ? 124 ARG A NE  1 
ATOM   923  C  CZ  . ARG A 1 124 ? -15.011 -7.046  9.006   1.00 28.97  ? 124 ARG A CZ  1 
ATOM   924  N  NH1 . ARG A 1 124 ? -16.180 -6.445  9.178   1.00 28.18  ? 124 ARG A NH1 1 
ATOM   925  N  NH2 . ARG A 1 124 ? -14.846 -8.299  9.409   1.00 26.38  ? 124 ARG A NH2 1 
ATOM   926  N  N   . LYS A 1 125 ? -12.077 -0.309  5.594   1.00 27.76  ? 125 LYS A N   1 
ATOM   927  C  CA  . LYS A 1 125 ? -12.411 0.822   4.734   1.00 26.64  ? 125 LYS A CA  1 
ATOM   928  C  C   . LYS A 1 125 ? -11.317 1.076   3.705   1.00 28.58  ? 125 LYS A C   1 
ATOM   929  O  O   . LYS A 1 125 ? -11.615 1.395   2.547   1.00 28.95  ? 125 LYS A O   1 
ATOM   930  C  CB  . LYS A 1 125 ? -12.668 2.073   5.574   1.00 31.21  ? 125 LYS A CB  1 
ATOM   931  C  CG  . LYS A 1 125 ? -12.908 3.324   4.740   1.00 39.58  ? 125 LYS A CG  1 
ATOM   932  C  CD  . LYS A 1 125 ? -13.782 4.331   5.462   1.00 51.45  ? 125 LYS A CD  1 
ATOM   933  C  CE  . LYS A 1 125 ? -15.186 3.786   5.681   1.00 55.60  ? 125 LYS A CE  1 
ATOM   934  N  NZ  . LYS A 1 125 ? -16.158 4.868   6.006   1.00 52.57  ? 125 LYS A NZ  1 
ATOM   935  N  N   . ASP A 1 126 ? -10.048 0.945   4.105   1.00 28.24  ? 126 ASP A N   1 
ATOM   936  C  CA  . ASP A 1 126 ? -8.949  1.003   3.141   1.00 25.02  ? 126 ASP A CA  1 
ATOM   937  C  C   . ASP A 1 126 ? -9.162  0.001   2.015   1.00 25.12  ? 126 ASP A C   1 
ATOM   938  O  O   . ASP A 1 126 ? -9.045  0.339   0.832   1.00 23.73  ? 126 ASP A O   1 
ATOM   939  C  CB  . ASP A 1 126 ? -7.611  0.717   3.830   1.00 26.56  ? 126 ASP A CB  1 
ATOM   940  C  CG  . ASP A 1 126 ? -7.209  1.793   4.813   1.00 29.98  ? 126 ASP A CG  1 
ATOM   941  O  OD1 . ASP A 1 126 ? -7.787  2.897   4.764   1.00 25.51  ? 126 ASP A OD1 1 
ATOM   942  O  OD2 . ASP A 1 126 ? -6.302  1.526   5.631   1.00 26.65  ? 126 ASP A OD2 1 
ATOM   943  N  N   . VAL A 1 127 ? -9.463  -1.249  2.377   1.00 21.14  ? 127 VAL A N   1 
ATOM   944  C  CA  . VAL A 1 127 ? -9.638  -2.299  1.378   1.00 22.24  ? 127 VAL A CA  1 
ATOM   945  C  C   . VAL A 1 127 ? -10.826 -1.984  0.480   1.00 25.07  ? 127 VAL A C   1 
ATOM   946  O  O   . VAL A 1 127 ? -10.743 -2.108  -0.750  1.00 29.89  ? 127 VAL A O   1 
ATOM   947  C  CB  . VAL A 1 127 ? -9.795  -3.669  2.066   1.00 18.27  ? 127 VAL A CB  1 
ATOM   948  C  CG1 . VAL A 1 127 ? -10.177 -4.735  1.046   1.00 25.43  ? 127 VAL A CG1 1 
ATOM   949  C  CG2 . VAL A 1 127 ? -8.515  -4.053  2.787   1.00 17.14  ? 127 VAL A CG2 1 
ATOM   950  N  N   . ALA A 1 128 ? -11.944 -1.562  1.074   1.00 25.67  ? 128 ALA A N   1 
ATOM   951  C  CA  . ALA A 1 128 ? -13.148 -1.295  0.292   1.00 25.88  ? 128 ALA A CA  1 
ATOM   952  C  C   . ALA A 1 128 ? -12.931 -0.150  -0.691  1.00 32.28  ? 128 ALA A C   1 
ATOM   953  O  O   . ALA A 1 128 ? -13.316 -0.247  -1.864  1.00 30.40  ? 128 ALA A O   1 
ATOM   954  C  CB  . ALA A 1 128 ? -14.318 -0.985  1.226   1.00 29.83  ? 128 ALA A CB  1 
ATOM   955  N  N   . LEU A 1 129 ? -12.310 0.942   -0.235  1.00 29.22  ? 129 LEU A N   1 
ATOM   956  C  CA  . LEU A 1 129 ? -12.101 2.088   -1.115  1.00 34.79  ? 129 LEU A CA  1 
ATOM   957  C  C   . LEU A 1 129 ? -11.083 1.774   -2.202  1.00 34.95  ? 129 LEU A C   1 
ATOM   958  O  O   . LEU A 1 129 ? -11.211 2.246   -3.338  1.00 35.24  ? 129 LEU A O   1 
ATOM   959  C  CB  . LEU A 1 129 ? -11.661 3.307   -0.302  1.00 31.11  ? 129 LEU A CB  1 
ATOM   960  C  CG  . LEU A 1 129 ? -11.686 4.639   -1.045  1.00 46.62  ? 129 LEU A CG  1 
ATOM   961  C  CD1 . LEU A 1 129 ? -12.995 4.804   -1.783  1.00 46.94  ? 129 LEU A CD1 1 
ATOM   962  C  CD2 . LEU A 1 129 ? -11.444 5.814   -0.116  1.00 51.40  ? 129 LEU A CD2 1 
ATOM   963  N  N   . PHE A 1 130 ? -10.059 0.981   -1.875  1.00 28.88  ? 130 PHE A N   1 
ATOM   964  C  CA  . PHE A 1 130 ? -9.074  0.596   -2.883  1.00 29.03  ? 130 PHE A CA  1 
ATOM   965  C  C   . PHE A 1 130 ? -9.699  -0.278  -3.964  1.00 33.83  ? 130 PHE A C   1 
ATOM   966  O  O   . PHE A 1 130 ? -9.458  -0.065  -5.159  1.00 38.87  ? 130 PHE A O   1 
ATOM   967  C  CB  . PHE A 1 130 ? -7.899  -0.128  -2.226  1.00 28.76  ? 130 PHE A CB  1 
ATOM   968  C  CG  . PHE A 1 130 ? -6.924  -0.713  -3.203  1.00 33.64  ? 130 PHE A CG  1 
ATOM   969  C  CD1 . PHE A 1 130 ? -6.084  0.109   -3.937  1.00 29.39  ? 130 PHE A CD1 1 
ATOM   970  C  CD2 . PHE A 1 130 ? -6.839  -2.085  -3.381  1.00 28.36  ? 130 PHE A CD2 1 
ATOM   971  C  CE1 . PHE A 1 130 ? -5.181  -0.426  -4.838  1.00 33.84  ? 130 PHE A CE1 1 
ATOM   972  C  CE2 . PHE A 1 130 ? -5.934  -2.626  -4.281  1.00 36.20  ? 130 PHE A CE2 1 
ATOM   973  C  CZ  . PHE A 1 130 ? -5.105  -1.794  -5.010  1.00 35.97  ? 130 PHE A CZ  1 
ATOM   974  N  N   . CYS A 1 131 ? -10.504 -1.266  -3.568  1.00 31.28  ? 131 CYS A N   1 
ATOM   975  C  CA  . CYS A 1 131 ? -11.176 -2.101  -4.559  1.00 35.58  ? 131 CYS A CA  1 
ATOM   976  C  C   . CYS A 1 131 ? -12.223 -1.313  -5.334  1.00 39.70  ? 131 CYS A C   1 
ATOM   977  O  O   . CYS A 1 131 ? -12.485 -1.619  -6.504  1.00 43.35  ? 131 CYS A O   1 
ATOM   978  C  CB  . CYS A 1 131 ? -11.817 -3.315  -3.884  1.00 30.33  ? 131 CYS A CB  1 
ATOM   979  S  SG  . CYS A 1 131 ? -10.649 -4.431  -3.067  1.00 33.58  ? 131 CYS A SG  1 
ATOM   980  N  N   . LYS A 1 132 ? -12.824 -0.300  -4.707  1.00 39.90  ? 132 LYS A N   1 
ATOM   981  C  CA  . LYS A 1 132 ? -13.832 0.508   -5.384  1.00 41.40  ? 132 LYS A CA  1 
ATOM   982  C  C   . LYS A 1 132 ? -13.210 1.350   -6.492  1.00 50.70  ? 132 LYS A C   1 
ATOM   983  O  O   . LYS A 1 132 ? -13.709 1.373   -7.624  1.00 52.67  ? 132 LYS A O   1 
ATOM   984  C  CB  . LYS A 1 132 ? -14.549 1.404   -4.374  1.00 39.67  ? 132 LYS A CB  1 
ATOM   985  C  CG  . LYS A 1 132 ? -15.617 2.307   -4.975  1.00 48.89  ? 132 LYS A CG  1 
ATOM   986  C  CD  . LYS A 1 132 ? -16.953 1.593   -5.104  1.00 56.14  ? 132 LYS A CD  1 
ATOM   987  C  CE  . LYS A 1 132 ? -17.567 1.320   -3.737  1.00 59.58  ? 132 LYS A CE  1 
ATOM   988  N  NZ  . LYS A 1 132 ? -18.897 0.656   -3.838  1.00 57.76  ? 132 LYS A NZ  1 
ATOM   989  N  N   . ARG A 1 133 ? -12.120 2.056   -6.184  1.00 48.12  ? 133 ARG A N   1 
ATOM   990  C  CA  . ARG A 1 133 ? -11.536 2.970   -7.160  1.00 50.21  ? 133 ARG A CA  1 
ATOM   991  C  C   . ARG A 1 133 ? -10.795 2.224   -8.262  1.00 48.55  ? 133 ARG A C   1 
ATOM   992  O  O   . ARG A 1 133 ? -10.712 2.715   -9.393  1.00 54.49  ? 133 ARG A O   1 
ATOM   993  C  CB  . ARG A 1 133 ? -10.590 3.948   -6.463  1.00 48.55  ? 133 ARG A CB  1 
ATOM   994  C  CG  . ARG A 1 133 ? -11.261 4.938   -5.519  1.00 52.53  ? 133 ARG A CG  1 
ATOM   995  C  CD  . ARG A 1 133 ? -10.196 5.697   -4.705  1.00 58.00  ? 133 ARG A CD  1 
ATOM   996  N  NE  . ARG A 1 133 ? -8.995  4.894   -4.567  1.00 71.33  ? 133 ARG A NE  1 
ATOM   997  C  CZ  . ARG A 1 133 ? -7.868  5.312   -4.009  1.00 62.22  ? 133 ARG A CZ  1 
ATOM   998  N  NH1 . ARG A 1 133 ? -6.825  4.494   -3.926  1.00 46.12  ? 133 ARG A NH1 1 
ATOM   999  N  NH2 . ARG A 1 133 ? -7.773  6.541   -3.537  1.00 66.07  ? 133 ARG A NH2 1 
ATOM   1000 N  N   . MET A 1 134 ? -10.249 1.047   -7.963  1.00 44.06  ? 134 MET A N   1 
ATOM   1001 C  CA  . MET A 1 134 ? -9.516  0.339   -9.003  1.00 52.62  ? 134 MET A CA  1 
ATOM   1002 C  C   . MET A 1 134 ? -10.450 -0.417  -9.936  1.00 57.38  ? 134 MET A C   1 
ATOM   1003 O  O   . MET A 1 134 ? -10.115 -0.611  -11.109 1.00 61.76  ? 134 MET A O   1 
ATOM   1004 C  CB  . MET A 1 134 ? -8.492  -0.611  -8.388  1.00 53.48  ? 134 MET A CB  1 
ATOM   1005 C  CG  . MET A 1 134 ? -9.075  -1.887  -7.844  1.00 53.63  ? 134 MET A CG  1 
ATOM   1006 S  SD  . MET A 1 134 ? -7.795  -3.128  -7.652  1.00 69.11  ? 134 MET A SD  1 
ATOM   1007 C  CE  . MET A 1 134 ? -6.748  -2.762  -9.046  1.00 58.65  ? 134 MET A CE  1 
ATOM   1008 N  N   . GLU A 1 135 ? -11.619 -0.841  -9.447  1.00 55.92  ? 135 GLU A N   1 
ATOM   1009 C  CA  . GLU A 1 135 ? -12.617 -1.422  -10.337 1.00 60.90  ? 135 GLU A CA  1 
ATOM   1010 C  C   . GLU A 1 135 ? -13.189 -0.370  -11.277 1.00 65.21  ? 135 GLU A C   1 
ATOM   1011 O  O   . GLU A 1 135 ? -13.577 -0.689  -12.407 1.00 67.12  ? 135 GLU A O   1 
ATOM   1012 C  CB  . GLU A 1 135 ? -13.742 -2.082  -9.528  1.00 55.49  ? 135 GLU A CB  1 
ATOM   1013 C  CG  . GLU A 1 135 ? -14.907 -1.150  -9.180  1.00 63.45  ? 135 GLU A CG  1 
ATOM   1014 C  CD  . GLU A 1 135 ? -16.173 -1.886  -8.767  1.00 72.08  ? 135 GLU A CD  1 
ATOM   1015 O  OE1 . GLU A 1 135 ? -17.170 -1.208  -8.443  1.00 71.48  ? 135 GLU A OE1 1 
ATOM   1016 O  OE2 . GLU A 1 135 ? -16.161 -3.133  -8.766  1.00 70.32  ? 135 GLU A OE2 1 
ATOM   1017 N  N   . GLU A 1 136 ? -13.239 0.886   -10.834 1.00 62.52  ? 136 GLU A N   1 
ATOM   1018 C  CA  . GLU A 1 136 ? -13.744 1.992   -11.634 1.00 61.88  ? 136 GLU A CA  1 
ATOM   1019 C  C   . GLU A 1 136 ? -12.700 2.538   -12.599 1.00 67.72  ? 136 GLU A C   1 
ATOM   1020 O  O   . GLU A 1 136 ? -12.880 3.639   -13.129 1.00 70.43  ? 136 GLU A O   1 
ATOM   1021 C  CB  . GLU A 1 136 ? -14.262 3.105   -10.718 1.00 59.80  ? 136 GLU A CB  1 
ATOM   1022 C  CG  . GLU A 1 136 ? -15.494 2.702   -9.912  1.00 62.69  ? 136 GLU A CG  1 
ATOM   1023 C  CD  . GLU A 1 136 ? -15.907 3.747   -8.892  1.00 66.84  ? 136 GLU A CD  1 
ATOM   1024 O  OE1 . GLU A 1 136 ? -15.128 4.695   -8.657  1.00 68.76  ? 136 GLU A OE1 1 
ATOM   1025 O  OE2 . GLU A 1 136 ? -17.013 3.616   -8.324  1.00 65.47  ? 136 GLU A OE2 1 
ATOM   1026 N  N   . SER A 1 137 ? -11.620 1.794   -12.828 1.00 68.98  ? 137 SER A N   1 
ATOM   1027 C  CA  . SER A 1 137 ? -10.651 2.109   -13.870 1.00 72.79  ? 137 SER A CA  1 
ATOM   1028 C  C   . SER A 1 137 ? -10.192 0.818   -14.536 1.00 78.72  ? 137 SER A C   1 
ATOM   1029 O  O   . SER A 1 137 ? -10.912 -0.187  -14.511 1.00 74.97  ? 137 SER A O   1 
ATOM   1030 C  CB  . SER A 1 137 ? -9.464  2.887   -13.297 1.00 72.85  ? 137 SER A CB  1 
ATOM   1031 O  OG  . SER A 1 137 ? -8.769  2.129   -12.323 1.00 68.69  ? 137 SER A OG  1 
ATOM   1032 N  N   . ASN A 1 138 ? -8.996  0.827   -15.126 1.00 85.15  ? 138 ASN A N   1 
ATOM   1033 C  CA  . ASN A 1 138 ? -8.536  -0.338  -15.877 1.00 94.91  ? 138 ASN A CA  1 
ATOM   1034 C  C   . ASN A 1 138 ? -8.198  -1.497  -14.944 1.00 95.26  ? 138 ASN A C   1 
ATOM   1035 O  O   . ASN A 1 138 ? -8.626  -2.635  -15.174 1.00 97.74  ? 138 ASN A O   1 
ATOM   1036 C  CB  . ASN A 1 138 ? -7.334  0.043   -16.741 1.00 96.54  ? 138 ASN A CB  1 
ATOM   1037 C  CG  . ASN A 1 138 ? -7.186  -0.849  -17.957 1.00 103.81 ? 138 ASN A CG  1 
ATOM   1038 O  OD1 . ASN A 1 138 ? -8.085  -1.623  -18.286 1.00 100.26 ? 138 ASN A OD1 1 
ATOM   1039 N  ND2 . ASN A 1 138 ? -6.055  -0.734  -18.642 1.00 101.69 ? 138 ASN A ND2 1 
ATOM   1040 N  N   . GLY A 1 139 ? -7.427  -1.225  -13.892 1.00 90.66  ? 139 GLY A N   1 
ATOM   1041 C  CA  . GLY A 1 139 ? -7.134  -2.194  -12.850 1.00 84.78  ? 139 GLY A CA  1 
ATOM   1042 C  C   . GLY A 1 139 ? -6.615  -3.537  -13.321 1.00 89.05  ? 139 GLY A C   1 
ATOM   1043 O  O   . GLY A 1 139 ? -7.154  -4.582  -12.941 1.00 92.84  ? 139 GLY A O   1 
ATOM   1044 N  N   . THR A 1 140 ? -5.565  -3.531  -14.140 1.00 87.89  ? 140 THR A N   1 
ATOM   1045 C  CA  . THR A 1 140 ? -5.001  -4.759  -14.685 1.00 90.21  ? 140 THR A CA  1 
ATOM   1046 C  C   . THR A 1 140 ? -3.580  -5.013  -14.188 1.00 86.20  ? 140 THR A C   1 
ATOM   1047 O  O   . THR A 1 140 ? -2.766  -5.606  -14.900 1.00 94.64  ? 140 THR A O   1 
ATOM   1048 C  CB  . THR A 1 140 ? -5.029  -4.733  -16.213 1.00 94.90  ? 140 THR A CB  1 
ATOM   1049 O  OG1 . THR A 1 140 ? -4.650  -3.432  -16.678 1.00 100.26 ? 140 THR A OG1 1 
ATOM   1050 C  CG2 . THR A 1 140 ? -6.425  -5.065  -16.723 1.00 93.32  ? 140 THR A CG2 1 
ATOM   1051 N  N   . LEU A 1 141 ? -3.263  -4.567  -12.973 1.00 78.72  ? 141 LEU A N   1 
ATOM   1052 C  CA  . LEU A 1 141 ? -1.975  -4.924  -12.387 1.00 69.33  ? 141 LEU A CA  1 
ATOM   1053 C  C   . LEU A 1 141 ? -1.905  -6.425  -12.134 1.00 66.11  ? 141 LEU A C   1 
ATOM   1054 O  O   . LEU A 1 141 ? -0.906  -7.079  -12.457 1.00 58.89  ? 141 LEU A O   1 
ATOM   1055 C  CB  . LEU A 1 141 ? -1.745  -4.144  -11.094 1.00 69.30  ? 141 LEU A CB  1 
ATOM   1056 C  CG  . LEU A 1 141 ? -0.274  -3.847  -10.788 1.00 62.56  ? 141 LEU A CG  1 
ATOM   1057 C  CD1 . LEU A 1 141 ? 0.228   -2.665  -11.613 1.00 57.01  ? 141 LEU A CD1 1 
ATOM   1058 C  CD2 . LEU A 1 141 ? -0.061  -3.610  -9.301  1.00 54.70  ? 141 LEU A CD2 1 
ATOM   1059 N  N   . LEU A 1 142 ? -2.966  -6.986  -11.571 1.00 69.99  ? 142 LEU A N   1 
ATOM   1060 C  CA  . LEU A 1 142 ? -3.115  -8.429  -11.375 1.00 70.45  ? 142 LEU A CA  1 
ATOM   1061 C  C   . LEU A 1 142 ? -3.912  -9.047  -12.519 1.00 69.74  ? 142 LEU A C   1 
ATOM   1062 O  O   . LEU A 1 142 ? -4.904  -9.744  -12.317 1.00 63.88  ? 142 LEU A O   1 
ATOM   1063 C  CB  . LEU A 1 142 ? -3.777  -8.697  -10.026 1.00 62.82  ? 142 LEU A CB  1 
ATOM   1064 C  CG  . LEU A 1 142 ? -3.586  -10.033 -9.345  1.00 55.12  ? 142 LEU A CG  1 
ATOM   1065 C  CD1 . LEU A 1 142 ? -4.316  -11.101 -10.053 1.00 52.42  ? 142 LEU A CD1 1 
ATOM   1066 C  CD2 . LEU A 1 142 ? -2.135  -10.382 -9.265  1.00 43.93  ? 142 LEU A CD2 1 
ATOM   1067 N  N   . SER A 1 143 ? -3.477  -8.788  -13.750 1.00 69.71  ? 143 SER A N   1 
ATOM   1068 C  CA  . SER A 1 143 ? -4.252  -9.137  -14.933 1.00 75.14  ? 143 SER A CA  1 
ATOM   1069 C  C   . SER A 1 143 ? -4.091  -10.618 -15.265 1.00 73.92  ? 143 SER A C   1 
ATOM   1070 O  O   . SER A 1 143 ? -3.603  -11.420 -14.463 1.00 71.27  ? 143 SER A O   1 
ATOM   1071 C  CB  . SER A 1 143 ? -3.841  -8.256  -16.110 1.00 76.64  ? 143 SER A CB  1 
ATOM   1072 O  OG  . SER A 1 143 ? -4.658  -8.495  -17.244 1.00 74.95  ? 143 SER A OG  1 
ATOM   1073 N  N   . THR A 1 144 ? -4.504  -10.990 -16.479 1.00 82.06  ? 144 THR A N   1 
ATOM   1074 C  CA  . THR A 1 144 ? -4.388  -12.359 -16.965 1.00 72.96  ? 144 THR A CA  1 
ATOM   1075 C  C   . THR A 1 144 ? -2.942  -12.802 -17.149 1.00 68.35  ? 144 THR A C   1 
ATOM   1076 O  O   . THR A 1 144 ? -2.708  -13.970 -17.480 1.00 66.41  ? 144 THR A O   1 
ATOM   1077 C  CB  . THR A 1 144 ? -5.125  -12.499 -18.300 1.00 72.75  ? 144 THR A CB  1 
ATOM   1078 O  OG1 . THR A 1 144 ? -4.603  -11.542 -19.233 1.00 83.31  ? 144 THR A OG1 1 
ATOM   1079 C  CG2 . THR A 1 144 ? -6.609  -12.243 -18.120 1.00 56.04  ? 144 THR A CG2 1 
ATOM   1080 N  N   . LEU A 1 145 ? -1.974  -11.908 -16.935 1.00 69.94  ? 145 LEU A N   1 
ATOM   1081 C  CA  . LEU A 1 145 ? -0.596  -12.190 -17.324 1.00 65.86  ? 145 LEU A CA  1 
ATOM   1082 C  C   . LEU A 1 145 ? 0.040   -13.238 -16.416 1.00 59.03  ? 145 LEU A C   1 
ATOM   1083 O  O   . LEU A 1 145 ? 0.648   -14.201 -16.898 1.00 60.41  ? 145 LEU A O   1 
ATOM   1084 C  CB  . LEU A 1 145 ? 0.223   -10.897 -17.321 1.00 58.88  ? 145 LEU A CB  1 
ATOM   1085 C  CG  . LEU A 1 145 ? 0.165   -9.968  -18.542 1.00 57.90  ? 145 LEU A CG  1 
ATOM   1086 C  CD1 . LEU A 1 145 ? -1.243  -9.785  -19.102 1.00 63.91  ? 145 LEU A CD1 1 
ATOM   1087 C  CD2 . LEU A 1 145 ? 0.771   -8.620  -18.191 1.00 49.46  ? 145 LEU A CD2 1 
ATOM   1088 N  N   . THR A 1 146 ? -0.083  -13.071 -15.100 1.00 57.29  ? 146 THR A N   1 
ATOM   1089 C  CA  . THR A 1 146 ? 0.528   -13.991 -14.149 1.00 52.49  ? 146 THR A CA  1 
ATOM   1090 C  C   . THR A 1 146 ? -0.471  -14.957 -13.524 1.00 42.95  ? 146 THR A C   1 
ATOM   1091 O  O   . THR A 1 146 ? -0.130  -15.632 -12.548 1.00 32.27  ? 146 THR A O   1 
ATOM   1092 C  CB  . THR A 1 146 ? 1.260   -13.219 -13.048 1.00 51.50  ? 146 THR A CB  1 
ATOM   1093 O  OG1 . THR A 1 146 ? 0.402   -12.199 -12.518 1.00 54.97  ? 146 THR A OG1 1 
ATOM   1094 C  CG2 . THR A 1 146 ? 2.534   -12.588 -13.595 1.00 40.60  ? 146 THR A CG2 1 
ATOM   1095 N  N   . LYS A 1 147 ? -1.691  -15.037 -14.061 1.00 49.53  ? 147 LYS A N   1 
ATOM   1096 C  CA  . LYS A 1 147 ? -2.686  -16.027 -13.636 1.00 46.18  ? 147 LYS A CA  1 
ATOM   1097 C  C   . LYS A 1 147 ? -2.997  -15.916 -12.145 1.00 39.47  ? 147 LYS A C   1 
ATOM   1098 O  O   . LYS A 1 147 ? -3.252  -16.922 -11.476 1.00 34.39  ? 147 LYS A O   1 
ATOM   1099 C  CB  . LYS A 1 147 ? -2.238  -17.454 -13.979 1.00 43.92  ? 147 LYS A CB  1 
ATOM   1100 C  CG  . LYS A 1 147 ? -2.400  -17.861 -15.447 1.00 50.33  ? 147 LYS A CG  1 
ATOM   1101 C  CD  . LYS A 1 147 ? -1.482  -17.070 -16.372 1.00 54.21  ? 147 LYS A CD  1 
ATOM   1102 C  CE  . LYS A 1 147 ? -1.169  -17.831 -17.650 1.00 53.36  ? 147 LYS A CE  1 
ATOM   1103 N  NZ  . LYS A 1 147 ? 0.214   -17.545 -18.131 1.00 52.59  ? 147 LYS A NZ  1 
ATOM   1104 N  N   . GLY A 1 148 ? -2.967  -14.697 -11.609 1.00 33.07  ? 148 GLY A N   1 
ATOM   1105 C  CA  . GLY A 1 148 ? -3.254  -14.471 -10.211 1.00 34.16  ? 148 GLY A CA  1 
ATOM   1106 C  C   . GLY A 1 148 ? -2.054  -14.496 -9.289  1.00 29.49  ? 148 GLY A C   1 
ATOM   1107 O  O   . GLY A 1 148 ? -2.198  -14.156 -8.107  1.00 21.89  ? 148 GLY A O   1 
ATOM   1108 N  N   . VAL A 1 149 ? -0.877  -14.880 -9.784  1.00 24.68  ? 149 VAL A N   1 
ATOM   1109 C  CA  . VAL A 1 149 ? 0.292   -15.020 -8.924  1.00 25.08  ? 149 VAL A CA  1 
ATOM   1110 C  C   . VAL A 1 149 ? 0.830   -13.642 -8.562  1.00 22.90  ? 149 VAL A C   1 
ATOM   1111 O  O   . VAL A 1 149 ? 1.045   -12.790 -9.435  1.00 20.96  ? 149 VAL A O   1 
ATOM   1112 C  CB  . VAL A 1 149 ? 1.366   -15.875 -9.612  1.00 24.54  ? 149 VAL A CB  1 
ATOM   1113 C  CG1 . VAL A 1 149 ? 2.583   -16.021 -8.715  1.00 20.92  ? 149 VAL A CG1 1 
ATOM   1114 C  CG2 . VAL A 1 149 ? 0.802   -17.242 -9.965  1.00 25.67  ? 149 VAL A CG2 1 
ATOM   1115 N  N   . HIS A 1 150 ? 1.059   -13.419 -7.270  1.00 20.10  ? 150 HIS A N   1 
ATOM   1116 C  CA  . HIS A 1 150 ? 1.588   -12.144 -6.806  1.00 20.87  ? 150 HIS A CA  1 
ATOM   1117 C  C   . HIS A 1 150 ? 2.205   -12.332 -5.429  1.00 20.44  ? 150 HIS A C   1 
ATOM   1118 O  O   . HIS A 1 150 ? 1.941   -13.318 -4.737  1.00 20.69  ? 150 HIS A O   1 
ATOM   1119 C  CB  . HIS A 1 150 ? 0.496   -11.070 -6.758  1.00 21.98  ? 150 HIS A CB  1 
ATOM   1120 C  CG  . HIS A 1 150 ? -0.643  -11.412 -5.851  1.00 22.80  ? 150 HIS A CG  1 
ATOM   1121 N  ND1 . HIS A 1 150 ? -1.635  -12.301 -6.205  1.00 21.75  ? 150 HIS A ND1 1 
ATOM   1122 C  CD2 . HIS A 1 150 ? -0.952  -10.983 -4.604  1.00 20.34  ? 150 HIS A CD2 1 
ATOM   1123 C  CE1 . HIS A 1 150 ? -2.504  -12.406 -5.216  1.00 24.71  ? 150 HIS A CE1 1 
ATOM   1124 N  NE2 . HIS A 1 150 ? -2.112  -11.618 -4.233  1.00 24.33  ? 150 HIS A NE2 1 
ATOM   1125 N  N   . MET A 1 151 ? 3.025   -11.359 -5.041  1.00 20.09  ? 151 MET A N   1 
ATOM   1126 C  CA  . MET A 1 151 ? 3.656   -11.320 -3.731  1.00 15.91  ? 151 MET A CA  1 
ATOM   1127 C  C   . MET A 1 151 ? 2.983   -10.267 -2.861  1.00 21.66  ? 151 MET A C   1 
ATOM   1128 O  O   . MET A 1 151 ? 2.411   -9.295  -3.365  1.00 19.47  ? 151 MET A O   1 
ATOM   1129 C  CB  . MET A 1 151 ? 5.151   -10.996 -3.839  1.00 20.12  ? 151 MET A CB  1 
ATOM   1130 C  CG  . MET A 1 151 ? 5.905   -11.797 -4.885  1.00 20.79  ? 151 MET A CG  1 
ATOM   1131 S  SD  . MET A 1 151 ? 5.903   -13.562 -4.543  1.00 20.76  ? 151 MET A SD  1 
ATOM   1132 C  CE  . MET A 1 151 ? 6.817   -13.641 -3.011  1.00 18.15  ? 151 MET A CE  1 
ATOM   1133 N  N   . HIS A 1 152 ? 3.060   -10.473 -1.547  1.00 19.00  ? 152 HIS A N   1 
ATOM   1134 C  CA  . HIS A 1 152 ? 2.687   -9.479  -0.553  1.00 20.33  ? 152 HIS A CA  1 
ATOM   1135 C  C   . HIS A 1 152 ? 3.785   -9.399  0.495   1.00 21.00  ? 152 HIS A C   1 
ATOM   1136 O  O   . HIS A 1 152 ? 4.304   -10.427 0.937   1.00 22.84  ? 152 HIS A O   1 
ATOM   1137 C  CB  . HIS A 1 152 ? 1.368   -9.821  0.156   1.00 25.60  ? 152 HIS A CB  1 
ATOM   1138 C  CG  . HIS A 1 152 ? 0.141   -9.459  -0.618  1.00 22.00  ? 152 HIS A CG  1 
ATOM   1139 N  ND1 . HIS A 1 152 ? -0.069  -8.201  -1.140  1.00 22.95  ? 152 HIS A ND1 1 
ATOM   1140 C  CD2 . HIS A 1 152 ? -0.957  -10.186 -0.933  1.00 20.54  ? 152 HIS A CD2 1 
ATOM   1141 C  CE1 . HIS A 1 152 ? -1.237  -8.173  -1.758  1.00 23.27  ? 152 HIS A CE1 1 
ATOM   1142 N  NE2 . HIS A 1 152 ? -1.796  -9.365  -1.647  1.00 20.69  ? 152 HIS A NE2 1 
ATOM   1143 N  N   . THR A 1 153 ? 4.135   -8.183  0.891   1.00 22.41  ? 153 THR A N   1 
ATOM   1144 C  CA  . THR A 1 153 ? 4.898   -7.960  2.112   1.00 24.68  ? 153 THR A CA  1 
ATOM   1145 C  C   . THR A 1 153 ? 3.893   -7.652  3.215   1.00 24.43  ? 153 THR A C   1 
ATOM   1146 O  O   . THR A 1 153 ? 3.185   -6.642  3.155   1.00 23.45  ? 153 THR A O   1 
ATOM   1147 C  CB  . THR A 1 153 ? 5.909   -6.828  1.954   1.00 26.01  ? 153 THR A CB  1 
ATOM   1148 O  OG1 . THR A 1 153 ? 6.805   -7.137  0.881   1.00 34.01  ? 153 THR A OG1 1 
ATOM   1149 C  CG2 . THR A 1 153 ? 6.714   -6.662  3.236   1.00 33.57  ? 153 THR A CG2 1 
ATOM   1150 N  N   . LEU A 1 154 ? 3.812   -8.536  4.202   1.00 23.54  ? 154 LEU A N   1 
ATOM   1151 C  CA  . LEU A 1 154 ? 2.919   -8.376  5.337   1.00 21.60  ? 154 LEU A CA  1 
ATOM   1152 C  C   . LEU A 1 154 ? 3.730   -8.007  6.570   1.00 25.19  ? 154 LEU A C   1 
ATOM   1153 O  O   . LEU A 1 154 ? 4.896   -8.386  6.703   1.00 24.51  ? 154 LEU A O   1 
ATOM   1154 C  CB  . LEU A 1 154 ? 2.126   -9.661  5.601   1.00 23.18  ? 154 LEU A CB  1 
ATOM   1155 C  CG  . LEU A 1 154 ? 1.406   -10.289 4.407   1.00 19.97  ? 154 LEU A CG  1 
ATOM   1156 C  CD1 . LEU A 1 154 ? 0.671   -11.559 4.827   1.00 23.10  ? 154 LEU A CD1 1 
ATOM   1157 C  CD2 . LEU A 1 154 ? 0.449   -9.294  3.769   1.00 23.47  ? 154 LEU A CD2 1 
ATOM   1158 N  N   . GLU A 1 155 ? 3.115   -7.248  7.472   1.00 22.76  ? 155 GLU A N   1 
ATOM   1159 C  CA  . GLU A 1 155 ? 3.757   -6.978  8.747   1.00 30.10  ? 155 GLU A CA  1 
ATOM   1160 C  C   . GLU A 1 155 ? 2.705   -6.903  9.842   1.00 28.51  ? 155 GLU A C   1 
ATOM   1161 O  O   . GLU A 1 155 ? 1.564   -6.490  9.613   1.00 24.41  ? 155 GLU A O   1 
ATOM   1162 C  CB  . GLU A 1 155 ? 4.619   -5.705  8.698   1.00 34.23  ? 155 GLU A CB  1 
ATOM   1163 C  CG  . GLU A 1 155 ? 3.885   -4.392  8.730   1.00 34.64  ? 155 GLU A CG  1 
ATOM   1164 C  CD  . GLU A 1 155 ? 4.843   -3.212  8.691   1.00 50.65  ? 155 GLU A CD  1 
ATOM   1165 O  OE1 . GLU A 1 155 ? 5.781   -3.233  7.866   1.00 54.97  ? 155 GLU A OE1 1 
ATOM   1166 O  OE2 . GLU A 1 155 ? 4.670   -2.273  9.496   1.00 61.05  ? 155 GLU A OE2 1 
ATOM   1167 N  N   . ALA A 1 156 ? 3.102   -7.343  11.034  1.00 30.48  ? 156 ALA A N   1 
ATOM   1168 C  CA  . ALA A 1 156 ? 2.204   -7.455  12.170  1.00 29.04  ? 156 ALA A CA  1 
ATOM   1169 C  C   . ALA A 1 156 ? 3.026   -7.337  13.446  1.00 35.19  ? 156 ALA A C   1 
ATOM   1170 O  O   . ALA A 1 156 ? 4.250   -7.175  13.409  1.00 31.21  ? 156 ALA A O   1 
ATOM   1171 C  CB  . ALA A 1 156 ? 1.420   -8.772  12.125  1.00 25.86  ? 156 ALA A CB  1 
ATOM   1172 N  N   . GLU A 1 157 ? 2.341   -7.438  14.586  1.00 35.95  ? 157 GLU A N   1 
ATOM   1173 C  CA  . GLU A 1 157 ? 3.000   -7.268  15.874  1.00 36.57  ? 157 GLU A CA  1 
ATOM   1174 C  C   . GLU A 1 157 ? 3.857   -8.467  16.262  1.00 39.73  ? 157 GLU A C   1 
ATOM   1175 O  O   . GLU A 1 157 ? 4.743   -8.326  17.111  1.00 41.63  ? 157 GLU A O   1 
ATOM   1176 C  CB  . GLU A 1 157 ? 1.960   -7.005  16.961  1.00 36.95  ? 157 GLU A CB  1 
ATOM   1177 C  CG  . GLU A 1 157 ? 1.129   -5.750  16.736  1.00 41.86  ? 157 GLU A CG  1 
ATOM   1178 C  CD  . GLU A 1 157 ? 1.888   -4.479  17.064  1.00 51.48  ? 157 GLU A CD  1 
ATOM   1179 O  OE1 . GLU A 1 157 ? 2.725   -4.508  17.993  1.00 55.43  ? 157 GLU A OE1 1 
ATOM   1180 O  OE2 . GLU A 1 157 ? 1.647   -3.451  16.396  1.00 52.38  ? 157 GLU A OE2 1 
ATOM   1181 N  N   . SER A 1 158 ? 3.621   -9.635  15.666  1.00 34.22  ? 158 SER A N   1 
ATOM   1182 C  CA  . SER A 1 158 ? 4.361   -10.828 16.049  1.00 37.57  ? 158 SER A CA  1 
ATOM   1183 C  C   . SER A 1 158 ? 4.327   -11.832 14.907  1.00 39.96  ? 158 SER A C   1 
ATOM   1184 O  O   . SER A 1 158 ? 3.492   -11.745 14.002  1.00 34.11  ? 158 SER A O   1 
ATOM   1185 C  CB  . SER A 1 158 ? 3.787   -11.459 17.321  1.00 35.42  ? 158 SER A CB  1 
ATOM   1186 O  OG  . SER A 1 158 ? 2.493   -11.983 17.082  1.00 37.35  ? 158 SER A OG  1 
ATOM   1187 N  N   . GLU A 1 159 ? 5.246   -12.798 14.974  1.00 38.41  ? 159 GLU A N   1 
ATOM   1188 C  CA  . GLU A 1 159 ? 5.275   -13.860 13.974  1.00 37.67  ? 159 GLU A CA  1 
ATOM   1189 C  C   . GLU A 1 159 ? 4.067   -14.780 14.101  1.00 36.85  ? 159 GLU A C   1 
ATOM   1190 O  O   . GLU A 1 159 ? 3.622   -15.355 13.101  1.00 38.52  ? 159 GLU A O   1 
ATOM   1191 C  CB  . GLU A 1 159 ? 6.570   -14.666 14.094  1.00 41.56  ? 159 GLU A CB  1 
ATOM   1192 C  CG  . GLU A 1 159 ? 7.846   -13.846 13.927  1.00 38.54  ? 159 GLU A CG  1 
ATOM   1193 C  CD  . GLU A 1 159 ? 8.104   -13.433 12.489  1.00 43.39  ? 159 GLU A CD  1 
ATOM   1194 O  OE1 . GLU A 1 159 ? 7.432   -13.968 11.582  1.00 48.26  ? 159 GLU A OE1 1 
ATOM   1195 O  OE2 . GLU A 1 159 ? 8.984   -12.573 12.262  1.00 45.66  ? 159 GLU A OE2 1 
ATOM   1196 N  N   . ALA A 1 160 ? 3.524   -14.928 15.312  1.00 36.54  ? 160 ALA A N   1 
ATOM   1197 C  CA  . ALA A 1 160 ? 2.354   -15.781 15.499  1.00 36.76  ? 160 ALA A CA  1 
ATOM   1198 C  C   . ALA A 1 160 ? 1.122   -15.205 14.814  1.00 34.18  ? 160 ALA A C   1 
ATOM   1199 O  O   . ALA A 1 160 ? 0.285   -15.962 14.310  1.00 33.25  ? 160 ALA A O   1 
ATOM   1200 C  CB  . ALA A 1 160 ? 2.086   -15.988 16.989  1.00 43.58  ? 160 ALA A CB  1 
ATOM   1201 N  N   . ILE A 1 161 ? 0.991   -13.878 14.784  1.00 29.76  ? 161 ILE A N   1 
ATOM   1202 C  CA  . ILE A 1 161 ? -0.138  -13.271 14.086  1.00 34.37  ? 161 ILE A CA  1 
ATOM   1203 C  C   . ILE A 1 161 ? 0.001   -13.471 12.583  1.00 32.37  ? 161 ILE A C   1 
ATOM   1204 O  O   . ILE A 1 161 ? -0.979  -13.780 11.894  1.00 31.64  ? 161 ILE A O   1 
ATOM   1205 C  CB  . ILE A 1 161 ? -0.260  -11.785 14.462  1.00 31.82  ? 161 ILE A CB  1 
ATOM   1206 C  CG1 . ILE A 1 161 ? -0.576  -11.651 15.954  1.00 35.81  ? 161 ILE A CG1 1 
ATOM   1207 C  CG2 . ILE A 1 161 ? -1.335  -11.102 13.623  1.00 28.80  ? 161 ILE A CG2 1 
ATOM   1208 C  CD1 . ILE A 1 161 ? -0.588  -10.231 16.447  1.00 38.12  ? 161 ILE A CD1 1 
ATOM   1209 N  N   . LEU A 1 162 ? 1.217   -13.313 12.052  1.00 27.05  ? 162 LEU A N   1 
ATOM   1210 C  CA  . LEU A 1 162 ? 1.442   -13.572 10.633  1.00 28.88  ? 162 LEU A CA  1 
ATOM   1211 C  C   . LEU A 1 162 ? 1.136   -15.024 10.283  1.00 31.23  ? 162 LEU A C   1 
ATOM   1212 O  O   . LEU A 1 162 ? 0.499   -15.299 9.258   1.00 28.73  ? 162 LEU A O   1 
ATOM   1213 C  CB  . LEU A 1 162 ? 2.882   -13.223 10.253  1.00 31.22  ? 162 LEU A CB  1 
ATOM   1214 C  CG  . LEU A 1 162 ? 3.263   -11.741 10.244  1.00 29.53  ? 162 LEU A CG  1 
ATOM   1215 C  CD1 . LEU A 1 162 ? 4.727   -11.572 9.877   1.00 30.02  ? 162 LEU A CD1 1 
ATOM   1216 C  CD2 . LEU A 1 162 ? 2.378   -10.968 9.282   1.00 26.07  ? 162 LEU A CD2 1 
ATOM   1217 N  N   . ASP A 1 163 ? 1.578   -15.964 11.123  1.00 29.39  ? 163 ASP A N   1 
ATOM   1218 C  CA  . ASP A 1 163 ? 1.292   -17.376 10.880  1.00 34.08  ? 163 ASP A CA  1 
ATOM   1219 C  C   . ASP A 1 163 ? -0.207  -17.629 10.776  1.00 32.21  ? 163 ASP A C   1 
ATOM   1220 O  O   . ASP A 1 163 ? -0.663  -18.351 9.880   1.00 33.18  ? 163 ASP A O   1 
ATOM   1221 C  CB  . ASP A 1 163 ? 1.895   -18.239 11.990  1.00 37.07  ? 163 ASP A CB  1 
ATOM   1222 C  CG  . ASP A 1 163 ? 3.413   -18.215 11.997  1.00 44.93  ? 163 ASP A CG  1 
ATOM   1223 O  OD1 . ASP A 1 163 ? 4.015   -17.922 10.941  1.00 45.21  ? 163 ASP A OD1 1 
ATOM   1224 O  OD2 . ASP A 1 163 ? 4.004   -18.496 13.060  1.00 47.65  ? 163 ASP A OD2 1 
ATOM   1225 N  N   . GLU A 1 164 ? -0.992  -17.041 11.681  1.00 32.40  ? 164 GLU A N   1 
ATOM   1226 C  CA  . GLU A 1 164 ? -2.432  -17.275 11.662  1.00 34.56  ? 164 GLU A CA  1 
ATOM   1227 C  C   . GLU A 1 164 ? -3.088  -16.614 10.455  1.00 33.27  ? 164 GLU A C   1 
ATOM   1228 O  O   . GLU A 1 164 ? -3.995  -17.189 9.843   1.00 25.63  ? 164 GLU A O   1 
ATOM   1229 C  CB  . GLU A 1 164 ? -3.065  -16.781 12.964  1.00 36.65  ? 164 GLU A CB  1 
ATOM   1230 C  CG  . GLU A 1 164 ? -4.586  -16.836 12.975  1.00 46.44  ? 164 GLU A CG  1 
ATOM   1231 C  CD  . GLU A 1 164 ? -5.150  -17.283 14.312  1.00 60.54  ? 164 GLU A CD  1 
ATOM   1232 O  OE1 . GLU A 1 164 ? -4.806  -18.400 14.748  1.00 70.02  ? 164 GLU A OE1 1 
ATOM   1233 O  OE2 . GLU A 1 164 ? -5.937  -16.523 14.911  1.00 63.22  ? 164 GLU A OE2 1 
ATOM   1234 N  N   . ALA A 1 165 ? -2.647  -15.404 10.101  1.00 26.71  ? 165 ALA A N   1 
ATOM   1235 C  CA  . ALA A 1 165 ? -3.187  -14.752 8.911   1.00 28.32  ? 165 ALA A CA  1 
ATOM   1236 C  C   . ALA A 1 165 ? -2.851  -15.541 7.653   1.00 24.44  ? 165 ALA A C   1 
ATOM   1237 O  O   . ALA A 1 165 ? -3.708  -15.729 6.780   1.00 28.18  ? 165 ALA A O   1 
ATOM   1238 C  CB  . ALA A 1 165 ? -2.654  -13.324 8.806   1.00 24.38  ? 165 ALA A CB  1 
ATOM   1239 N  N   . ILE A 1 166 ? -1.607  -16.008 7.540   1.00 25.79  ? 166 ILE A N   1 
ATOM   1240 C  CA  . ILE A 1 166 ? -1.214  -16.801 6.379   1.00 29.29  ? 166 ILE A CA  1 
ATOM   1241 C  C   . ILE A 1 166 ? -1.947  -18.136 6.375   1.00 31.25  ? 166 ILE A C   1 
ATOM   1242 O  O   . ILE A 1 166 ? -2.319  -18.654 5.314   1.00 30.94  ? 166 ILE A O   1 
ATOM   1243 C  CB  . ILE A 1 166 ? 0.315   -16.978 6.359   1.00 30.59  ? 166 ILE A CB  1 
ATOM   1244 C  CG1 . ILE A 1 166 ? 0.991   -15.621 6.147   1.00 27.87  ? 166 ILE A CG1 1 
ATOM   1245 C  CG2 . ILE A 1 166 ? 0.736   -17.971 5.284   1.00 34.82  ? 166 ILE A CG2 1 
ATOM   1246 C  CD1 . ILE A 1 166 ? 2.472   -15.635 6.413   1.00 32.76  ? 166 ILE A CD1 1 
ATOM   1247 N  N   . ARG A 1 167 ? -2.180  -18.704 7.559   1.00 30.34  ? 167 ARG A N   1 
ATOM   1248 C  CA  . ARG A 1 167 ? -2.989  -19.915 7.655   1.00 33.17  ? 167 ARG A CA  1 
ATOM   1249 C  C   . ARG A 1 167 ? -4.405  -19.675 7.144   1.00 32.26  ? 167 ARG A C   1 
ATOM   1250 O  O   . ARG A 1 167 ? -5.003  -20.554 6.511   1.00 28.75  ? 167 ARG A O   1 
ATOM   1251 C  CB  . ARG A 1 167 ? -3.013  -20.411 9.100   1.00 37.67  ? 167 ARG A CB  1 
ATOM   1252 C  CG  . ARG A 1 167 ? -4.070  -21.461 9.370   1.00 43.59  ? 167 ARG A CG  1 
ATOM   1253 C  CD  . ARG A 1 167 ? -3.871  -22.131 10.720  1.00 59.13  ? 167 ARG A CD  1 
ATOM   1254 N  NE  . ARG A 1 167 ? -5.142  -22.517 11.330  1.00 67.88  ? 167 ARG A NE  1 
ATOM   1255 C  CZ  . ARG A 1 167 ? -5.934  -23.485 10.875  1.00 66.67  ? 167 ARG A CZ  1 
ATOM   1256 N  NH1 . ARG A 1 167 ? -5.596  -24.174 9.794   1.00 66.56  ? 167 ARG A NH1 1 
ATOM   1257 N  NH2 . ARG A 1 167 ? -7.069  -23.762 11.501  1.00 65.15  ? 167 ARG A NH2 1 
ATOM   1258 N  N   . ALA A 1 168 ? -4.959  -18.488 7.404   1.00 28.65  ? 168 ALA A N   1 
ATOM   1259 C  CA  . ALA A 1 168 ? -6.288  -18.175 6.891   1.00 25.97  ? 168 ALA A CA  1 
ATOM   1260 C  C   . ALA A 1 168 ? -6.286  -18.055 5.373   1.00 28.38  ? 168 ALA A C   1 
ATOM   1261 O  O   . ALA A 1 168 ? -7.264  -18.444 4.723   1.00 28.68  ? 168 ALA A O   1 
ATOM   1262 C  CB  . ALA A 1 168 ? -6.812  -16.888 7.529   1.00 24.82  ? 168 ALA A CB  1 
ATOM   1263 N  N   . LEU A 1 169 ? -5.208  -17.520 4.793   1.00 24.81  ? 169 LEU A N   1 
ATOM   1264 C  CA  . LEU A 1 169 ? -5.095  -17.471 3.340   1.00 24.49  ? 169 LEU A CA  1 
ATOM   1265 C  C   . LEU A 1 169 ? -5.108  -18.875 2.743   1.00 29.51  ? 169 LEU A C   1 
ATOM   1266 O  O   . LEU A 1 169 ? -5.817  -19.140 1.766   1.00 30.46  ? 169 LEU A O   1 
ATOM   1267 C  CB  . LEU A 1 169 ? -3.820  -16.732 2.933   1.00 24.58  ? 169 LEU A CB  1 
ATOM   1268 C  CG  . LEU A 1 169 ? -3.784  -15.226 3.183   1.00 26.08  ? 169 LEU A CG  1 
ATOM   1269 C  CD1 . LEU A 1 169 ? -2.506  -14.628 2.613   1.00 27.79  ? 169 LEU A CD1 1 
ATOM   1270 C  CD2 . LEU A 1 169 ? -5.010  -14.561 2.581   1.00 24.22  ? 169 LEU A CD2 1 
ATOM   1271 N  N   . GLU A 1 170 ? -4.326  -19.790 3.325   1.00 28.20  ? 170 GLU A N   1 
ATOM   1272 C  CA  . GLU A 1 170 ? -4.244  -21.143 2.782   1.00 31.80  ? 170 GLU A CA  1 
ATOM   1273 C  C   . GLU A 1 170 ? -5.591  -21.849 2.859   1.00 30.37  ? 170 GLU A C   1 
ATOM   1274 O  O   . GLU A 1 170 ? -5.969  -22.580 1.935   1.00 33.38  ? 170 GLU A O   1 
ATOM   1275 C  CB  . GLU A 1 170 ? -3.170  -21.943 3.519   1.00 34.89  ? 170 GLU A CB  1 
ATOM   1276 C  CG  . GLU A 1 170 ? -2.975  -23.352 2.973   1.00 45.69  ? 170 GLU A CG  1 
ATOM   1277 C  CD  . GLU A 1 170 ? -1.823  -24.083 3.635   1.00 56.59  ? 170 GLU A CD  1 
ATOM   1278 O  OE1 . GLU A 1 170 ? -1.549  -25.238 3.247   1.00 58.89  ? 170 GLU A OE1 1 
ATOM   1279 O  OE2 . GLU A 1 170 ? -1.191  -23.500 4.541   1.00 61.19  ? 170 GLU A OE2 1 
ATOM   1280 N  N   . GLU A 1 171 ? -6.329  -21.639 3.953   1.00 33.87  ? 171 GLU A N   1 
ATOM   1281 C  CA  . GLU A 1 171 ? -7.672  -22.197 4.070   1.00 34.34  ? 171 GLU A CA  1 
ATOM   1282 C  C   . GLU A 1 171 ? -8.552  -21.772 2.904   1.00 36.50  ? 171 GLU A C   1 
ATOM   1283 O  O   . GLU A 1 171 ? -9.350  -22.569 2.395   1.00 32.44  ? 171 GLU A O   1 
ATOM   1284 C  CB  . GLU A 1 171 ? -8.308  -21.763 5.389   1.00 42.87  ? 171 GLU A CB  1 
ATOM   1285 C  CG  . GLU A 1 171 ? -7.980  -22.649 6.574   1.00 60.23  ? 171 GLU A CG  1 
ATOM   1286 C  CD  . GLU A 1 171 ? -8.925  -22.423 7.739   1.00 64.27  ? 171 GLU A CD  1 
ATOM   1287 O  OE1 . GLU A 1 171 ? -10.026 -21.878 7.515   1.00 63.22  ? 171 GLU A OE1 1 
ATOM   1288 O  OE2 . GLU A 1 171 ? -8.564  -22.788 8.878   1.00 68.25  ? 171 GLU A OE2 1 
ATOM   1289 N  N   . LYS A 1 172 ? -8.428  -20.518 2.473   1.00 27.98  ? 172 LYS A N   1 
ATOM   1290 C  CA  . LYS A 1 172 ? -9.214  -20.005 1.362   1.00 30.77  ? 172 LYS A CA  1 
ATOM   1291 C  C   . LYS A 1 172 ? -8.582  -20.294 0.007   1.00 28.45  ? 172 LYS A C   1 
ATOM   1292 O  O   . LYS A 1 172 ? -9.147  -19.903 -1.020  1.00 32.61  ? 172 LYS A O   1 
ATOM   1293 C  CB  . LYS A 1 172 ? -9.434  -18.494 1.525   1.00 30.31  ? 172 LYS A CB  1 
ATOM   1294 C  CG  . LYS A 1 172 ? -10.258 -18.126 2.752   1.00 31.98  ? 172 LYS A CG  1 
ATOM   1295 C  CD  . LYS A 1 172 ? -10.618 -16.651 2.770   1.00 33.41  ? 172 LYS A CD  1 
ATOM   1296 C  CE  . LYS A 1 172 ? -11.544 -16.328 3.933   1.00 36.57  ? 172 LYS A CE  1 
ATOM   1297 N  NZ  . LYS A 1 172 ? -11.975 -14.900 3.929   1.00 37.55  ? 172 LYS A NZ  1 
ATOM   1298 N  N   . GLY A 1 173 ? -7.437  -20.973 -0.022  1.00 27.66  ? 173 GLY A N   1 
ATOM   1299 C  CA  . GLY A 1 173 ? -6.796  -21.308 -1.280  1.00 29.39  ? 173 GLY A CA  1 
ATOM   1300 C  C   . GLY A 1 173 ? -6.093  -20.152 -1.958  1.00 30.33  ? 173 GLY A C   1 
ATOM   1301 O  O   . GLY A 1 173 ? -5.935  -20.166 -3.184  1.00 30.00  ? 173 GLY A O   1 
ATOM   1302 N  N   . TYR A 1 174 ? -5.655  -19.154 -1.193  1.00 24.44  ? 174 TYR A N   1 
ATOM   1303 C  CA  . TYR A 1 174 ? -5.049  -17.951 -1.747  1.00 29.62  ? 174 TYR A CA  1 
ATOM   1304 C  C   . TYR A 1 174 ? -3.527  -17.978 -1.729  1.00 29.17  ? 174 TYR A C   1 
ATOM   1305 O  O   . TYR A 1 174 ? -2.900  -17.031 -2.214  1.00 28.00  ? 174 TYR A O   1 
ATOM   1306 C  CB  . TYR A 1 174 ? -5.552  -16.716 -0.991  1.00 27.84  ? 174 TYR A CB  1 
ATOM   1307 C  CG  . TYR A 1 174 ? -7.019  -16.432 -1.200  1.00 26.97  ? 174 TYR A CG  1 
ATOM   1308 C  CD1 . TYR A 1 174 ? -7.677  -16.879 -2.339  1.00 28.16  ? 174 TYR A CD1 1 
ATOM   1309 C  CD2 . TYR A 1 174 ? -7.749  -15.716 -0.259  1.00 27.69  ? 174 TYR A CD2 1 
ATOM   1310 C  CE1 . TYR A 1 174 ? -9.020  -16.617 -2.539  1.00 28.37  ? 174 TYR A CE1 1 
ATOM   1311 C  CE2 . TYR A 1 174 ? -9.094  -15.451 -0.447  1.00 27.15  ? 174 TYR A CE2 1 
ATOM   1312 C  CZ  . TYR A 1 174 ? -9.723  -15.904 -1.588  1.00 30.30  ? 174 TYR A CZ  1 
ATOM   1313 O  OH  . TYR A 1 174 ? -11.061 -15.640 -1.778  1.00 32.43  ? 174 TYR A OH  1 
ATOM   1314 N  N   . LEU A 1 175 ? -2.919  -19.020 -1.179  1.00 23.47  ? 175 LEU A N   1 
ATOM   1315 C  CA  . LEU A 1 175 ? -1.470  -19.139 -1.192  1.00 27.09  ? 175 LEU A CA  1 
ATOM   1316 C  C   . LEU A 1 175 ? -1.006  -19.802 -2.479  1.00 33.00  ? 175 LEU A C   1 
ATOM   1317 O  O   . LEU A 1 175 ? -1.695  -20.655 -3.045  1.00 36.56  ? 175 LEU A O   1 
ATOM   1318 C  CB  . LEU A 1 175 ? -0.970  -19.949 0.004   1.00 27.97  ? 175 LEU A CB  1 
ATOM   1319 C  CG  . LEU A 1 175 ? -0.982  -19.283 1.379   1.00 37.79  ? 175 LEU A CG  1 
ATOM   1320 C  CD1 . LEU A 1 175 ? -0.086  -20.051 2.339   1.00 35.19  ? 175 LEU A CD1 1 
ATOM   1321 C  CD2 . LEU A 1 175 ? -0.548  -17.826 1.275   1.00 34.31  ? 175 LEU A CD2 1 
ATOM   1322 N  N   . LEU A 1 176 ? 0.169   -19.391 -2.946  1.00 32.01  ? 176 LEU A N   1 
ATOM   1323 C  CA  . LEU A 1 176 ? 0.864   -20.152 -3.972  1.00 31.88  ? 176 LEU A CA  1 
ATOM   1324 C  C   . LEU A 1 176 ? 1.454   -21.400 -3.330  1.00 40.02  ? 176 LEU A C   1 
ATOM   1325 O  O   . LEU A 1 176 ? 2.257   -21.304 -2.396  1.00 41.94  ? 176 LEU A O   1 
ATOM   1326 C  CB  . LEU A 1 176 ? 1.959   -19.312 -4.622  1.00 28.75  ? 176 LEU A CB  1 
ATOM   1327 C  CG  . LEU A 1 176 ? 2.697   -20.018 -5.760  1.00 36.13  ? 176 LEU A CG  1 
ATOM   1328 C  CD1 . LEU A 1 176 ? 1.784   -20.179 -6.969  1.00 34.25  ? 176 LEU A CD1 1 
ATOM   1329 C  CD2 . LEU A 1 176 ? 3.969   -19.277 -6.131  1.00 25.97  ? 176 LEU A CD2 1 
ATOM   1330 N  N   . ASN A 1 177 ? 1.053   -22.567 -3.812  1.00 43.77  ? 177 ASN A N   1 
ATOM   1331 C  CA  . ASN A 1 177 ? 1.436   -23.823 -3.185  1.00 56.78  ? 177 ASN A CA  1 
ATOM   1332 C  C   . ASN A 1 177 ? 2.672   -24.404 -3.858  1.00 64.31  ? 177 ASN A C   1 
ATOM   1333 O  O   . ASN A 1 177 ? 2.819   -24.335 -5.083  1.00 55.62  ? 177 ASN A O   1 
ATOM   1334 C  CB  . ASN A 1 177 ? 0.280   -24.822 -3.235  1.00 57.61  ? 177 ASN A CB  1 
ATOM   1335 C  CG  . ASN A 1 177 ? -0.850  -24.441 -2.300  1.00 57.88  ? 177 ASN A CG  1 
ATOM   1336 O  OD1 . ASN A 1 177 ? -1.943  -24.084 -2.741  1.00 59.80  ? 177 ASN A OD1 1 
ATOM   1337 N  ND2 . ASN A 1 177 ? -0.587  -24.506 -0.998  1.00 57.21  ? 177 ASN A ND2 1 
ATOM   1338 N  N   . SER A 1 178 ? 3.562   -24.965 -3.040  1.00 64.95  ? 178 SER A N   1 
ATOM   1339 C  CA  . SER A 1 178 ? 4.765   -25.605 -3.553  1.00 63.12  ? 178 SER A CA  1 
ATOM   1340 C  C   . SER A 1 178 ? 4.396   -26.733 -4.509  1.00 65.83  ? 178 SER A C   1 
ATOM   1341 O  O   . SER A 1 178 ? 3.408   -27.446 -4.307  1.00 68.25  ? 178 SER A O   1 
ATOM   1342 C  CB  . SER A 1 178 ? 5.611   -26.140 -2.396  1.00 65.32  ? 178 SER A CB  1 
ATOM   1343 O  OG  . SER A 1 178 ? 6.756   -26.830 -2.869  1.00 66.64  ? 178 SER A OG  1 
ATOM   1344 N  N   . PHE A 1 179 ? 5.196   -26.890 -5.557  1.00 60.09  ? 179 PHE A N   1 
ATOM   1345 C  CA  . PHE A 1 179 ? 4.856   -27.797 -6.646  1.00 64.92  ? 179 PHE A CA  1 
ATOM   1346 C  C   . PHE A 1 179 ? 6.105   -28.270 -7.386  1.00 62.05  ? 179 PHE A C   1 
ATOM   1347 O  O   . PHE A 1 179 ? 6.019   -28.813 -8.488  1.00 58.95  ? 179 PHE A O   1 
ATOM   1348 C  CB  . PHE A 1 179 ? 3.892   -27.112 -7.622  1.00 66.89  ? 179 PHE A CB  1 
ATOM   1349 C  CG  . PHE A 1 179 ? 4.519   -25.993 -8.411  1.00 63.31  ? 179 PHE A CG  1 
ATOM   1350 C  CD1 . PHE A 1 179 ? 4.906   -24.813 -7.789  1.00 60.52  ? 179 PHE A CD1 1 
ATOM   1351 C  CD2 . PHE A 1 179 ? 4.719   -26.120 -9.775  1.00 60.93  ? 179 PHE A CD2 1 
ATOM   1352 C  CE1 . PHE A 1 179 ? 5.486   -23.787 -8.514  1.00 52.49  ? 179 PHE A CE1 1 
ATOM   1353 C  CE2 . PHE A 1 179 ? 5.296   -25.096 -10.506 1.00 49.11  ? 179 PHE A CE2 1 
ATOM   1354 C  CZ  . PHE A 1 179 ? 5.681   -23.929 -9.874  1.00 36.65  ? 179 PHE A CZ  1 
HETATM 1355 ZN ZN  . ZN  B 2 .   ? -3.134  -10.291 -2.870  1.00 43.95  2 201 ZN  A ZN  1 
HETATM 1356 O  O   . HOH C 3 .   ? 3.058   -19.892 -0.974  1.00 40.78  ? 301 HOH A O   1 
HETATM 1357 O  O   . HOH C 3 .   ? -7.880  2.946   0.241   1.00 31.75  ? 302 HOH A O   1 
HETATM 1358 O  O   . HOH C 3 .   ? -6.667  -10.728 -11.297 1.00 47.31  ? 303 HOH A O   1 
HETATM 1359 O  O   . HOH C 3 .   ? 4.279   20.319  13.831  1.00 42.02  ? 304 HOH A O   1 
HETATM 1360 O  O   . HOH C 3 .   ? -2.316  -3.085  10.984  1.00 30.56  ? 305 HOH A O   1 
HETATM 1361 O  O   . HOH C 3 .   ? 11.262  22.570  -1.352  1.00 40.79  ? 306 HOH A O   1 
HETATM 1362 O  O   . HOH C 3 .   ? -2.012  -11.915 -12.616 1.00 46.96  ? 307 HOH A O   1 
HETATM 1363 O  O   . HOH C 3 .   ? 10.066  -10.769 10.936  1.00 43.84  ? 308 HOH A O   1 
HETATM 1364 O  O   . HOH C 3 .   ? 8.369   -13.514 9.273   1.00 44.53  ? 309 HOH A O   1 
HETATM 1365 O  O   . HOH C 3 .   ? 3.398   10.662  7.895   1.00 23.16  ? 310 HOH A O   1 
HETATM 1366 O  O   . HOH C 3 .   ? 14.121  13.210  7.439   1.00 27.99  ? 311 HOH A O   1 
HETATM 1367 O  O   . HOH C 3 .   ? 13.746  19.599  2.121   1.00 40.75  ? 312 HOH A O   1 
HETATM 1368 O  O   . HOH C 3 .   ? 5.113   -7.448  -2.495  1.00 24.31  ? 313 HOH A O   1 
HETATM 1369 O  O   . HOH C 3 .   ? 1.022   -12.317 19.172  1.00 38.36  ? 314 HOH A O   1 
HETATM 1370 O  O   . HOH C 3 .   ? 10.799  23.979  1.391   1.00 38.99  ? 315 HOH A O   1 
HETATM 1371 O  O   . HOH C 3 .   ? -13.959 -16.246 -7.194  1.00 40.73  ? 316 HOH A O   1 
HETATM 1372 O  O   . HOH C 3 .   ? -6.597  8.167   3.712   1.00 37.39  ? 317 HOH A O   1 
HETATM 1373 O  O   . HOH C 3 .   ? -9.053  12.872  1.513   1.00 34.38  ? 318 HOH A O   1 
HETATM 1374 O  O   . HOH C 3 .   ? 10.797  -7.916  -6.249  1.00 27.72  ? 319 HOH A O   1 
HETATM 1375 O  O   . HOH C 3 .   ? 12.071  9.746   9.091   1.00 39.74  ? 320 HOH A O   1 
HETATM 1376 O  O   . HOH C 3 .   ? 1.397   14.673  16.097  1.00 41.51  ? 321 HOH A O   1 
HETATM 1377 O  O   . HOH C 3 .   ? 14.237  18.187  -5.613  1.00 22.67  ? 322 HOH A O   1 
HETATM 1378 O  O   . HOH C 3 .   ? 5.877   18.320  12.209  1.00 28.27  ? 323 HOH A O   1 
HETATM 1379 O  O   . HOH C 3 .   ? -8.806  3.509   7.655   1.00 42.56  ? 324 HOH A O   1 
HETATM 1380 O  O   . HOH C 3 .   ? 17.043  10.048  3.842   1.00 41.66  ? 325 HOH A O   1 
HETATM 1381 O  O   . HOH C 3 .   ? -7.323  17.282  7.812   1.00 38.36  ? 326 HOH A O   1 
HETATM 1382 O  O   . HOH C 3 .   ? -1.555  -22.083 -6.471  1.00 42.73  ? 327 HOH A O   1 
HETATM 1383 O  O   . HOH C 3 .   ? 9.918   7.064   -1.385  1.00 29.62  ? 328 HOH A O   1 
HETATM 1384 O  O   . HOH C 3 .   ? 8.501   -13.951 -9.570  1.00 23.83  ? 329 HOH A O   1 
HETATM 1385 O  O   . HOH C 3 .   ? -13.778 -14.102 -3.394  1.00 34.04  ? 330 HOH A O   1 
HETATM 1386 O  O   . HOH C 3 .   ? -9.943  15.739  2.169   1.00 40.31  ? 331 HOH A O   1 
HETATM 1387 O  O   . HOH C 3 .   ? -10.433 -5.231  9.695   1.00 23.94  ? 332 HOH A O   1 
HETATM 1388 O  O   . HOH C 3 .   ? -4.641  3.537   6.355   1.00 39.88  ? 333 HOH A O   1 
HETATM 1389 O  O   . HOH C 3 .   ? 6.226   33.100  -2.970  1.00 53.23  ? 334 HOH A O   1 
HETATM 1390 O  O   . HOH C 3 .   ? 0.989   11.222  6.891   1.00 24.74  ? 335 HOH A O   1 
HETATM 1391 O  O   . HOH C 3 .   ? 3.563   -12.344 -10.353 1.00 24.64  ? 336 HOH A O   1 
HETATM 1392 O  O   . HOH C 3 .   ? -9.593  -20.124 -3.692  1.00 39.18  ? 337 HOH A O   1 
HETATM 1393 O  O   . HOH C 3 .   ? 5.990   -16.842 3.333   1.00 40.24  ? 338 HOH A O   1 
HETATM 1394 O  O   . HOH C 3 .   ? -1.670  26.595  3.629   1.00 24.53  ? 339 HOH A O   1 
HETATM 1395 O  O   . HOH C 3 .   ? -4.430  -4.305  9.713   1.00 26.33  ? 340 HOH A O   1 
HETATM 1396 O  O   . HOH C 3 .   ? 9.650   32.314  3.069   1.00 54.48  ? 341 HOH A O   1 
HETATM 1397 O  O   . HOH C 3 .   ? -3.170  13.509  10.140  1.00 32.33  ? 342 HOH A O   1 
HETATM 1398 O  O   . HOH C 3 .   ? 11.913  2.049   17.946  1.00 76.43  ? 343 HOH A O   1 
HETATM 1399 O  O   . HOH C 3 .   ? -7.693  -4.037  10.539  1.00 28.62  ? 344 HOH A O   1 
HETATM 1400 O  O   . HOH C 3 .   ? 19.047  11.383  -4.195  1.00 33.64  ? 345 HOH A O   1 
HETATM 1401 O  O   . HOH C 3 .   ? -12.781 -12.301 4.491   1.00 41.53  ? 346 HOH A O   1 
HETATM 1402 O  O   . HOH C 3 .   ? -0.306  -4.535  11.788  1.00 34.52  ? 347 HOH A O   1 
HETATM 1403 O  O   . HOH C 3 .   ? 9.737   27.584  3.996   1.00 46.21  ? 348 HOH A O   1 
HETATM 1404 O  O   . HOH C 3 .   ? -8.745  24.937  -0.305  1.00 38.42  ? 349 HOH A O   1 
HETATM 1405 O  O   . HOH C 3 .   ? 10.290  0.086   13.196  1.00 75.87  ? 350 HOH A O   1 
HETATM 1406 O  O   . HOH C 3 .   ? -4.545  -23.204 -3.312  1.00 45.34  ? 351 HOH A O   1 
HETATM 1407 O  O   . HOH C 3 .   ? -2.437  11.699  12.820  1.00 36.36  ? 352 HOH A O   1 
HETATM 1408 O  O   . HOH C 3 .   ? -5.864  -19.028 10.848  1.00 37.49  ? 353 HOH A O   1 
HETATM 1409 O  O   . HOH C 3 .   ? -3.097  15.916  9.879   1.00 28.64  ? 354 HOH A O   1 
HETATM 1410 O  O   . HOH C 3 .   ? 7.156   29.129  -6.033  1.00 44.65  ? 355 HOH A O   1 
HETATM 1411 O  O   . HOH C 3 .   ? 1.059   -20.138 8.536   1.00 40.71  ? 356 HOH A O   1 
HETATM 1412 O  O   . HOH C 3 .   ? 6.737   -9.139  -1.114  1.00 34.45  ? 357 HOH A O   1 
HETATM 1413 O  O   . HOH C 3 .   ? 9.457   21.916  7.026   1.00 36.87  ? 358 HOH A O   1 
HETATM 1414 O  O   . HOH C 3 .   ? 13.463  9.803   -1.174  1.00 29.13  ? 359 HOH A O   1 
HETATM 1415 O  O   . HOH C 3 .   ? -15.379 -2.227  -2.358  1.00 33.25  ? 360 HOH A O   1 
HETATM 1416 O  O   . HOH C 3 .   ? 4.161   -17.891 0.607   1.00 34.26  ? 361 HOH A O   1 
HETATM 1417 O  O   . HOH C 3 .   ? -18.199 -8.367  9.725   1.00 37.10  ? 362 HOH A O   1 
HETATM 1418 O  O   . HOH C 3 .   ? -0.336  -18.577 15.258  1.00 39.41  ? 363 HOH A O   1 
HETATM 1419 O  O   . HOH C 3 .   ? 6.177   27.160  5.142   1.00 47.30  ? 364 HOH A O   1 
HETATM 1420 O  O   . HOH C 3 .   ? -13.454 -11.109 -3.249  1.00 27.99  ? 365 HOH A O   1 
HETATM 1421 O  O   . HOH C 3 .   ? 5.384   -14.556 17.483  1.00 38.68  ? 366 HOH A O   1 
HETATM 1422 O  O   . HOH C 3 .   ? 6.533   10.747  -8.937  1.00 20.93  ? 367 HOH A O   1 
HETATM 1423 O  O   . HOH C 3 .   ? 7.370   -12.617 16.936  1.00 38.76  ? 368 HOH A O   1 
HETATM 1424 O  O   . HOH C 3 .   ? -7.470  22.247  -3.829  1.00 35.97  ? 369 HOH A O   1 
HETATM 1425 O  O   . HOH C 3 .   ? -16.882 -3.638  8.970   1.00 38.45  ? 370 HOH A O   1 
HETATM 1426 O  O   . HOH C 3 .   ? 10.170  -5.484  -6.158  1.00 36.37  ? 371 HOH A O   1 
HETATM 1427 O  O   . HOH C 3 .   ? 9.667   -3.524  -8.087  1.00 34.05  ? 372 HOH A O   1 
HETATM 1428 O  O   . HOH C 3 .   ? 18.402  16.964  1.508   1.00 43.03  ? 373 HOH A O   1 
HETATM 1429 O  O   . HOH C 3 .   ? -3.891  -20.834 -5.150  1.00 37.38  ? 374 HOH A O   1 
HETATM 1430 O  O   . HOH C 3 .   ? -1.371  27.835  -3.766  1.00 37.10  ? 375 HOH A O   1 
HETATM 1431 O  O   . HOH C 3 .   ? -0.569  -7.350  14.339  1.00 27.83  ? 376 HOH A O   1 
HETATM 1432 O  O   . HOH C 3 .   ? -3.405  10.244  -1.974  1.00 26.37  ? 377 HOH A O   1 
HETATM 1433 O  O   . HOH C 3 .   ? -6.313  -13.791 -11.133 1.00 42.70  ? 378 HOH A O   1 
HETATM 1434 O  O   . HOH C 3 .   ? 6.206   0.274   1.146   1.00 34.20  ? 379 HOH A O   1 
HETATM 1435 O  O   . HOH C 3 .   ? -5.121  -10.566 15.266  1.00 29.09  ? 380 HOH A O   1 
HETATM 1436 O  O   . HOH C 3 .   ? -8.276  18.534  -3.307  1.00 36.44  ? 381 HOH A O   1 
HETATM 1437 O  O   . HOH C 3 .   ? -12.003 -19.222 -0.790  1.00 37.41  ? 382 HOH A O   1 
HETATM 1438 O  O   . HOH C 3 .   ? -12.694 0.226   8.424   1.00 28.13  ? 383 HOH A O   1 
HETATM 1439 O  O   . HOH C 3 .   ? -12.570 -8.752  -5.441  1.00 28.93  ? 384 HOH A O   1 
HETATM 1440 O  O   . HOH C 3 .   ? 4.641   -18.432 6.173   1.00 42.29  ? 385 HOH A O   1 
HETATM 1441 O  O   . HOH C 3 .   ? -6.204  12.123  -3.194  1.00 30.93  ? 386 HOH A O   1 
HETATM 1442 O  O   . HOH C 3 .   ? -0.863  8.942   -1.874  1.00 27.31  ? 387 HOH A O   1 
HETATM 1443 O  O   . HOH C 3 .   ? -5.941  12.508  4.652   1.00 27.33  ? 388 HOH A O   1 
HETATM 1444 O  O   . HOH C 3 .   ? -16.175 -10.805 10.485  1.00 48.13  ? 389 HOH A O   1 
HETATM 1445 O  O   . HOH C 3 .   ? 2.396   -19.631 15.370  1.00 45.79  ? 390 HOH A O   1 
HETATM 1446 O  O   . HOH C 3 .   ? 10.626  -11.057 14.327  1.00 40.94  ? 391 HOH A O   1 
HETATM 1447 O  O   . HOH C 3 .   ? -12.231 -17.970 -3.372  1.00 40.97  ? 392 HOH A O   1 
HETATM 1448 O  O   . HOH C 3 .   ? -0.809  17.368  9.814   1.00 23.50  ? 393 HOH A O   1 
HETATM 1449 O  O   . HOH C 3 .   ? 9.140   7.121   -5.397  1.00 31.43  ? 394 HOH A O   1 
HETATM 1450 O  O   . HOH C 3 .   ? -15.602 -9.757  -6.518  1.00 36.72  ? 395 HOH A O   1 
HETATM 1451 O  O   . HOH C 3 .   ? -13.378 -8.965  -10.847 1.00 42.17  ? 396 HOH A O   1 
HETATM 1452 O  O   . HOH C 3 .   ? -19.979 -2.403  -9.059  1.00 47.03  ? 397 HOH A O   1 
HETATM 1453 O  O   . HOH C 3 .   ? -4.170  -8.620  -4.148  1.00 36.18  ? 398 HOH A O   1 
HETATM 1454 O  O   . HOH C 3 .   ? -3.646  -22.031 -0.750  1.00 35.00  ? 399 HOH A O   1 
HETATM 1455 O  O   . HOH C 3 .   ? 0.646   26.961  -2.484  1.00 33.16  ? 400 HOH A O   1 
HETATM 1456 O  O   . HOH C 3 .   ? -3.333  8.468   15.494  1.00 43.12  ? 401 HOH A O   1 
HETATM 1457 O  O   . HOH C 3 .   ? 7.109   10.831  10.412  1.00 41.15  ? 402 HOH A O   1 
HETATM 1458 O  O   . HOH C 3 .   ? -5.034  17.211  -10.092 1.00 30.39  ? 403 HOH A O   1 
HETATM 1459 O  O   . HOH C 3 .   ? -7.677  -19.085 -5.732  1.00 40.51  ? 404 HOH A O   1 
HETATM 1460 O  O   . HOH C 3 .   ? -8.227  7.502   -0.415  1.00 40.50  ? 405 HOH A O   1 
HETATM 1461 O  O   . HOH C 3 .   ? -5.960  8.595   -1.591  1.00 33.18  ? 406 HOH A O   1 
HETATM 1462 O  O   . HOH C 3 .   ? -4.774  -13.315 14.822  1.00 38.29  ? 407 HOH A O   1 
HETATM 1463 O  O   . HOH C 3 .   ? -6.286  5.892   5.865   1.00 39.63  ? 408 HOH A O   1 
HETATM 1464 O  O   . HOH C 3 .   ? -2.867  -15.230 16.108  1.00 45.70  ? 409 HOH A O   1 
HETATM 1465 O  O   . HOH C 3 .   ? -4.115  4.364   9.198   1.00 38.94  ? 410 HOH A O   1 
HETATM 1466 O  O   . HOH C 3 .   ? -11.515 -17.801 -9.284  1.00 38.80  ? 411 HOH A O   1 
HETATM 1467 O  O   . HOH C 3 .   ? -13.542 -11.602 10.924  1.00 43.86  ? 412 HOH A O   1 
HETATM 1468 O  O   . HOH C 3 .   ? 2.027   27.821  0.425   1.00 44.08  ? 413 HOH A O   1 
HETATM 1469 O  O   . HOH C 3 .   ? -8.587  24.340  -2.864  1.00 36.81  ? 414 HOH A O   1 
HETATM 1470 O  O   . HOH C 3 .   ? 6.322   16.507  14.305  1.00 35.55  ? 415 HOH A O   1 
HETATM 1471 O  O   . HOH C 3 .   ? -1.543  3.972   9.646   1.00 37.85  ? 416 HOH A O   1 
HETATM 1472 O  O   . HOH C 3 .   ? 0.004   27.275  1.142   1.00 33.68  ? 417 HOH A O   1 
HETATM 1473 O  O   . HOH C 3 .   ? -12.540 -19.803 5.514   1.00 49.35  ? 418 HOH A O   1 
HETATM 1474 O  O   . HOH C 3 .   ? -15.349 -9.680  -0.125  1.00 39.86  ? 419 HOH A O   1 
HETATM 1475 O  O   . HOH C 3 .   ? -12.947 -21.271 3.180   1.00 48.30  ? 420 HOH A O   1 
HETATM 1476 O  O   . HOH C 3 .   ? -17.474 -7.759  1.053   1.00 46.37  ? 421 HOH A O   1 
HETATM 1477 O  O   . HOH C 3 .   ? 5.550   -20.233 -0.262  1.00 37.31  ? 422 HOH A O   1 
HETATM 1478 O  O   . HOH C 3 .   ? 14.346  6.701   7.513   1.00 51.08  ? 423 HOH A O   1 
HETATM 1479 O  O   . HOH C 3 .   ? -15.674 -10.155 -2.548  1.00 37.79  ? 424 HOH A O   1 
HETATM 1480 O  O   . HOH C 3 .   ? 8.143   -0.691  -3.609  1.00 36.87  ? 425 HOH A O   1 
HETATM 1481 O  O   . HOH C 3 .   ? 8.319   18.751  11.733  1.00 37.10  ? 426 HOH A O   1 
HETATM 1482 O  O   . HOH C 3 .   ? 12.168  7.972   -2.583  1.00 31.85  ? 427 HOH A O   1 
HETATM 1483 O  O   . HOH C 3 .   ? 8.761   -10.148 -2.966  1.00 32.04  ? 428 HOH A O   1 
HETATM 1484 O  O   . HOH C 3 .   ? -3.983  -6.217  -4.985  1.00 43.24  ? 429 HOH A O   1 
# 
loop_
_pdbx_poly_seq_scheme.asym_id 
_pdbx_poly_seq_scheme.entity_id 
_pdbx_poly_seq_scheme.seq_id 
_pdbx_poly_seq_scheme.mon_id 
_pdbx_poly_seq_scheme.ndb_seq_num 
_pdbx_poly_seq_scheme.pdb_seq_num 
_pdbx_poly_seq_scheme.auth_seq_num 
_pdbx_poly_seq_scheme.pdb_mon_id 
_pdbx_poly_seq_scheme.auth_mon_id 
_pdbx_poly_seq_scheme.pdb_strand_id 
_pdbx_poly_seq_scheme.pdb_ins_code 
_pdbx_poly_seq_scheme.hetero 
A 1 1   MET 1   1   ?   ?   ?   A . n 
A 1 2   SER 2   2   ?   ?   ?   A . n 
A 1 3   ASP 3   3   ?   ?   ?   A . n 
A 1 4   GLU 4   4   ?   ?   ?   A . n 
A 1 5   LYS 5   5   ?   ?   ?   A . n 
A 1 6   LYS 6   6   ?   ?   ?   A . n 
A 1 7   ILE 7   7   7   ILE ILE A . n 
A 1 8   LEU 8   8   8   LEU LEU A . n 
A 1 9   GLY 9   9   9   GLY GLY A . n 
A 1 10  GLU 10  10  10  GLU GLU A . n 
A 1 11  GLU 11  11  11  GLU GLU A . n 
A 1 12  ARG 12  12  12  ARG ARG A . n 
A 1 13  ARG 13  13  13  ARG ARG A . n 
A 1 14  SER 14  14  14  SER SER A . n 
A 1 15  LEU 15  15  15  LEU LEU A . n 
A 1 16  LEU 16  16  16  LEU LEU A . n 
A 1 17  ILE 17  17  17  ILE ILE A . n 
A 1 18  LYS 18  18  18  LYS LYS A . n 
A 1 19  TRP 19  19  19  TRP TRP A . n 
A 1 20  LEU 20  20  20  LEU LEU A . n 
A 1 21  LYS 21  21  21  LYS LYS A . n 
A 1 22  ALA 22  22  22  ALA ALA A . n 
A 1 23  SER 23  23  23  SER SER A . n 
A 1 24  ASP 24  24  24  ASP ASP A . n 
A 1 25  THR 25  25  25  THR THR A . n 
A 1 26  PRO 26  26  26  PRO PRO A . n 
A 1 27  LEU 27  27  27  LEU LEU A . n 
A 1 28  THR 28  28  28  THR THR A . n 
A 1 29  GLY 29  29  29  GLY GLY A . n 
A 1 30  ALA 30  30  30  ALA ALA A . n 
A 1 31  GLU 31  31  31  GLU GLU A . n 
A 1 32  LEU 32  32  32  LEU LEU A . n 
A 1 33  ALA 33  33  33  ALA ALA A . n 
A 1 34  LYS 34  34  34  LYS LYS A . n 
A 1 35  ARG 35  35  35  ARG ARG A . n 
A 1 36  THR 36  36  36  THR THR A . n 
A 1 37  ASN 37  37  37  ASN ASN A . n 
A 1 38  VAL 38  38  38  VAL VAL A . n 
A 1 39  SER 39  39  39  SER SER A . n 
A 1 40  ARG 40  40  40  ARG ARG A . n 
A 1 41  GLN 41  41  41  GLN GLN A . n 
A 1 42  VAL 42  42  42  VAL VAL A . n 
A 1 43  ILE 43  43  43  ILE ILE A . n 
A 1 44  VAL 44  44  44  VAL VAL A . n 
A 1 45  GLN 45  45  45  GLN GLN A . n 
A 1 46  ASP 46  46  46  ASP ASP A . n 
A 1 47  VAL 47  47  47  VAL VAL A . n 
A 1 48  SER 48  48  48  SER SER A . n 
A 1 49  LEU 49  49  49  LEU LEU A . n 
A 1 50  LEU 50  50  50  LEU LEU A . n 
A 1 51  LYS 51  51  51  LYS LYS A . n 
A 1 52  ALA 52  52  52  ALA ALA A . n 
A 1 53  LYS 53  53  53  LYS LYS A . n 
A 1 54  ASN 54  54  54  ASN ASN A . n 
A 1 55  HIS 55  55  55  HIS HIS A . n 
A 1 56  PRO 56  56  56  PRO PRO A . n 
A 1 57  ILE 57  57  57  ILE ILE A . n 
A 1 58  LEU 58  58  58  LEU LEU A . n 
A 1 59  ALA 59  59  59  ALA ALA A . n 
A 1 60  THR 60  60  60  THR THR A . n 
A 1 61  ALA 61  61  61  ALA ALA A . n 
A 1 62  GLN 62  62  62  GLN GLN A . n 
A 1 63  GLY 63  63  63  GLY GLY A . n 
A 1 64  TYR 64  64  64  TYR TYR A . n 
A 1 65  ILE 65  65  65  ILE ILE A . n 
A 1 66  TYR 66  66  66  TYR TYR A . n 
A 1 67  MET 67  67  67  MET MET A . n 
A 1 68  LYS 68  68  68  LYS LYS A . n 
A 1 69  GLU 69  69  69  GLU GLU A . n 
A 1 70  ALA 70  70  70  ALA ALA A . n 
A 1 71  ASN 71  71  71  ASN ASN A . n 
A 1 72  THR 72  72  72  THR THR A . n 
A 1 73  VAL 73  73  73  VAL VAL A . n 
A 1 74  GLN 74  74  74  GLN GLN A . n 
A 1 75  ALA 75  75  75  ALA ALA A . n 
A 1 76  GLN 76  76  76  GLN GLN A . n 
A 1 77  ARG 77  77  77  ARG ARG A . n 
A 1 78  VAL 78  78  78  VAL VAL A . n 
A 1 79  VAL 79  79  79  VAL VAL A . n 
A 1 80  ALA 80  80  80  ALA ALA A . n 
A 1 81  CYS 81  81  81  CYS CYS A . n 
A 1 82  GLN 82  82  82  GLN GLN A . n 
A 1 83  HIS 83  83  83  HIS HIS A . n 
A 1 84  GLY 84  84  84  GLY GLY A . n 
A 1 85  PRO 85  85  85  PRO PRO A . n 
A 1 86  ALA 86  86  86  ALA ALA A . n 
A 1 87  ASP 87  87  87  ASP ASP A . n 
A 1 88  MET 88  88  88  MET MET A . n 
A 1 89  LYS 89  89  89  LYS LYS A . n 
A 1 90  ASP 90  90  90  ASP ASP A . n 
A 1 91  GLU 91  91  91  GLU GLU A . n 
A 1 92  LEU 92  92  92  LEU LEU A . n 
A 1 93  LEU 93  93  93  LEU LEU A . n 
A 1 94  THR 94  94  94  THR THR A . n 
A 1 95  LEU 95  95  95  LEU LEU A . n 
A 1 96  VAL 96  96  96  VAL VAL A . n 
A 1 97  ASP 97  97  97  ASP ASP A . n 
A 1 98  HIS 98  98  98  HIS HIS A . n 
A 1 99  GLY 99  99  99  GLY GLY A . n 
A 1 100 VAL 100 100 100 VAL VAL A . n 
A 1 101 LEU 101 101 101 LEU LEU A . n 
A 1 102 ILE 102 102 102 ILE ILE A . n 
A 1 103 LYS 103 103 103 LYS LYS A . n 
A 1 104 ASP 104 104 104 ASP ASP A . n 
A 1 105 VAL 105 105 105 VAL VAL A . n 
A 1 106 THR 106 106 106 THR THR A . n 
A 1 107 VAL 107 107 107 VAL VAL A . n 
A 1 108 ASP 108 108 108 ASP ASP A . n 
A 1 109 HIS 109 109 109 HIS HIS A . n 
A 1 110 PRO 110 110 110 PRO PRO A . n 
A 1 111 VAL 111 111 111 VAL VAL A . n 
A 1 112 TYR 112 112 112 TYR TYR A . n 
A 1 113 GLY 113 113 113 GLY GLY A . n 
A 1 114 ASP 114 114 114 ASP ASP A . n 
A 1 115 ILE 115 115 115 ILE ILE A . n 
A 1 116 THR 116 116 116 THR THR A . n 
A 1 117 ALA 117 117 117 ALA ALA A . n 
A 1 118 SER 118 118 118 SER SER A . n 
A 1 119 LEU 119 119 119 LEU LEU A . n 
A 1 120 HIS 120 120 120 HIS HIS A . n 
A 1 121 LEU 121 121 121 LEU LEU A . n 
A 1 122 LYS 122 122 122 LYS LYS A . n 
A 1 123 SER 123 123 123 SER SER A . n 
A 1 124 ARG 124 124 124 ARG ARG A . n 
A 1 125 LYS 125 125 125 LYS LYS A . n 
A 1 126 ASP 126 126 126 ASP ASP A . n 
A 1 127 VAL 127 127 127 VAL VAL A . n 
A 1 128 ALA 128 128 128 ALA ALA A . n 
A 1 129 LEU 129 129 129 LEU LEU A . n 
A 1 130 PHE 130 130 130 PHE PHE A . n 
A 1 131 CYS 131 131 131 CYS CYS A . n 
A 1 132 LYS 132 132 132 LYS LYS A . n 
A 1 133 ARG 133 133 133 ARG ARG A . n 
A 1 134 MET 134 134 134 MET MET A . n 
A 1 135 GLU 135 135 135 GLU GLU A . n 
A 1 136 GLU 136 136 136 GLU GLU A . n 
A 1 137 SER 137 137 137 SER SER A . n 
A 1 138 ASN 138 138 138 ASN ASN A . n 
A 1 139 GLY 139 139 139 GLY GLY A . n 
A 1 140 THR 140 140 140 THR THR A . n 
A 1 141 LEU 141 141 141 LEU LEU A . n 
A 1 142 LEU 142 142 142 LEU LEU A . n 
A 1 143 SER 143 143 143 SER SER A . n 
A 1 144 THR 144 144 144 THR THR A . n 
A 1 145 LEU 145 145 145 LEU LEU A . n 
A 1 146 THR 146 146 146 THR THR A . n 
A 1 147 LYS 147 147 147 LYS LYS A . n 
A 1 148 GLY 148 148 148 GLY GLY A . n 
A 1 149 VAL 149 149 149 VAL VAL A . n 
A 1 150 HIS 150 150 150 HIS HIS A . n 
A 1 151 MET 151 151 151 MET MET A . n 
A 1 152 HIS 152 152 152 HIS HIS A . n 
A 1 153 THR 153 153 153 THR THR A . n 
A 1 154 LEU 154 154 154 LEU LEU A . n 
A 1 155 GLU 155 155 155 GLU GLU A . n 
A 1 156 ALA 156 156 156 ALA ALA A . n 
A 1 157 GLU 157 157 157 GLU GLU A . n 
A 1 158 SER 158 158 158 SER SER A . n 
A 1 159 GLU 159 159 159 GLU GLU A . n 
A 1 160 ALA 160 160 160 ALA ALA A . n 
A 1 161 ILE 161 161 161 ILE ILE A . n 
A 1 162 LEU 162 162 162 LEU LEU A . n 
A 1 163 ASP 163 163 163 ASP ASP A . n 
A 1 164 GLU 164 164 164 GLU GLU A . n 
A 1 165 ALA 165 165 165 ALA ALA A . n 
A 1 166 ILE 166 166 166 ILE ILE A . n 
A 1 167 ARG 167 167 167 ARG ARG A . n 
A 1 168 ALA 168 168 168 ALA ALA A . n 
A 1 169 LEU 169 169 169 LEU LEU A . n 
A 1 170 GLU 170 170 170 GLU GLU A . n 
A 1 171 GLU 171 171 171 GLU GLU A . n 
A 1 172 LYS 172 172 172 LYS LYS A . n 
A 1 173 GLY 173 173 173 GLY GLY A . n 
A 1 174 TYR 174 174 174 TYR TYR A . n 
A 1 175 LEU 175 175 175 LEU LEU A . n 
A 1 176 LEU 176 176 176 LEU LEU A . n 
A 1 177 ASN 177 177 177 ASN ASN A . n 
A 1 178 SER 178 178 178 SER SER A . n 
A 1 179 PHE 179 179 179 PHE PHE A . n 
# 
loop_
_pdbx_nonpoly_scheme.asym_id 
_pdbx_nonpoly_scheme.entity_id 
_pdbx_nonpoly_scheme.mon_id 
_pdbx_nonpoly_scheme.ndb_seq_num 
_pdbx_nonpoly_scheme.pdb_seq_num 
_pdbx_nonpoly_scheme.auth_seq_num 
_pdbx_nonpoly_scheme.pdb_mon_id 
_pdbx_nonpoly_scheme.auth_mon_id 
_pdbx_nonpoly_scheme.pdb_strand_id 
_pdbx_nonpoly_scheme.pdb_ins_code 
B 2 ZN  1   201 1   ZN  ZN  A . 
C 3 HOH 1   301 117 HOH HOH A . 
C 3 HOH 2   302 29  HOH HOH A . 
C 3 HOH 3   303 51  HOH HOH A . 
C 3 HOH 4   304 91  HOH HOH A . 
C 3 HOH 5   305 40  HOH HOH A . 
C 3 HOH 6   306 75  HOH HOH A . 
C 3 HOH 7   307 35  HOH HOH A . 
C 3 HOH 8   308 49  HOH HOH A . 
C 3 HOH 9   309 47  HOH HOH A . 
C 3 HOH 10  310 9   HOH HOH A . 
C 3 HOH 11  311 18  HOH HOH A . 
C 3 HOH 12  312 120 HOH HOH A . 
C 3 HOH 13  313 5   HOH HOH A . 
C 3 HOH 14  314 57  HOH HOH A . 
C 3 HOH 15  315 61  HOH HOH A . 
C 3 HOH 16  316 69  HOH HOH A . 
C 3 HOH 17  317 62  HOH HOH A . 
C 3 HOH 18  318 64  HOH HOH A . 
C 3 HOH 19  319 22  HOH HOH A . 
C 3 HOH 20  320 107 HOH HOH A . 
C 3 HOH 21  321 100 HOH HOH A . 
C 3 HOH 22  322 13  HOH HOH A . 
C 3 HOH 23  323 12  HOH HOH A . 
C 3 HOH 24  324 118 HOH HOH A . 
C 3 HOH 25  325 116 HOH HOH A . 
C 3 HOH 26  326 26  HOH HOH A . 
C 3 HOH 27  327 60  HOH HOH A . 
C 3 HOH 28  328 55  HOH HOH A . 
C 3 HOH 29  329 11  HOH HOH A . 
C 3 HOH 30  330 38  HOH HOH A . 
C 3 HOH 31  331 93  HOH HOH A . 
C 3 HOH 32  332 14  HOH HOH A . 
C 3 HOH 33  333 119 HOH HOH A . 
C 3 HOH 34  334 125 HOH HOH A . 
C 3 HOH 35  335 8   HOH HOH A . 
C 3 HOH 36  336 2   HOH HOH A . 
C 3 HOH 37  337 65  HOH HOH A . 
C 3 HOH 38  338 76  HOH HOH A . 
C 3 HOH 39  339 4   HOH HOH A . 
C 3 HOH 40  340 7   HOH HOH A . 
C 3 HOH 41  341 87  HOH HOH A . 
C 3 HOH 42  342 43  HOH HOH A . 
C 3 HOH 43  343 127 HOH HOH A . 
C 3 HOH 44  344 27  HOH HOH A . 
C 3 HOH 45  345 42  HOH HOH A . 
C 3 HOH 46  346 90  HOH HOH A . 
C 3 HOH 47  347 30  HOH HOH A . 
C 3 HOH 48  348 106 HOH HOH A . 
C 3 HOH 49  349 39  HOH HOH A . 
C 3 HOH 50  350 126 HOH HOH A . 
C 3 HOH 51  351 95  HOH HOH A . 
C 3 HOH 52  352 36  HOH HOH A . 
C 3 HOH 53  353 41  HOH HOH A . 
C 3 HOH 54  354 21  HOH HOH A . 
C 3 HOH 55  355 45  HOH HOH A . 
C 3 HOH 56  356 66  HOH HOH A . 
C 3 HOH 57  357 33  HOH HOH A . 
C 3 HOH 58  358 82  HOH HOH A . 
C 3 HOH 59  359 34  HOH HOH A . 
C 3 HOH 60  360 15  HOH HOH A . 
C 3 HOH 61  361 70  HOH HOH A . 
C 3 HOH 62  362 80  HOH HOH A . 
C 3 HOH 63  363 48  HOH HOH A . 
C 3 HOH 64  364 85  HOH HOH A . 
C 3 HOH 65  365 6   HOH HOH A . 
C 3 HOH 66  366 77  HOH HOH A . 
C 3 HOH 67  367 10  HOH HOH A . 
C 3 HOH 68  368 28  HOH HOH A . 
C 3 HOH 69  369 54  HOH HOH A . 
C 3 HOH 70  370 68  HOH HOH A . 
C 3 HOH 71  371 86  HOH HOH A . 
C 3 HOH 72  372 19  HOH HOH A . 
C 3 HOH 73  373 44  HOH HOH A . 
C 3 HOH 74  374 31  HOH HOH A . 
C 3 HOH 75  375 97  HOH HOH A . 
C 3 HOH 76  376 3   HOH HOH A . 
C 3 HOH 77  377 20  HOH HOH A . 
C 3 HOH 78  378 53  HOH HOH A . 
C 3 HOH 79  379 103 HOH HOH A . 
C 3 HOH 80  380 16  HOH HOH A . 
C 3 HOH 81  381 92  HOH HOH A . 
C 3 HOH 82  382 79  HOH HOH A . 
C 3 HOH 83  383 25  HOH HOH A . 
C 3 HOH 84  384 32  HOH HOH A . 
C 3 HOH 85  385 102 HOH HOH A . 
C 3 HOH 86  386 71  HOH HOH A . 
C 3 HOH 87  387 129 HOH HOH A . 
C 3 HOH 88  388 23  HOH HOH A . 
C 3 HOH 89  389 113 HOH HOH A . 
C 3 HOH 90  390 88  HOH HOH A . 
C 3 HOH 91  391 108 HOH HOH A . 
C 3 HOH 92  392 124 HOH HOH A . 
C 3 HOH 93  393 1   HOH HOH A . 
C 3 HOH 94  394 24  HOH HOH A . 
C 3 HOH 95  395 122 HOH HOH A . 
C 3 HOH 96  396 121 HOH HOH A . 
C 3 HOH 97  397 73  HOH HOH A . 
C 3 HOH 98  398 83  HOH HOH A . 
C 3 HOH 99  399 72  HOH HOH A . 
C 3 HOH 100 400 115 HOH HOH A . 
C 3 HOH 101 401 89  HOH HOH A . 
C 3 HOH 102 402 109 HOH HOH A . 
C 3 HOH 103 403 101 HOH HOH A . 
C 3 HOH 104 404 123 HOH HOH A . 
C 3 HOH 105 405 81  HOH HOH A . 
C 3 HOH 106 406 58  HOH HOH A . 
C 3 HOH 107 407 59  HOH HOH A . 
C 3 HOH 108 408 67  HOH HOH A . 
C 3 HOH 109 409 104 HOH HOH A . 
C 3 HOH 110 410 78  HOH HOH A . 
C 3 HOH 111 411 99  HOH HOH A . 
C 3 HOH 112 412 63  HOH HOH A . 
C 3 HOH 113 413 37  HOH HOH A . 
C 3 HOH 114 414 52  HOH HOH A . 
C 3 HOH 115 415 50  HOH HOH A . 
C 3 HOH 116 416 74  HOH HOH A . 
C 3 HOH 117 417 46  HOH HOH A . 
C 3 HOH 118 418 110 HOH HOH A . 
C 3 HOH 119 419 112 HOH HOH A . 
C 3 HOH 120 420 114 HOH HOH A . 
C 3 HOH 121 421 111 HOH HOH A . 
C 3 HOH 122 422 98  HOH HOH A . 
C 3 HOH 123 423 128 HOH HOH A . 
C 3 HOH 124 424 105 HOH HOH A . 
C 3 HOH 125 425 94  HOH HOH A . 
C 3 HOH 126 426 96  HOH HOH A . 
C 3 HOH 127 427 17  HOH HOH A . 
C 3 HOH 128 428 56  HOH HOH A . 
C 3 HOH 129 429 84  HOH HOH A . 
# 
_pdbx_struct_assembly.id                   1 
_pdbx_struct_assembly.details              author_and_software_defined_assembly 
_pdbx_struct_assembly.method_details       PISA 
_pdbx_struct_assembly.oligomeric_details   monomeric 
_pdbx_struct_assembly.oligomeric_count     1 
# 
_pdbx_struct_assembly_gen.assembly_id       1 
_pdbx_struct_assembly_gen.oper_expression   1 
_pdbx_struct_assembly_gen.asym_id_list      A,B,C 
# 
loop_
_pdbx_struct_assembly_prop.biol_id 
_pdbx_struct_assembly_prop.type 
_pdbx_struct_assembly_prop.value 
_pdbx_struct_assembly_prop.details 
1 'ABSA (A^2)' 100   ? 
1 MORE         -39   ? 
1 'SSA (A^2)'  10590 ? 
# 
_pdbx_struct_oper_list.id                   1 
_pdbx_struct_oper_list.type                 'identity operation' 
_pdbx_struct_oper_list.name                 1_555 
_pdbx_struct_oper_list.symmetry_operation   x,y,z 
_pdbx_struct_oper_list.matrix[1][1]         1.0000000000 
_pdbx_struct_oper_list.matrix[1][2]         0.0000000000 
_pdbx_struct_oper_list.matrix[1][3]         0.0000000000 
_pdbx_struct_oper_list.vector[1]            0.0000000000 
_pdbx_struct_oper_list.matrix[2][1]         0.0000000000 
_pdbx_struct_oper_list.matrix[2][2]         1.0000000000 
_pdbx_struct_oper_list.matrix[2][3]         0.0000000000 
_pdbx_struct_oper_list.vector[2]            0.0000000000 
_pdbx_struct_oper_list.matrix[3][1]         0.0000000000 
_pdbx_struct_oper_list.matrix[3][2]         0.0000000000 
_pdbx_struct_oper_list.matrix[3][3]         1.0000000000 
_pdbx_struct_oper_list.vector[3]            0.0000000000 
# 
loop_
_pdbx_struct_conn_angle.id 
_pdbx_struct_conn_angle.ptnr1_label_atom_id 
_pdbx_struct_conn_angle.ptnr1_label_alt_id 
_pdbx_struct_conn_angle.ptnr1_label_asym_id 
_pdbx_struct_conn_angle.ptnr1_label_comp_id 
_pdbx_struct_conn_angle.ptnr1_label_seq_id 
_pdbx_struct_conn_angle.ptnr1_auth_atom_id 
_pdbx_struct_conn_angle.ptnr1_auth_asym_id 
_pdbx_struct_conn_angle.ptnr1_auth_comp_id 
_pdbx_struct_conn_angle.ptnr1_auth_seq_id 
_pdbx_struct_conn_angle.ptnr1_PDB_ins_code 
_pdbx_struct_conn_angle.ptnr1_symmetry 
_pdbx_struct_conn_angle.ptnr2_label_atom_id 
_pdbx_struct_conn_angle.ptnr2_label_alt_id 
_pdbx_struct_conn_angle.ptnr2_label_asym_id 
_pdbx_struct_conn_angle.ptnr2_label_comp_id 
_pdbx_struct_conn_angle.ptnr2_label_seq_id 
_pdbx_struct_conn_angle.ptnr2_auth_atom_id 
_pdbx_struct_conn_angle.ptnr2_auth_asym_id 
_pdbx_struct_conn_angle.ptnr2_auth_comp_id 
_pdbx_struct_conn_angle.ptnr2_auth_seq_id 
_pdbx_struct_conn_angle.ptnr2_PDB_ins_code 
_pdbx_struct_conn_angle.ptnr2_symmetry 
_pdbx_struct_conn_angle.ptnr3_label_atom_id 
_pdbx_struct_conn_angle.ptnr3_label_alt_id 
_pdbx_struct_conn_angle.ptnr3_label_asym_id 
_pdbx_struct_conn_angle.ptnr3_label_comp_id 
_pdbx_struct_conn_angle.ptnr3_label_seq_id 
_pdbx_struct_conn_angle.ptnr3_auth_atom_id 
_pdbx_struct_conn_angle.ptnr3_auth_asym_id 
_pdbx_struct_conn_angle.ptnr3_auth_comp_id 
_pdbx_struct_conn_angle.ptnr3_auth_seq_id 
_pdbx_struct_conn_angle.ptnr3_PDB_ins_code 
_pdbx_struct_conn_angle.ptnr3_symmetry 
_pdbx_struct_conn_angle.value 
_pdbx_struct_conn_angle.value_esd 
1  OE1 ? A GLU 91  ? A GLU 91  ? 1_555 ZN ? B ZN . ? A ZN 201 ? 1_555 OE2 ? A GLU 91  ? A GLU 91  ? 1_555 56.4  ? 
2  OE1 ? A GLU 91  ? A GLU 91  ? 1_555 ZN ? B ZN . ? A ZN 201 ? 1_555 NE2 ? A HIS 150 ? A HIS 150 ? 1_555 122.5 ? 
3  OE2 ? A GLU 91  ? A GLU 91  ? 1_555 ZN ? B ZN . ? A ZN 201 ? 1_555 NE2 ? A HIS 150 ? A HIS 150 ? 1_555 79.2  ? 
4  OE1 ? A GLU 91  ? A GLU 91  ? 1_555 ZN ? B ZN . ? A ZN 201 ? 1_555 NE2 ? A HIS 152 ? A HIS 152 ? 1_555 115.4 ? 
5  OE2 ? A GLU 91  ? A GLU 91  ? 1_555 ZN ? B ZN . ? A ZN 201 ? 1_555 NE2 ? A HIS 152 ? A HIS 152 ? 1_555 105.9 ? 
6  NE2 ? A HIS 150 ? A HIS 150 ? 1_555 ZN ? B ZN . ? A ZN 201 ? 1_555 NE2 ? A HIS 152 ? A HIS 152 ? 1_555 110.3 ? 
7  OE1 ? A GLU 91  ? A GLU 91  ? 1_555 ZN ? B ZN . ? A ZN 201 ? 1_555 O   ? C HOH .   ? A HOH 398 ? 1_555 90.6  ? 
8  OE2 ? A GLU 91  ? A GLU 91  ? 1_555 ZN ? B ZN . ? A ZN 201 ? 1_555 O   ? C HOH .   ? A HOH 398 ? 1_555 141.0 ? 
9  NE2 ? A HIS 150 ? A HIS 150 ? 1_555 ZN ? B ZN . ? A ZN 201 ? 1_555 O   ? C HOH .   ? A HOH 398 ? 1_555 107.6 ? 
10 NE2 ? A HIS 152 ? A HIS 152 ? 1_555 ZN ? B ZN . ? A ZN 201 ? 1_555 O   ? C HOH .   ? A HOH 398 ? 1_555 107.1 ? 
# 
loop_
_pdbx_audit_revision_history.ordinal 
_pdbx_audit_revision_history.data_content_type 
_pdbx_audit_revision_history.major_revision 
_pdbx_audit_revision_history.minor_revision 
_pdbx_audit_revision_history.revision_date 
1 'Structure model' 1 0 2020-12-16 
2 'Structure model' 1 1 2023-11-29 
# 
_pdbx_audit_revision_details.ordinal             1 
_pdbx_audit_revision_details.revision_ordinal    1 
_pdbx_audit_revision_details.data_content_type   'Structure model' 
_pdbx_audit_revision_details.provider            repository 
_pdbx_audit_revision_details.type                'Initial release' 
_pdbx_audit_revision_details.description         ? 
_pdbx_audit_revision_details.details             ? 
# 
loop_
_pdbx_audit_revision_group.ordinal 
_pdbx_audit_revision_group.revision_ordinal 
_pdbx_audit_revision_group.data_content_type 
_pdbx_audit_revision_group.group 
1 2 'Structure model' 'Data collection'        
2 2 'Structure model' 'Database references'    
3 2 'Structure model' 'Refinement description' 
# 
loop_
_pdbx_audit_revision_category.ordinal 
_pdbx_audit_revision_category.revision_ordinal 
_pdbx_audit_revision_category.data_content_type 
_pdbx_audit_revision_category.category 
1 2 'Structure model' chem_comp_atom                
2 2 'Structure model' chem_comp_bond                
3 2 'Structure model' database_2                    
4 2 'Structure model' pdbx_initial_refinement_model 
# 
loop_
_pdbx_audit_revision_item.ordinal 
_pdbx_audit_revision_item.revision_ordinal 
_pdbx_audit_revision_item.data_content_type 
_pdbx_audit_revision_item.item 
1 2 'Structure model' '_database_2.pdbx_DOI'                
2 2 'Structure model' '_database_2.pdbx_database_accession' 
# 
loop_
_software.citation_id 
_software.classification 
_software.compiler_name 
_software.compiler_version 
_software.contact_author 
_software.contact_author_email 
_software.date 
_software.description 
_software.dependencies 
_software.hardware 
_software.language 
_software.location 
_software.mods 
_software.name 
_software.os 
_software.os_version 
_software.type 
_software.version 
_software.pdbx_ordinal 
? refinement       ? ? ? ? ? ? ? ? ? ? ? PHENIX   ? ? ? '(1.10.1_2155: ???)' 1 
? 'data reduction' ? ? ? ? ? ? ? ? ? ? ? HKL-2000 ? ? ? .                    2 
? 'data scaling'   ? ? ? ? ? ? ? ? ? ? ? HKL-2000 ? ? ? .                    3 
? phasing          ? ? ? ? ? ? ? ? ? ? ? PHASER   ? ? ? .                    4 
# 
_pdbx_entry_details.entry_id                 7CV0 
_pdbx_entry_details.nonpolymer_details       ? 
_pdbx_entry_details.sequence_details         ? 
_pdbx_entry_details.compound_details         ? 
_pdbx_entry_details.source_details           ? 
_pdbx_entry_details.has_ligand_of_interest   Y 
# 
_pdbx_validate_close_contact.id               1 
_pdbx_validate_close_contact.PDB_model_num    1 
_pdbx_validate_close_contact.auth_atom_id_1   O 
_pdbx_validate_close_contact.auth_asym_id_1   A 
_pdbx_validate_close_contact.auth_comp_id_1   LEU 
_pdbx_validate_close_contact.auth_seq_id_1    176 
_pdbx_validate_close_contact.PDB_ins_code_1   ? 
_pdbx_validate_close_contact.label_alt_id_1   ? 
_pdbx_validate_close_contact.auth_atom_id_2   O 
_pdbx_validate_close_contact.auth_asym_id_2   A 
_pdbx_validate_close_contact.auth_comp_id_2   HOH 
_pdbx_validate_close_contact.auth_seq_id_2    301 
_pdbx_validate_close_contact.PDB_ins_code_2   ? 
_pdbx_validate_close_contact.label_alt_id_2   ? 
_pdbx_validate_close_contact.dist             2.16 
# 
loop_
_pdbx_validate_torsion.id 
_pdbx_validate_torsion.PDB_model_num 
_pdbx_validate_torsion.auth_comp_id 
_pdbx_validate_torsion.auth_asym_id 
_pdbx_validate_torsion.auth_seq_id 
_pdbx_validate_torsion.PDB_ins_code 
_pdbx_validate_torsion.label_alt_id 
_pdbx_validate_torsion.phi 
_pdbx_validate_torsion.psi 
1 1 SER A 137 ? ? -140.69 -155.36 
2 1 LEU A 142 ? ? -95.59  52.98   
3 1 SER A 143 ? ? -79.85  -165.65 
# 
loop_
_pdbx_unobs_or_zero_occ_residues.id 
_pdbx_unobs_or_zero_occ_residues.PDB_model_num 
_pdbx_unobs_or_zero_occ_residues.polymer_flag 
_pdbx_unobs_or_zero_occ_residues.occupancy_flag 
_pdbx_unobs_or_zero_occ_residues.auth_asym_id 
_pdbx_unobs_or_zero_occ_residues.auth_comp_id 
_pdbx_unobs_or_zero_occ_residues.auth_seq_id 
_pdbx_unobs_or_zero_occ_residues.PDB_ins_code 
_pdbx_unobs_or_zero_occ_residues.label_asym_id 
_pdbx_unobs_or_zero_occ_residues.label_comp_id 
_pdbx_unobs_or_zero_occ_residues.label_seq_id 
1 1 Y 1 A MET 1 ? A MET 1 
2 1 Y 1 A SER 2 ? A SER 2 
3 1 Y 1 A ASP 3 ? A ASP 3 
4 1 Y 1 A GLU 4 ? A GLU 4 
5 1 Y 1 A LYS 5 ? A LYS 5 
6 1 Y 1 A LYS 6 ? A LYS 6 
# 
loop_
_chem_comp_atom.comp_id 
_chem_comp_atom.atom_id 
_chem_comp_atom.type_symbol 
_chem_comp_atom.pdbx_aromatic_flag 
_chem_comp_atom.pdbx_stereo_config 
_chem_comp_atom.pdbx_ordinal 
ALA N    N  N N 1   
ALA CA   C  N S 2   
ALA C    C  N N 3   
ALA O    O  N N 4   
ALA CB   C  N N 5   
ALA OXT  O  N N 6   
ALA H    H  N N 7   
ALA H2   H  N N 8   
ALA HA   H  N N 9   
ALA HB1  H  N N 10  
ALA HB2  H  N N 11  
ALA HB3  H  N N 12  
ALA HXT  H  N N 13  
ARG N    N  N N 14  
ARG CA   C  N S 15  
ARG C    C  N N 16  
ARG O    O  N N 17  
ARG CB   C  N N 18  
ARG CG   C  N N 19  
ARG CD   C  N N 20  
ARG NE   N  N N 21  
ARG CZ   C  N N 22  
ARG NH1  N  N N 23  
ARG NH2  N  N N 24  
ARG OXT  O  N N 25  
ARG H    H  N N 26  
ARG H2   H  N N 27  
ARG HA   H  N N 28  
ARG HB2  H  N N 29  
ARG HB3  H  N N 30  
ARG HG2  H  N N 31  
ARG HG3  H  N N 32  
ARG HD2  H  N N 33  
ARG HD3  H  N N 34  
ARG HE   H  N N 35  
ARG HH11 H  N N 36  
ARG HH12 H  N N 37  
ARG HH21 H  N N 38  
ARG HH22 H  N N 39  
ARG HXT  H  N N 40  
ASN N    N  N N 41  
ASN CA   C  N S 42  
ASN C    C  N N 43  
ASN O    O  N N 44  
ASN CB   C  N N 45  
ASN CG   C  N N 46  
ASN OD1  O  N N 47  
ASN ND2  N  N N 48  
ASN OXT  O  N N 49  
ASN H    H  N N 50  
ASN H2   H  N N 51  
ASN HA   H  N N 52  
ASN HB2  H  N N 53  
ASN HB3  H  N N 54  
ASN HD21 H  N N 55  
ASN HD22 H  N N 56  
ASN HXT  H  N N 57  
ASP N    N  N N 58  
ASP CA   C  N S 59  
ASP C    C  N N 60  
ASP O    O  N N 61  
ASP CB   C  N N 62  
ASP CG   C  N N 63  
ASP OD1  O  N N 64  
ASP OD2  O  N N 65  
ASP OXT  O  N N 66  
ASP H    H  N N 67  
ASP H2   H  N N 68  
ASP HA   H  N N 69  
ASP HB2  H  N N 70  
ASP HB3  H  N N 71  
ASP HD2  H  N N 72  
ASP HXT  H  N N 73  
CYS N    N  N N 74  
CYS CA   C  N R 75  
CYS C    C  N N 76  
CYS O    O  N N 77  
CYS CB   C  N N 78  
CYS SG   S  N N 79  
CYS OXT  O  N N 80  
CYS H    H  N N 81  
CYS H2   H  N N 82  
CYS HA   H  N N 83  
CYS HB2  H  N N 84  
CYS HB3  H  N N 85  
CYS HG   H  N N 86  
CYS HXT  H  N N 87  
GLN N    N  N N 88  
GLN CA   C  N S 89  
GLN C    C  N N 90  
GLN O    O  N N 91  
GLN CB   C  N N 92  
GLN CG   C  N N 93  
GLN CD   C  N N 94  
GLN OE1  O  N N 95  
GLN NE2  N  N N 96  
GLN OXT  O  N N 97  
GLN H    H  N N 98  
GLN H2   H  N N 99  
GLN HA   H  N N 100 
GLN HB2  H  N N 101 
GLN HB3  H  N N 102 
GLN HG2  H  N N 103 
GLN HG3  H  N N 104 
GLN HE21 H  N N 105 
GLN HE22 H  N N 106 
GLN HXT  H  N N 107 
GLU N    N  N N 108 
GLU CA   C  N S 109 
GLU C    C  N N 110 
GLU O    O  N N 111 
GLU CB   C  N N 112 
GLU CG   C  N N 113 
GLU CD   C  N N 114 
GLU OE1  O  N N 115 
GLU OE2  O  N N 116 
GLU OXT  O  N N 117 
GLU H    H  N N 118 
GLU H2   H  N N 119 
GLU HA   H  N N 120 
GLU HB2  H  N N 121 
GLU HB3  H  N N 122 
GLU HG2  H  N N 123 
GLU HG3  H  N N 124 
GLU HE2  H  N N 125 
GLU HXT  H  N N 126 
GLY N    N  N N 127 
GLY CA   C  N N 128 
GLY C    C  N N 129 
GLY O    O  N N 130 
GLY OXT  O  N N 131 
GLY H    H  N N 132 
GLY H2   H  N N 133 
GLY HA2  H  N N 134 
GLY HA3  H  N N 135 
GLY HXT  H  N N 136 
HIS N    N  N N 137 
HIS CA   C  N S 138 
HIS C    C  N N 139 
HIS O    O  N N 140 
HIS CB   C  N N 141 
HIS CG   C  Y N 142 
HIS ND1  N  Y N 143 
HIS CD2  C  Y N 144 
HIS CE1  C  Y N 145 
HIS NE2  N  Y N 146 
HIS OXT  O  N N 147 
HIS H    H  N N 148 
HIS H2   H  N N 149 
HIS HA   H  N N 150 
HIS HB2  H  N N 151 
HIS HB3  H  N N 152 
HIS HD1  H  N N 153 
HIS HD2  H  N N 154 
HIS HE1  H  N N 155 
HIS HE2  H  N N 156 
HIS HXT  H  N N 157 
HOH O    O  N N 158 
HOH H1   H  N N 159 
HOH H2   H  N N 160 
ILE N    N  N N 161 
ILE CA   C  N S 162 
ILE C    C  N N 163 
ILE O    O  N N 164 
ILE CB   C  N S 165 
ILE CG1  C  N N 166 
ILE CG2  C  N N 167 
ILE CD1  C  N N 168 
ILE OXT  O  N N 169 
ILE H    H  N N 170 
ILE H2   H  N N 171 
ILE HA   H  N N 172 
ILE HB   H  N N 173 
ILE HG12 H  N N 174 
ILE HG13 H  N N 175 
ILE HG21 H  N N 176 
ILE HG22 H  N N 177 
ILE HG23 H  N N 178 
ILE HD11 H  N N 179 
ILE HD12 H  N N 180 
ILE HD13 H  N N 181 
ILE HXT  H  N N 182 
LEU N    N  N N 183 
LEU CA   C  N S 184 
LEU C    C  N N 185 
LEU O    O  N N 186 
LEU CB   C  N N 187 
LEU CG   C  N N 188 
LEU CD1  C  N N 189 
LEU CD2  C  N N 190 
LEU OXT  O  N N 191 
LEU H    H  N N 192 
LEU H2   H  N N 193 
LEU HA   H  N N 194 
LEU HB2  H  N N 195 
LEU HB3  H  N N 196 
LEU HG   H  N N 197 
LEU HD11 H  N N 198 
LEU HD12 H  N N 199 
LEU HD13 H  N N 200 
LEU HD21 H  N N 201 
LEU HD22 H  N N 202 
LEU HD23 H  N N 203 
LEU HXT  H  N N 204 
LYS N    N  N N 205 
LYS CA   C  N S 206 
LYS C    C  N N 207 
LYS O    O  N N 208 
LYS CB   C  N N 209 
LYS CG   C  N N 210 
LYS CD   C  N N 211 
LYS CE   C  N N 212 
LYS NZ   N  N N 213 
LYS OXT  O  N N 214 
LYS H    H  N N 215 
LYS H2   H  N N 216 
LYS HA   H  N N 217 
LYS HB2  H  N N 218 
LYS HB3  H  N N 219 
LYS HG2  H  N N 220 
LYS HG3  H  N N 221 
LYS HD2  H  N N 222 
LYS HD3  H  N N 223 
LYS HE2  H  N N 224 
LYS HE3  H  N N 225 
LYS HZ1  H  N N 226 
LYS HZ2  H  N N 227 
LYS HZ3  H  N N 228 
LYS HXT  H  N N 229 
MET N    N  N N 230 
MET CA   C  N S 231 
MET C    C  N N 232 
MET O    O  N N 233 
MET CB   C  N N 234 
MET CG   C  N N 235 
MET SD   S  N N 236 
MET CE   C  N N 237 
MET OXT  O  N N 238 
MET H    H  N N 239 
MET H2   H  N N 240 
MET HA   H  N N 241 
MET HB2  H  N N 242 
MET HB3  H  N N 243 
MET HG2  H  N N 244 
MET HG3  H  N N 245 
MET HE1  H  N N 246 
MET HE2  H  N N 247 
MET HE3  H  N N 248 
MET HXT  H  N N 249 
PHE N    N  N N 250 
PHE CA   C  N S 251 
PHE C    C  N N 252 
PHE O    O  N N 253 
PHE CB   C  N N 254 
PHE CG   C  Y N 255 
PHE CD1  C  Y N 256 
PHE CD2  C  Y N 257 
PHE CE1  C  Y N 258 
PHE CE2  C  Y N 259 
PHE CZ   C  Y N 260 
PHE OXT  O  N N 261 
PHE H    H  N N 262 
PHE H2   H  N N 263 
PHE HA   H  N N 264 
PHE HB2  H  N N 265 
PHE HB3  H  N N 266 
PHE HD1  H  N N 267 
PHE HD2  H  N N 268 
PHE HE1  H  N N 269 
PHE HE2  H  N N 270 
PHE HZ   H  N N 271 
PHE HXT  H  N N 272 
PRO N    N  N N 273 
PRO CA   C  N S 274 
PRO C    C  N N 275 
PRO O    O  N N 276 
PRO CB   C  N N 277 
PRO CG   C  N N 278 
PRO CD   C  N N 279 
PRO OXT  O  N N 280 
PRO H    H  N N 281 
PRO HA   H  N N 282 
PRO HB2  H  N N 283 
PRO HB3  H  N N 284 
PRO HG2  H  N N 285 
PRO HG3  H  N N 286 
PRO HD2  H  N N 287 
PRO HD3  H  N N 288 
PRO HXT  H  N N 289 
SER N    N  N N 290 
SER CA   C  N S 291 
SER C    C  N N 292 
SER O    O  N N 293 
SER CB   C  N N 294 
SER OG   O  N N 295 
SER OXT  O  N N 296 
SER H    H  N N 297 
SER H2   H  N N 298 
SER HA   H  N N 299 
SER HB2  H  N N 300 
SER HB3  H  N N 301 
SER HG   H  N N 302 
SER HXT  H  N N 303 
THR N    N  N N 304 
THR CA   C  N S 305 
THR C    C  N N 306 
THR O    O  N N 307 
THR CB   C  N R 308 
THR OG1  O  N N 309 
THR CG2  C  N N 310 
THR OXT  O  N N 311 
THR H    H  N N 312 
THR H2   H  N N 313 
THR HA   H  N N 314 
THR HB   H  N N 315 
THR HG1  H  N N 316 
THR HG21 H  N N 317 
THR HG22 H  N N 318 
THR HG23 H  N N 319 
THR HXT  H  N N 320 
TRP N    N  N N 321 
TRP CA   C  N S 322 
TRP C    C  N N 323 
TRP O    O  N N 324 
TRP CB   C  N N 325 
TRP CG   C  Y N 326 
TRP CD1  C  Y N 327 
TRP CD2  C  Y N 328 
TRP NE1  N  Y N 329 
TRP CE2  C  Y N 330 
TRP CE3  C  Y N 331 
TRP CZ2  C  Y N 332 
TRP CZ3  C  Y N 333 
TRP CH2  C  Y N 334 
TRP OXT  O  N N 335 
TRP H    H  N N 336 
TRP H2   H  N N 337 
TRP HA   H  N N 338 
TRP HB2  H  N N 339 
TRP HB3  H  N N 340 
TRP HD1  H  N N 341 
TRP HE1  H  N N 342 
TRP HE3  H  N N 343 
TRP HZ2  H  N N 344 
TRP HZ3  H  N N 345 
TRP HH2  H  N N 346 
TRP HXT  H  N N 347 
TYR N    N  N N 348 
TYR CA   C  N S 349 
TYR C    C  N N 350 
TYR O    O  N N 351 
TYR CB   C  N N 352 
TYR CG   C  Y N 353 
TYR CD1  C  Y N 354 
TYR CD2  C  Y N 355 
TYR CE1  C  Y N 356 
TYR CE2  C  Y N 357 
TYR CZ   C  Y N 358 
TYR OH   O  N N 359 
TYR OXT  O  N N 360 
TYR H    H  N N 361 
TYR H2   H  N N 362 
TYR HA   H  N N 363 
TYR HB2  H  N N 364 
TYR HB3  H  N N 365 
TYR HD1  H  N N 366 
TYR HD2  H  N N 367 
TYR HE1  H  N N 368 
TYR HE2  H  N N 369 
TYR HH   H  N N 370 
TYR HXT  H  N N 371 
VAL N    N  N N 372 
VAL CA   C  N S 373 
VAL C    C  N N 374 
VAL O    O  N N 375 
VAL CB   C  N N 376 
VAL CG1  C  N N 377 
VAL CG2  C  N N 378 
VAL OXT  O  N N 379 
VAL H    H  N N 380 
VAL H2   H  N N 381 
VAL HA   H  N N 382 
VAL HB   H  N N 383 
VAL HG11 H  N N 384 
VAL HG12 H  N N 385 
VAL HG13 H  N N 386 
VAL HG21 H  N N 387 
VAL HG22 H  N N 388 
VAL HG23 H  N N 389 
VAL HXT  H  N N 390 
ZN  ZN   ZN N N 391 
# 
loop_
_chem_comp_bond.comp_id 
_chem_comp_bond.atom_id_1 
_chem_comp_bond.atom_id_2 
_chem_comp_bond.value_order 
_chem_comp_bond.pdbx_aromatic_flag 
_chem_comp_bond.pdbx_stereo_config 
_chem_comp_bond.pdbx_ordinal 
ALA N   CA   sing N N 1   
ALA N   H    sing N N 2   
ALA N   H2   sing N N 3   
ALA CA  C    sing N N 4   
ALA CA  CB   sing N N 5   
ALA CA  HA   sing N N 6   
ALA C   O    doub N N 7   
ALA C   OXT  sing N N 8   
ALA CB  HB1  sing N N 9   
ALA CB  HB2  sing N N 10  
ALA CB  HB3  sing N N 11  
ALA OXT HXT  sing N N 12  
ARG N   CA   sing N N 13  
ARG N   H    sing N N 14  
ARG N   H2   sing N N 15  
ARG CA  C    sing N N 16  
ARG CA  CB   sing N N 17  
ARG CA  HA   sing N N 18  
ARG C   O    doub N N 19  
ARG C   OXT  sing N N 20  
ARG CB  CG   sing N N 21  
ARG CB  HB2  sing N N 22  
ARG CB  HB3  sing N N 23  
ARG CG  CD   sing N N 24  
ARG CG  HG2  sing N N 25  
ARG CG  HG3  sing N N 26  
ARG CD  NE   sing N N 27  
ARG CD  HD2  sing N N 28  
ARG CD  HD3  sing N N 29  
ARG NE  CZ   sing N N 30  
ARG NE  HE   sing N N 31  
ARG CZ  NH1  sing N N 32  
ARG CZ  NH2  doub N N 33  
ARG NH1 HH11 sing N N 34  
ARG NH1 HH12 sing N N 35  
ARG NH2 HH21 sing N N 36  
ARG NH2 HH22 sing N N 37  
ARG OXT HXT  sing N N 38  
ASN N   CA   sing N N 39  
ASN N   H    sing N N 40  
ASN N   H2   sing N N 41  
ASN CA  C    sing N N 42  
ASN CA  CB   sing N N 43  
ASN CA  HA   sing N N 44  
ASN C   O    doub N N 45  
ASN C   OXT  sing N N 46  
ASN CB  CG   sing N N 47  
ASN CB  HB2  sing N N 48  
ASN CB  HB3  sing N N 49  
ASN CG  OD1  doub N N 50  
ASN CG  ND2  sing N N 51  
ASN ND2 HD21 sing N N 52  
ASN ND2 HD22 sing N N 53  
ASN OXT HXT  sing N N 54  
ASP N   CA   sing N N 55  
ASP N   H    sing N N 56  
ASP N   H2   sing N N 57  
ASP CA  C    sing N N 58  
ASP CA  CB   sing N N 59  
ASP CA  HA   sing N N 60  
ASP C   O    doub N N 61  
ASP C   OXT  sing N N 62  
ASP CB  CG   sing N N 63  
ASP CB  HB2  sing N N 64  
ASP CB  HB3  sing N N 65  
ASP CG  OD1  doub N N 66  
ASP CG  OD2  sing N N 67  
ASP OD2 HD2  sing N N 68  
ASP OXT HXT  sing N N 69  
CYS N   CA   sing N N 70  
CYS N   H    sing N N 71  
CYS N   H2   sing N N 72  
CYS CA  C    sing N N 73  
CYS CA  CB   sing N N 74  
CYS CA  HA   sing N N 75  
CYS C   O    doub N N 76  
CYS C   OXT  sing N N 77  
CYS CB  SG   sing N N 78  
CYS CB  HB2  sing N N 79  
CYS CB  HB3  sing N N 80  
CYS SG  HG   sing N N 81  
CYS OXT HXT  sing N N 82  
GLN N   CA   sing N N 83  
GLN N   H    sing N N 84  
GLN N   H2   sing N N 85  
GLN CA  C    sing N N 86  
GLN CA  CB   sing N N 87  
GLN CA  HA   sing N N 88  
GLN C   O    doub N N 89  
GLN C   OXT  sing N N 90  
GLN CB  CG   sing N N 91  
GLN CB  HB2  sing N N 92  
GLN CB  HB3  sing N N 93  
GLN CG  CD   sing N N 94  
GLN CG  HG2  sing N N 95  
GLN CG  HG3  sing N N 96  
GLN CD  OE1  doub N N 97  
GLN CD  NE2  sing N N 98  
GLN NE2 HE21 sing N N 99  
GLN NE2 HE22 sing N N 100 
GLN OXT HXT  sing N N 101 
GLU N   CA   sing N N 102 
GLU N   H    sing N N 103 
GLU N   H2   sing N N 104 
GLU CA  C    sing N N 105 
GLU CA  CB   sing N N 106 
GLU CA  HA   sing N N 107 
GLU C   O    doub N N 108 
GLU C   OXT  sing N N 109 
GLU CB  CG   sing N N 110 
GLU CB  HB2  sing N N 111 
GLU CB  HB3  sing N N 112 
GLU CG  CD   sing N N 113 
GLU CG  HG2  sing N N 114 
GLU CG  HG3  sing N N 115 
GLU CD  OE1  doub N N 116 
GLU CD  OE2  sing N N 117 
GLU OE2 HE2  sing N N 118 
GLU OXT HXT  sing N N 119 
GLY N   CA   sing N N 120 
GLY N   H    sing N N 121 
GLY N   H2   sing N N 122 
GLY CA  C    sing N N 123 
GLY CA  HA2  sing N N 124 
GLY CA  HA3  sing N N 125 
GLY C   O    doub N N 126 
GLY C   OXT  sing N N 127 
GLY OXT HXT  sing N N 128 
HIS N   CA   sing N N 129 
HIS N   H    sing N N 130 
HIS N   H2   sing N N 131 
HIS CA  C    sing N N 132 
HIS CA  CB   sing N N 133 
HIS CA  HA   sing N N 134 
HIS C   O    doub N N 135 
HIS C   OXT  sing N N 136 
HIS CB  CG   sing N N 137 
HIS CB  HB2  sing N N 138 
HIS CB  HB3  sing N N 139 
HIS CG  ND1  sing Y N 140 
HIS CG  CD2  doub Y N 141 
HIS ND1 CE1  doub Y N 142 
HIS ND1 HD1  sing N N 143 
HIS CD2 NE2  sing Y N 144 
HIS CD2 HD2  sing N N 145 
HIS CE1 NE2  sing Y N 146 
HIS CE1 HE1  sing N N 147 
HIS NE2 HE2  sing N N 148 
HIS OXT HXT  sing N N 149 
HOH O   H1   sing N N 150 
HOH O   H2   sing N N 151 
ILE N   CA   sing N N 152 
ILE N   H    sing N N 153 
ILE N   H2   sing N N 154 
ILE CA  C    sing N N 155 
ILE CA  CB   sing N N 156 
ILE CA  HA   sing N N 157 
ILE C   O    doub N N 158 
ILE C   OXT  sing N N 159 
ILE CB  CG1  sing N N 160 
ILE CB  CG2  sing N N 161 
ILE CB  HB   sing N N 162 
ILE CG1 CD1  sing N N 163 
ILE CG1 HG12 sing N N 164 
ILE CG1 HG13 sing N N 165 
ILE CG2 HG21 sing N N 166 
ILE CG2 HG22 sing N N 167 
ILE CG2 HG23 sing N N 168 
ILE CD1 HD11 sing N N 169 
ILE CD1 HD12 sing N N 170 
ILE CD1 HD13 sing N N 171 
ILE OXT HXT  sing N N 172 
LEU N   CA   sing N N 173 
LEU N   H    sing N N 174 
LEU N   H2   sing N N 175 
LEU CA  C    sing N N 176 
LEU CA  CB   sing N N 177 
LEU CA  HA   sing N N 178 
LEU C   O    doub N N 179 
LEU C   OXT  sing N N 180 
LEU CB  CG   sing N N 181 
LEU CB  HB2  sing N N 182 
LEU CB  HB3  sing N N 183 
LEU CG  CD1  sing N N 184 
LEU CG  CD2  sing N N 185 
LEU CG  HG   sing N N 186 
LEU CD1 HD11 sing N N 187 
LEU CD1 HD12 sing N N 188 
LEU CD1 HD13 sing N N 189 
LEU CD2 HD21 sing N N 190 
LEU CD2 HD22 sing N N 191 
LEU CD2 HD23 sing N N 192 
LEU OXT HXT  sing N N 193 
LYS N   CA   sing N N 194 
LYS N   H    sing N N 195 
LYS N   H2   sing N N 196 
LYS CA  C    sing N N 197 
LYS CA  CB   sing N N 198 
LYS CA  HA   sing N N 199 
LYS C   O    doub N N 200 
LYS C   OXT  sing N N 201 
LYS CB  CG   sing N N 202 
LYS CB  HB2  sing N N 203 
LYS CB  HB3  sing N N 204 
LYS CG  CD   sing N N 205 
LYS CG  HG2  sing N N 206 
LYS CG  HG3  sing N N 207 
LYS CD  CE   sing N N 208 
LYS CD  HD2  sing N N 209 
LYS CD  HD3  sing N N 210 
LYS CE  NZ   sing N N 211 
LYS CE  HE2  sing N N 212 
LYS CE  HE3  sing N N 213 
LYS NZ  HZ1  sing N N 214 
LYS NZ  HZ2  sing N N 215 
LYS NZ  HZ3  sing N N 216 
LYS OXT HXT  sing N N 217 
MET N   CA   sing N N 218 
MET N   H    sing N N 219 
MET N   H2   sing N N 220 
MET CA  C    sing N N 221 
MET CA  CB   sing N N 222 
MET CA  HA   sing N N 223 
MET C   O    doub N N 224 
MET C   OXT  sing N N 225 
MET CB  CG   sing N N 226 
MET CB  HB2  sing N N 227 
MET CB  HB3  sing N N 228 
MET CG  SD   sing N N 229 
MET CG  HG2  sing N N 230 
MET CG  HG3  sing N N 231 
MET SD  CE   sing N N 232 
MET CE  HE1  sing N N 233 
MET CE  HE2  sing N N 234 
MET CE  HE3  sing N N 235 
MET OXT HXT  sing N N 236 
PHE N   CA   sing N N 237 
PHE N   H    sing N N 238 
PHE N   H2   sing N N 239 
PHE CA  C    sing N N 240 
PHE CA  CB   sing N N 241 
PHE CA  HA   sing N N 242 
PHE C   O    doub N N 243 
PHE C   OXT  sing N N 244 
PHE CB  CG   sing N N 245 
PHE CB  HB2  sing N N 246 
PHE CB  HB3  sing N N 247 
PHE CG  CD1  doub Y N 248 
PHE CG  CD2  sing Y N 249 
PHE CD1 CE1  sing Y N 250 
PHE CD1 HD1  sing N N 251 
PHE CD2 CE2  doub Y N 252 
PHE CD2 HD2  sing N N 253 
PHE CE1 CZ   doub Y N 254 
PHE CE1 HE1  sing N N 255 
PHE CE2 CZ   sing Y N 256 
PHE CE2 HE2  sing N N 257 
PHE CZ  HZ   sing N N 258 
PHE OXT HXT  sing N N 259 
PRO N   CA   sing N N 260 
PRO N   CD   sing N N 261 
PRO N   H    sing N N 262 
PRO CA  C    sing N N 263 
PRO CA  CB   sing N N 264 
PRO CA  HA   sing N N 265 
PRO C   O    doub N N 266 
PRO C   OXT  sing N N 267 
PRO CB  CG   sing N N 268 
PRO CB  HB2  sing N N 269 
PRO CB  HB3  sing N N 270 
PRO CG  CD   sing N N 271 
PRO CG  HG2  sing N N 272 
PRO CG  HG3  sing N N 273 
PRO CD  HD2  sing N N 274 
PRO CD  HD3  sing N N 275 
PRO OXT HXT  sing N N 276 
SER N   CA   sing N N 277 
SER N   H    sing N N 278 
SER N   H2   sing N N 279 
SER CA  C    sing N N 280 
SER CA  CB   sing N N 281 
SER CA  HA   sing N N 282 
SER C   O    doub N N 283 
SER C   OXT  sing N N 284 
SER CB  OG   sing N N 285 
SER CB  HB2  sing N N 286 
SER CB  HB3  sing N N 287 
SER OG  HG   sing N N 288 
SER OXT HXT  sing N N 289 
THR N   CA   sing N N 290 
THR N   H    sing N N 291 
THR N   H2   sing N N 292 
THR CA  C    sing N N 293 
THR CA  CB   sing N N 294 
THR CA  HA   sing N N 295 
THR C   O    doub N N 296 
THR C   OXT  sing N N 297 
THR CB  OG1  sing N N 298 
THR CB  CG2  sing N N 299 
THR CB  HB   sing N N 300 
THR OG1 HG1  sing N N 301 
THR CG2 HG21 sing N N 302 
THR CG2 HG22 sing N N 303 
THR CG2 HG23 sing N N 304 
THR OXT HXT  sing N N 305 
TRP N   CA   sing N N 306 
TRP N   H    sing N N 307 
TRP N   H2   sing N N 308 
TRP CA  C    sing N N 309 
TRP CA  CB   sing N N 310 
TRP CA  HA   sing N N 311 
TRP C   O    doub N N 312 
TRP C   OXT  sing N N 313 
TRP CB  CG   sing N N 314 
TRP CB  HB2  sing N N 315 
TRP CB  HB3  sing N N 316 
TRP CG  CD1  doub Y N 317 
TRP CG  CD2  sing Y N 318 
TRP CD1 NE1  sing Y N 319 
TRP CD1 HD1  sing N N 320 
TRP CD2 CE2  doub Y N 321 
TRP CD2 CE3  sing Y N 322 
TRP NE1 CE2  sing Y N 323 
TRP NE1 HE1  sing N N 324 
TRP CE2 CZ2  sing Y N 325 
TRP CE3 CZ3  doub Y N 326 
TRP CE3 HE3  sing N N 327 
TRP CZ2 CH2  doub Y N 328 
TRP CZ2 HZ2  sing N N 329 
TRP CZ3 CH2  sing Y N 330 
TRP CZ3 HZ3  sing N N 331 
TRP CH2 HH2  sing N N 332 
TRP OXT HXT  sing N N 333 
TYR N   CA   sing N N 334 
TYR N   H    sing N N 335 
TYR N   H2   sing N N 336 
TYR CA  C    sing N N 337 
TYR CA  CB   sing N N 338 
TYR CA  HA   sing N N 339 
TYR C   O    doub N N 340 
TYR C   OXT  sing N N 341 
TYR CB  CG   sing N N 342 
TYR CB  HB2  sing N N 343 
TYR CB  HB3  sing N N 344 
TYR CG  CD1  doub Y N 345 
TYR CG  CD2  sing Y N 346 
TYR CD1 CE1  sing Y N 347 
TYR CD1 HD1  sing N N 348 
TYR CD2 CE2  doub Y N 349 
TYR CD2 HD2  sing N N 350 
TYR CE1 CZ   doub Y N 351 
TYR CE1 HE1  sing N N 352 
TYR CE2 CZ   sing Y N 353 
TYR CE2 HE2  sing N N 354 
TYR CZ  OH   sing N N 355 
TYR OH  HH   sing N N 356 
TYR OXT HXT  sing N N 357 
VAL N   CA   sing N N 358 
VAL N   H    sing N N 359 
VAL N   H2   sing N N 360 
VAL CA  C    sing N N 361 
VAL CA  CB   sing N N 362 
VAL CA  HA   sing N N 363 
VAL C   O    doub N N 364 
VAL C   OXT  sing N N 365 
VAL CB  CG1  sing N N 366 
VAL CB  CG2  sing N N 367 
VAL CB  HB   sing N N 368 
VAL CG1 HG11 sing N N 369 
VAL CG1 HG12 sing N N 370 
VAL CG1 HG13 sing N N 371 
VAL CG2 HG21 sing N N 372 
VAL CG2 HG22 sing N N 373 
VAL CG2 HG23 sing N N 374 
VAL OXT HXT  sing N N 375 
# 
_pdbx_entity_instance_feature.ordinal        1 
_pdbx_entity_instance_feature.comp_id        ZN 
_pdbx_entity_instance_feature.asym_id        ? 
_pdbx_entity_instance_feature.seq_num        ? 
_pdbx_entity_instance_feature.auth_comp_id   ZN 
_pdbx_entity_instance_feature.auth_asym_id   ? 
_pdbx_entity_instance_feature.auth_seq_num   ? 
_pdbx_entity_instance_feature.feature_type   'SUBJECT OF INVESTIGATION' 
_pdbx_entity_instance_feature.details        ? 
# 
loop_
_pdbx_entity_nonpoly.entity_id 
_pdbx_entity_nonpoly.name 
_pdbx_entity_nonpoly.comp_id 
2 'ZINC ION' ZN  
3 water      HOH 
# 
_pdbx_initial_refinement_model.id               1 
_pdbx_initial_refinement_model.entity_id_list   ? 
_pdbx_initial_refinement_model.type             'experimental model' 
_pdbx_initial_refinement_model.source_name      PDB 
_pdbx_initial_refinement_model.accession_code   1J5Y 
_pdbx_initial_refinement_model.details          ? 
# 
_pdbx_struct_assembly_auth_evidence.id                     1 
_pdbx_struct_assembly_auth_evidence.assembly_id            1 
_pdbx_struct_assembly_auth_evidence.experimental_support   'gel filtration' 
_pdbx_struct_assembly_auth_evidence.details                ? 
# 
